data_5D09
#
_entry.id   5D09
#
_cell.length_a   78.675
_cell.length_b   135.727
_cell.length_c   149.356
_cell.angle_alpha   90.00
_cell.angle_beta   90.00
_cell.angle_gamma   90.00
#
_symmetry.space_group_name_H-M   'P 21 21 21'
#
loop_
_entity.id
_entity.type
_entity.pdbx_description
1 polymer 'Phospho-2-dehydro-3-deoxyheptonate aldolase'
2 non-polymer 'MANGANESE (II) ION'
3 non-polymer PHOSPHOENOLPYRUVATE
4 non-polymer 'trimethylamine oxide'
5 non-polymer DI(HYDROXYETHYL)ETHER
6 non-polymer 1,2-ETHANEDIOL
7 water water
#
_entity_poly.entity_id   1
_entity_poly.type   'polypeptide(L)'
_entity_poly.pdbx_seq_one_letter_code
;MTHHYPTDDIKIKEVKELLPPIAHLYELPISKEASGLVHRTRQEISDLVHGRDKRLLVIIGPCSIHDPKAALEYAERLLK
LRKQYENELLIVMRVYFEKPRTTVGWKGLINDPHLDGTFDINFGLRQARSLLLSLNNMGMPASTEFLDMITPQYYADLIS
WGAIGARTTESQVHRELASGLSCPVGFKNGTDGNLKIAIDAIGAASHSHHALSVTKAGHSAIVHTGGNPDCHVILRGGKE
PNYDAEHVSEAAEQLRAAGVTDKLMIDCSHANSRKDYTRQMEVAQDIAAQLEQDGGNIMGVMVESHLVEGRQDKPEVYGK
SITDACIGWGATEELLALLAGANKKRMARAS
;
_entity_poly.pdbx_strand_id   A,B,C,D
#
loop_
_chem_comp.id
_chem_comp.type
_chem_comp.name
_chem_comp.formula
EDO non-polymer 1,2-ETHANEDIOL 'C2 H6 O2'
MN non-polymer 'MANGANESE (II) ION' 'Mn 2'
PEG non-polymer DI(HYDROXYETHYL)ETHER 'C4 H10 O3'
PEP non-polymer PHOSPHOENOLPYRUVATE 'C3 H5 O6 P'
TMO non-polymer 'trimethylamine oxide' 'C3 H9 N O'
#
# COMPACT_ATOMS: atom_id res chain seq x y z
N LYS A 16 10.93 -9.63 -7.57
CA LYS A 16 10.30 -8.48 -8.30
C LYS A 16 9.10 -7.97 -7.51
N GLU A 17 8.91 -6.66 -7.48
CA GLU A 17 7.73 -6.07 -6.86
C GLU A 17 6.58 -6.23 -7.84
N LEU A 18 5.44 -6.76 -7.41
CA LEU A 18 4.22 -6.81 -8.23
C LEU A 18 3.66 -5.43 -8.54
N LEU A 19 3.52 -5.08 -9.80
CA LEU A 19 2.93 -3.78 -10.10
C LEU A 19 1.42 -3.79 -9.86
N PRO A 20 0.89 -2.69 -9.36
CA PRO A 20 -0.56 -2.63 -9.16
C PRO A 20 -1.33 -2.50 -10.50
N PRO A 21 -2.61 -2.85 -10.51
CA PRO A 21 -3.39 -2.59 -11.73
C PRO A 21 -3.19 -1.23 -12.36
N ILE A 22 -3.17 -0.18 -11.54
CA ILE A 22 -3.10 1.17 -12.09
C ILE A 22 -1.90 1.36 -13.00
N ALA A 23 -0.79 0.72 -12.70
CA ALA A 23 0.37 0.79 -13.59
C ALA A 23 -0.01 0.42 -15.04
N HIS A 24 -0.56 -0.79 -15.21
CA HIS A 24 -1.03 -1.32 -16.47
C HIS A 24 -2.17 -0.55 -17.12
N LEU A 25 -3.17 -0.17 -16.32
CA LEU A 25 -4.25 0.70 -16.81
C LEU A 25 -3.77 2.07 -17.36
N TYR A 26 -2.69 2.62 -16.78
CA TYR A 26 -2.09 3.90 -17.24
C TYR A 26 -1.41 3.75 -18.59
N GLU A 27 -0.71 2.64 -18.82
CA GLU A 27 -0.05 2.37 -20.11
C GLU A 27 -1.02 1.91 -21.19
N LEU A 28 -2.09 1.26 -20.78
CA LEU A 28 -3.01 0.60 -21.69
C LEU A 28 -4.43 0.93 -21.27
N PRO A 29 -4.80 2.21 -21.32
CA PRO A 29 -6.17 2.57 -20.99
C PRO A 29 -7.13 1.97 -21.95
N ILE A 30 -8.32 1.68 -21.46
CA ILE A 30 -9.36 1.20 -22.37
C ILE A 30 -9.73 2.26 -23.40
N SER A 31 -9.89 1.88 -24.67
CA SER A 31 -10.29 2.86 -25.68
C SER A 31 -11.80 2.95 -25.68
N LYS A 32 -12.30 4.03 -26.30
CA LYS A 32 -13.71 4.35 -26.37
C LYS A 32 -14.40 3.20 -27.04
N GLU A 33 -13.86 2.80 -28.19
CA GLU A 33 -14.37 1.70 -29.00
C GLU A 33 -14.36 0.38 -28.23
N ALA A 34 -13.30 0.13 -27.46
CA ALA A 34 -13.21 -1.13 -26.74
C ALA A 34 -14.22 -1.17 -25.62
N SER A 35 -14.38 -0.07 -24.90
CA SER A 35 -15.37 -0.03 -23.84
C SER A 35 -16.80 -0.04 -24.39
N GLY A 36 -16.97 0.46 -25.61
CA GLY A 36 -18.28 0.41 -26.29
C GLY A 36 -18.64 -1.05 -26.60
N LEU A 37 -17.68 -1.79 -27.14
CA LEU A 37 -17.93 -3.16 -27.48
C LEU A 37 -18.15 -4.03 -26.24
N VAL A 38 -17.37 -3.83 -25.18
CA VAL A 38 -17.55 -4.61 -23.96
C VAL A 38 -18.95 -4.32 -23.40
N HIS A 39 -19.27 -3.04 -23.30
CA HIS A 39 -20.58 -2.67 -22.80
C HIS A 39 -21.70 -3.37 -23.56
N ARG A 40 -21.74 -3.27 -24.88
N ARG A 40 -21.66 -3.21 -24.88
CA ARG A 40 -22.87 -3.84 -25.63
CA ARG A 40 -22.60 -3.78 -25.83
C ARG A 40 -22.83 -5.38 -25.66
C ARG A 40 -22.78 -5.29 -25.64
N THR A 41 -21.66 -5.99 -25.79
CA THR A 41 -21.54 -7.44 -25.76
C THR A 41 -22.02 -8.01 -24.44
N ARG A 42 -21.60 -7.38 -23.36
CA ARG A 42 -22.19 -7.70 -22.04
C ARG A 42 -23.70 -7.59 -22.09
N GLN A 43 -24.21 -6.46 -22.58
N GLN A 43 -24.23 -6.46 -22.58
CA GLN A 43 -25.67 -6.25 -22.68
CA GLN A 43 -25.71 -6.31 -22.66
C GLN A 43 -26.34 -7.33 -23.54
C GLN A 43 -26.34 -7.38 -23.53
N GLU A 44 -25.78 -7.59 -24.73
CA GLU A 44 -26.29 -8.61 -25.65
C GLU A 44 -26.31 -10.00 -25.02
N ILE A 45 -25.30 -10.32 -24.20
CA ILE A 45 -25.24 -11.63 -23.59
C ILE A 45 -26.25 -11.75 -22.45
N SER A 46 -26.38 -10.67 -21.65
CA SER A 46 -27.45 -10.61 -20.64
C SER A 46 -28.79 -11.01 -21.29
N ASP A 47 -29.09 -10.43 -22.44
CA ASP A 47 -30.30 -10.77 -23.19
C ASP A 47 -30.41 -12.26 -23.52
N LEU A 48 -29.30 -12.95 -23.72
CA LEU A 48 -29.35 -14.39 -24.00
C LEU A 48 -29.63 -15.13 -22.70
N VAL A 49 -28.98 -14.70 -21.63
CA VAL A 49 -29.18 -15.36 -20.35
C VAL A 49 -30.62 -15.29 -19.87
N HIS A 50 -31.33 -14.19 -20.16
CA HIS A 50 -32.69 -14.02 -19.67
C HIS A 50 -33.75 -14.24 -20.75
N GLY A 51 -33.35 -14.80 -21.88
CA GLY A 51 -34.30 -15.27 -22.86
C GLY A 51 -34.92 -14.18 -23.69
N ARG A 52 -34.33 -12.98 -23.70
CA ARG A 52 -34.88 -11.87 -24.49
C ARG A 52 -34.38 -11.88 -25.93
N ASP A 53 -33.23 -12.52 -26.18
CA ASP A 53 -32.75 -12.73 -27.55
C ASP A 53 -32.49 -14.22 -27.66
N LYS A 54 -32.70 -14.79 -28.83
CA LYS A 54 -32.63 -16.24 -29.07
C LYS A 54 -31.38 -16.62 -29.90
N ARG A 55 -30.47 -15.65 -30.07
CA ARG A 55 -29.19 -15.94 -30.69
C ARG A 55 -28.34 -16.77 -29.76
N LEU A 56 -27.37 -17.45 -30.35
CA LEU A 56 -26.59 -18.47 -29.67
C LEU A 56 -25.20 -17.92 -29.35
N LEU A 57 -24.91 -17.77 -28.07
CA LEU A 57 -23.55 -17.45 -27.63
C LEU A 57 -22.60 -18.58 -28.00
N VAL A 58 -21.48 -18.21 -28.60
CA VAL A 58 -20.45 -19.17 -28.92
C VAL A 58 -19.11 -18.65 -28.39
N ILE A 59 -18.56 -19.37 -27.41
CA ILE A 59 -17.28 -19.05 -26.78
C ILE A 59 -16.30 -19.97 -27.44
N ILE A 60 -15.49 -19.44 -28.32
CA ILE A 60 -14.69 -20.34 -29.17
C ILE A 60 -13.29 -19.81 -29.35
N GLY A 61 -12.32 -20.69 -29.26
CA GLY A 61 -10.94 -20.29 -29.37
C GLY A 61 -10.01 -21.32 -28.74
N PRO A 62 -8.72 -21.00 -28.65
CA PRO A 62 -7.73 -21.90 -28.07
C PRO A 62 -8.05 -22.33 -26.63
N CYS A 63 -7.68 -23.55 -26.27
CA CYS A 63 -7.73 -23.96 -24.85
C CYS A 63 -6.97 -22.92 -24.04
N SER A 64 -5.82 -22.50 -24.54
CA SER A 64 -5.07 -21.44 -23.87
C SER A 64 -4.27 -20.65 -24.87
N ILE A 65 -3.98 -19.42 -24.48
CA ILE A 65 -3.19 -18.50 -25.28
C ILE A 65 -1.74 -18.65 -24.84
N HIS A 66 -0.88 -19.04 -25.77
CA HIS A 66 0.54 -19.05 -25.53
C HIS A 66 1.34 -18.16 -26.49
N ASP A 67 0.72 -17.76 -27.58
CA ASP A 67 1.35 -16.84 -28.52
C ASP A 67 0.34 -15.77 -28.94
N PRO A 68 0.64 -14.51 -28.64
CA PRO A 68 -0.24 -13.38 -29.06
C PRO A 68 -0.39 -13.20 -30.57
N LYS A 69 0.65 -13.53 -31.32
CA LYS A 69 0.61 -13.38 -32.78
C LYS A 69 -0.40 -14.36 -33.32
N ALA A 70 -0.28 -15.62 -32.96
CA ALA A 70 -1.23 -16.61 -33.40
C ALA A 70 -2.62 -16.25 -32.98
N ALA A 71 -2.73 -15.69 -31.77
CA ALA A 71 -4.02 -15.36 -31.23
C ALA A 71 -4.68 -14.28 -32.08
N LEU A 72 -3.90 -13.30 -32.52
CA LEU A 72 -4.42 -12.18 -33.33
C LEU A 72 -4.90 -12.60 -34.72
N GLU A 73 -4.09 -13.41 -35.39
CA GLU A 73 -4.49 -14.07 -36.65
C GLU A 73 -5.73 -14.94 -36.46
N TYR A 74 -5.76 -15.74 -35.38
CA TYR A 74 -6.98 -16.47 -35.09
C TYR A 74 -8.16 -15.52 -35.02
N ALA A 75 -8.02 -14.47 -34.22
CA ALA A 75 -9.09 -13.49 -34.10
C ALA A 75 -9.46 -12.84 -35.43
N GLU A 76 -8.50 -12.64 -36.31
CA GLU A 76 -8.81 -12.04 -37.62
C GLU A 76 -9.77 -12.91 -38.43
N ARG A 77 -9.48 -14.21 -38.51
CA ARG A 77 -10.39 -15.12 -39.15
C ARG A 77 -11.70 -15.20 -38.37
N LEU A 78 -11.65 -15.32 -37.04
CA LEU A 78 -12.87 -15.55 -36.31
C LEU A 78 -13.82 -14.41 -36.53
N LEU A 79 -13.28 -13.20 -36.63
CA LEU A 79 -14.06 -11.98 -36.76
C LEU A 79 -14.92 -11.98 -38.03
N LYS A 80 -14.35 -12.33 -39.17
CA LYS A 80 -15.16 -12.47 -40.37
C LYS A 80 -16.41 -13.35 -40.11
N LEU A 81 -16.22 -14.44 -39.38
CA LEU A 81 -17.32 -15.36 -39.18
C LEU A 81 -18.32 -14.85 -38.12
N ARG A 82 -17.83 -14.03 -37.20
CA ARG A 82 -18.67 -13.37 -36.20
C ARG A 82 -19.57 -12.33 -36.88
N LYS A 83 -19.06 -11.68 -37.92
CA LYS A 83 -19.84 -10.70 -38.64
C LYS A 83 -20.82 -11.41 -39.53
N GLN A 84 -20.37 -12.46 -40.23
CA GLN A 84 -21.22 -13.20 -41.21
C GLN A 84 -22.46 -13.81 -40.55
N TYR A 85 -22.23 -14.44 -39.39
CA TYR A 85 -23.26 -15.13 -38.61
C TYR A 85 -23.89 -14.28 -37.50
N GLU A 86 -23.67 -12.97 -37.48
CA GLU A 86 -24.17 -12.15 -36.37
C GLU A 86 -25.71 -12.21 -36.09
N ASN A 87 -26.52 -12.65 -37.04
CA ASN A 87 -27.97 -12.70 -36.80
C ASN A 87 -28.40 -14.01 -36.13
N GLU A 88 -27.49 -14.97 -36.09
CA GLU A 88 -27.74 -16.30 -35.57
C GLU A 88 -26.95 -16.59 -34.31
N LEU A 89 -25.67 -16.28 -34.40
CA LEU A 89 -24.70 -16.51 -33.34
C LEU A 89 -24.11 -15.19 -32.79
N LEU A 90 -23.70 -15.23 -31.52
CA LEU A 90 -22.96 -14.15 -30.90
C LEU A 90 -21.59 -14.73 -30.51
N ILE A 91 -20.62 -14.48 -31.36
CA ILE A 91 -19.35 -15.16 -31.28
C ILE A 91 -18.42 -14.34 -30.39
N VAL A 92 -17.72 -15.00 -29.46
CA VAL A 92 -16.78 -14.34 -28.56
C VAL A 92 -15.55 -15.21 -28.48
N MET A 93 -14.36 -14.62 -28.54
CA MET A 93 -13.13 -15.43 -28.51
C MET A 93 -12.73 -15.88 -27.09
N ARG A 94 -12.39 -17.17 -26.96
CA ARG A 94 -11.70 -17.72 -25.79
C ARG A 94 -10.36 -17.06 -25.75
N VAL A 95 -10.11 -16.33 -24.67
CA VAL A 95 -8.79 -15.76 -24.43
C VAL A 95 -8.43 -16.15 -23.01
N TYR A 96 -8.18 -17.42 -22.84
CA TYR A 96 -7.88 -18.01 -21.56
C TYR A 96 -6.40 -18.04 -21.46
N PHE A 97 -5.85 -17.68 -20.33
CA PHE A 97 -4.43 -17.59 -20.26
C PHE A 97 -3.72 -18.89 -19.81
N GLU A 98 -4.46 -19.81 -19.20
N GLU A 98 -4.44 -19.78 -19.13
CA GLU A 98 -3.91 -21.05 -18.64
CA GLU A 98 -3.91 -21.03 -18.58
C GLU A 98 -4.93 -22.20 -18.68
C GLU A 98 -4.92 -22.19 -18.64
N LYS A 99 -4.44 -23.41 -18.46
CA LYS A 99 -5.33 -24.59 -18.29
C LYS A 99 -5.13 -25.03 -16.84
N PRO A 100 -6.20 -24.98 -16.01
CA PRO A 100 -5.90 -25.24 -14.60
C PRO A 100 -5.31 -26.61 -14.45
N ARG A 101 -4.51 -26.80 -13.41
CA ARG A 101 -3.78 -28.05 -13.29
C ARG A 101 -4.37 -28.92 -12.22
N THR A 102 -4.63 -30.17 -12.56
CA THR A 102 -4.73 -31.23 -11.59
C THR A 102 -3.35 -31.34 -11.00
N THR A 103 -2.36 -31.34 -11.91
CA THR A 103 -0.95 -30.99 -11.67
C THR A 103 -0.15 -30.68 -12.96
N VAL A 104 0.93 -29.92 -12.81
CA VAL A 104 2.26 -30.12 -13.44
C VAL A 104 2.72 -29.72 -14.88
N GLY A 105 1.93 -28.99 -15.66
CA GLY A 105 2.39 -28.66 -16.99
C GLY A 105 3.02 -27.29 -17.08
N TRP A 106 2.33 -26.39 -17.76
CA TRP A 106 2.74 -25.00 -17.85
C TRP A 106 1.57 -24.24 -17.27
N LYS A 107 1.84 -23.17 -16.52
CA LYS A 107 0.74 -22.50 -15.84
C LYS A 107 0.09 -21.40 -16.63
N GLY A 108 0.51 -21.19 -17.86
CA GLY A 108 -0.15 -20.19 -18.67
C GLY A 108 0.64 -18.91 -18.84
N LEU A 109 0.06 -17.98 -19.58
CA LEU A 109 0.75 -16.87 -20.22
C LEU A 109 1.03 -15.85 -19.14
N ILE A 110 0.09 -15.68 -18.22
CA ILE A 110 0.22 -14.72 -17.16
C ILE A 110 1.27 -15.15 -16.16
N ASN A 111 1.14 -16.36 -15.70
CA ASN A 111 2.05 -16.86 -14.71
C ASN A 111 3.44 -17.07 -15.26
N ASP A 112 3.54 -17.49 -16.52
CA ASP A 112 4.81 -17.90 -17.12
C ASP A 112 4.87 -17.56 -18.61
N PRO A 113 4.91 -16.27 -18.94
CA PRO A 113 4.77 -15.79 -20.29
C PRO A 113 5.91 -16.14 -21.23
N HIS A 114 7.08 -16.42 -20.70
CA HIS A 114 8.20 -16.82 -21.55
C HIS A 114 8.26 -18.36 -21.78
N LEU A 115 7.34 -19.13 -21.21
CA LEU A 115 7.28 -20.57 -21.45
C LEU A 115 8.60 -21.30 -21.05
N ASP A 116 9.32 -20.70 -20.12
CA ASP A 116 10.58 -21.25 -19.67
C ASP A 116 10.65 -21.46 -18.17
N GLY A 117 9.52 -21.39 -17.49
CA GLY A 117 9.48 -21.72 -16.09
C GLY A 117 9.96 -20.59 -15.20
N THR A 118 10.31 -19.47 -15.81
CA THR A 118 10.50 -18.27 -15.03
C THR A 118 9.11 -17.82 -14.70
N PHE A 119 8.95 -17.08 -13.62
CA PHE A 119 7.67 -16.49 -13.34
C PHE A 119 7.89 -15.02 -13.56
N ASP A 120 7.19 -14.47 -14.53
CA ASP A 120 7.31 -13.06 -14.83
C ASP A 120 5.92 -12.53 -14.92
N ILE A 121 5.27 -12.43 -13.76
CA ILE A 121 3.89 -12.06 -13.67
C ILE A 121 3.66 -10.66 -14.20
N ASN A 122 4.56 -9.75 -13.88
CA ASN A 122 4.44 -8.37 -14.33
C ASN A 122 4.38 -8.31 -15.85
N PHE A 123 5.33 -9.00 -16.50
CA PHE A 123 5.33 -9.06 -17.96
C PHE A 123 4.09 -9.81 -18.44
N GLY A 124 3.73 -10.92 -17.78
CA GLY A 124 2.54 -11.68 -18.22
C GLY A 124 1.26 -10.88 -18.16
N LEU A 125 1.08 -10.14 -17.08
CA LEU A 125 -0.14 -9.30 -16.99
C LEU A 125 -0.17 -8.15 -18.03
N ARG A 126 1.00 -7.57 -18.31
CA ARG A 126 1.09 -6.53 -19.31
C ARG A 126 0.73 -7.10 -20.66
N GLN A 127 1.32 -8.24 -20.98
CA GLN A 127 1.03 -8.88 -22.25
C GLN A 127 -0.44 -9.30 -22.32
N ALA A 128 -1.01 -9.81 -21.24
CA ALA A 128 -2.41 -10.20 -21.31
C ALA A 128 -3.30 -8.97 -21.55
N ARG A 129 -3.09 -7.92 -20.79
CA ARG A 129 -3.85 -6.69 -21.02
C ARG A 129 -3.72 -6.21 -22.47
N SER A 130 -2.51 -6.18 -22.99
CA SER A 130 -2.24 -5.79 -24.39
C SER A 130 -2.95 -6.65 -25.42
N LEU A 131 -2.89 -7.95 -25.26
CA LEU A 131 -3.63 -8.80 -26.20
C LEU A 131 -5.14 -8.47 -26.21
N LEU A 132 -5.72 -8.29 -25.04
CA LEU A 132 -7.15 -8.08 -24.90
C LEU A 132 -7.60 -6.72 -25.42
N LEU A 133 -6.82 -5.69 -25.10
CA LEU A 133 -7.04 -4.37 -25.68
C LEU A 133 -7.02 -4.48 -27.21
N SER A 134 -6.08 -5.23 -27.78
CA SER A 134 -5.93 -5.27 -29.26
C SER A 134 -7.08 -6.04 -29.92
N LEU A 135 -7.52 -7.10 -29.27
CA LEU A 135 -8.62 -7.89 -29.81
C LEU A 135 -9.88 -7.05 -29.83
N ASN A 136 -10.18 -6.43 -28.70
CA ASN A 136 -11.35 -5.56 -28.58
C ASN A 136 -11.28 -4.42 -29.58
N ASN A 137 -10.09 -3.85 -29.77
CA ASN A 137 -9.92 -2.73 -30.69
C ASN A 137 -10.18 -3.14 -32.12
N MET A 138 -9.97 -4.42 -32.44
CA MET A 138 -10.23 -4.89 -33.80
C MET A 138 -11.66 -5.40 -34.00
N GLY A 139 -12.47 -5.41 -32.93
CA GLY A 139 -13.89 -5.74 -32.99
C GLY A 139 -14.26 -7.10 -32.42
N MET A 140 -13.29 -7.84 -31.92
CA MET A 140 -13.52 -9.16 -31.34
C MET A 140 -13.61 -9.08 -29.80
N PRO A 141 -14.81 -9.29 -29.23
CA PRO A 141 -14.89 -9.31 -27.77
C PRO A 141 -14.25 -10.57 -27.23
N ALA A 142 -13.97 -10.61 -25.94
CA ALA A 142 -13.09 -11.62 -25.37
C ALA A 142 -13.66 -12.23 -24.12
N SER A 143 -13.29 -13.49 -23.89
CA SER A 143 -13.75 -14.23 -22.74
C SER A 143 -12.53 -14.82 -22.05
N THR A 144 -12.68 -15.09 -20.74
CA THR A 144 -11.62 -15.69 -19.97
C THR A 144 -12.20 -16.30 -18.76
N GLU A 145 -11.42 -17.19 -18.16
CA GLU A 145 -11.69 -17.74 -16.85
C GLU A 145 -10.96 -16.99 -15.76
N PHE A 146 -11.70 -16.57 -14.75
CA PHE A 146 -11.14 -15.91 -13.59
C PHE A 146 -10.85 -16.97 -12.55
N LEU A 147 -9.60 -17.39 -12.50
CA LEU A 147 -9.07 -18.28 -11.49
C LEU A 147 -8.86 -17.68 -10.09
N ASP A 148 -8.44 -16.43 -10.09
CA ASP A 148 -7.58 -15.84 -9.08
C ASP A 148 -8.37 -14.67 -8.58
N MET A 149 -8.18 -14.29 -7.32
CA MET A 149 -8.85 -13.13 -6.71
C MET A 149 -8.13 -11.79 -6.96
N ILE A 150 -6.90 -11.83 -7.43
CA ILE A 150 -6.10 -10.61 -7.57
C ILE A 150 -5.90 -10.19 -9.03
N THR A 151 -5.77 -11.13 -9.95
CA THR A 151 -5.49 -10.76 -11.34
C THR A 151 -6.69 -10.13 -12.10
N PRO A 152 -7.92 -10.51 -11.78
CA PRO A 152 -9.04 -9.93 -12.57
C PRO A 152 -8.96 -8.45 -12.76
N GLN A 153 -8.61 -7.73 -11.71
CA GLN A 153 -8.60 -6.27 -11.73
C GLN A 153 -7.72 -5.68 -12.83
N TYR A 154 -6.71 -6.45 -13.24
CA TYR A 154 -5.81 -6.07 -14.30
C TYR A 154 -6.48 -5.97 -15.67
N TYR A 155 -7.42 -6.84 -15.97
CA TYR A 155 -8.03 -6.84 -17.29
C TYR A 155 -9.53 -7.14 -17.40
N ALA A 156 -10.24 -7.22 -16.29
CA ALA A 156 -11.65 -7.57 -16.32
C ALA A 156 -12.52 -6.56 -17.11
N ASP A 157 -12.06 -5.30 -17.17
CA ASP A 157 -12.71 -4.29 -18.01
C ASP A 157 -12.65 -4.58 -19.51
N LEU A 158 -11.82 -5.54 -19.93
CA LEU A 158 -11.77 -5.93 -21.35
C LEU A 158 -12.47 -7.26 -21.64
N ILE A 159 -13.26 -7.71 -20.67
CA ILE A 159 -13.89 -9.01 -20.76
C ILE A 159 -15.38 -8.89 -20.83
N SER A 160 -15.97 -9.49 -21.87
CA SER A 160 -17.42 -9.47 -22.02
C SER A 160 -18.12 -10.70 -21.44
N TRP A 161 -17.35 -11.74 -21.11
CA TRP A 161 -17.90 -12.95 -20.50
C TRP A 161 -16.81 -13.74 -19.77
N GLY A 162 -17.13 -14.13 -18.52
CA GLY A 162 -16.21 -14.83 -17.66
C GLY A 162 -16.70 -16.23 -17.32
N ALA A 163 -15.75 -17.12 -17.11
CA ALA A 163 -16.06 -18.45 -16.61
C ALA A 163 -15.48 -18.58 -15.22
N ILE A 164 -16.16 -19.35 -14.37
CA ILE A 164 -15.52 -19.91 -13.20
C ILE A 164 -15.41 -21.41 -13.48
N GLY A 165 -14.22 -21.96 -13.31
CA GLY A 165 -14.00 -23.36 -13.65
C GLY A 165 -14.64 -24.35 -12.69
N ALA A 166 -14.86 -25.55 -13.21
CA ALA A 166 -15.27 -26.75 -12.48
C ALA A 166 -14.60 -26.93 -11.12
N ARG A 167 -13.30 -26.66 -11.06
CA ARG A 167 -12.55 -26.82 -9.83
C ARG A 167 -12.82 -25.72 -8.79
N THR A 168 -13.47 -24.63 -9.18
CA THR A 168 -13.65 -23.49 -8.30
C THR A 168 -15.07 -23.02 -8.14
N THR A 169 -15.99 -23.56 -8.93
CA THR A 169 -17.40 -23.15 -8.87
C THR A 169 -17.96 -23.29 -7.44
N GLU A 170 -17.39 -24.21 -6.67
CA GLU A 170 -17.82 -24.43 -5.30
C GLU A 170 -17.13 -23.48 -4.31
N SER A 171 -16.21 -22.68 -4.78
CA SER A 171 -15.43 -21.90 -3.84
C SER A 171 -16.17 -20.62 -3.50
N GLN A 172 -16.34 -20.38 -2.21
CA GLN A 172 -17.05 -19.18 -1.76
C GLN A 172 -16.43 -17.91 -2.33
N VAL A 173 -15.11 -17.79 -2.27
CA VAL A 173 -14.51 -16.55 -2.71
C VAL A 173 -14.64 -16.34 -4.21
N HIS A 174 -14.78 -17.42 -4.95
CA HIS A 174 -15.02 -17.32 -6.37
C HIS A 174 -16.44 -16.89 -6.66
N ARG A 175 -17.38 -17.29 -5.80
CA ARG A 175 -18.75 -16.89 -5.99
C ARG A 175 -18.89 -15.42 -5.70
N GLU A 176 -18.18 -14.98 -4.70
CA GLU A 176 -18.11 -13.57 -4.36
C GLU A 176 -17.39 -12.78 -5.44
N LEU A 177 -16.26 -13.27 -5.92
CA LEU A 177 -15.60 -12.64 -7.05
C LEU A 177 -16.63 -12.33 -8.15
N ALA A 178 -17.39 -13.35 -8.54
CA ALA A 178 -18.39 -13.23 -9.61
C ALA A 178 -19.46 -12.21 -9.31
N SER A 179 -19.90 -12.12 -8.06
CA SER A 179 -20.93 -11.18 -7.66
C SER A 179 -20.46 -9.76 -7.85
N GLY A 180 -19.16 -9.58 -7.91
CA GLY A 180 -18.58 -8.28 -8.12
C GLY A 180 -18.15 -7.99 -9.55
N LEU A 181 -18.26 -8.93 -10.48
CA LEU A 181 -17.88 -8.60 -11.88
C LEU A 181 -19.04 -7.93 -12.62
N SER A 182 -18.72 -7.24 -13.70
CA SER A 182 -19.72 -6.49 -14.45
C SER A 182 -20.07 -7.20 -15.75
N CYS A 183 -19.54 -8.40 -15.92
CA CYS A 183 -19.85 -9.19 -17.10
C CYS A 183 -20.66 -10.38 -16.66
N PRO A 184 -21.46 -10.96 -17.57
CA PRO A 184 -22.07 -12.26 -17.32
C PRO A 184 -21.02 -13.29 -16.94
N VAL A 185 -21.41 -14.24 -16.10
CA VAL A 185 -20.50 -15.31 -15.74
C VAL A 185 -21.15 -16.67 -15.83
N GLY A 186 -20.42 -17.58 -16.43
CA GLY A 186 -20.87 -18.96 -16.49
C GLY A 186 -20.15 -19.77 -15.45
N PHE A 187 -20.90 -20.62 -14.77
CA PHE A 187 -20.39 -21.57 -13.79
C PHE A 187 -20.52 -23.02 -14.25
N LYS A 188 -19.40 -23.76 -14.20
CA LYS A 188 -19.37 -25.16 -14.67
C LYS A 188 -19.88 -26.12 -13.64
N ASN A 189 -20.55 -27.19 -14.07
CA ASN A 189 -20.80 -28.30 -13.16
C ASN A 189 -19.46 -28.91 -12.63
N GLY A 190 -19.54 -29.68 -11.57
CA GLY A 190 -18.33 -30.18 -10.92
C GLY A 190 -17.59 -31.11 -11.85
N THR A 191 -16.33 -31.32 -11.57
CA THR A 191 -15.62 -32.38 -12.29
C THR A 191 -16.30 -33.74 -12.07
N ASP A 192 -17.06 -33.81 -10.99
CA ASP A 192 -18.06 -34.81 -10.65
C ASP A 192 -19.22 -35.03 -11.67
N GLY A 193 -19.67 -33.96 -12.32
CA GLY A 193 -20.97 -33.96 -13.03
C GLY A 193 -22.07 -33.31 -12.21
N ASN A 194 -21.73 -32.94 -10.99
CA ASN A 194 -22.64 -32.31 -10.04
C ASN A 194 -23.12 -30.93 -10.52
N LEU A 195 -24.41 -30.80 -10.80
CA LEU A 195 -24.98 -29.54 -11.29
C LEU A 195 -25.33 -28.59 -10.14
N LYS A 196 -25.68 -29.16 -9.01
CA LYS A 196 -26.13 -28.39 -7.86
C LYS A 196 -25.13 -27.29 -7.41
N ILE A 197 -23.84 -27.60 -7.46
CA ILE A 197 -22.89 -26.58 -7.09
C ILE A 197 -22.93 -25.38 -8.03
N ALA A 198 -23.30 -25.59 -9.28
CA ALA A 198 -23.34 -24.46 -10.21
C ALA A 198 -24.62 -23.62 -10.04
N ILE A 199 -25.70 -24.32 -9.81
CA ILE A 199 -26.98 -23.68 -9.49
C ILE A 199 -26.88 -22.86 -8.20
N ASP A 200 -26.27 -23.42 -7.16
CA ASP A 200 -26.06 -22.67 -5.93
C ASP A 200 -25.21 -21.44 -6.24
N ALA A 201 -24.18 -21.64 -7.06
CA ALA A 201 -23.24 -20.58 -7.34
C ALA A 201 -23.98 -19.42 -7.97
N ILE A 202 -24.87 -19.71 -8.89
CA ILE A 202 -25.72 -18.66 -9.43
C ILE A 202 -26.40 -17.91 -8.28
N GLY A 203 -27.06 -18.66 -7.40
CA GLY A 203 -27.70 -18.06 -6.23
C GLY A 203 -26.75 -17.08 -5.55
N ALA A 204 -25.58 -17.59 -5.20
CA ALA A 204 -24.65 -16.81 -4.42
C ALA A 204 -24.14 -15.58 -5.18
N ALA A 205 -23.75 -15.75 -6.45
CA ALA A 205 -23.24 -14.62 -7.21
C ALA A 205 -24.30 -13.54 -7.49
N SER A 206 -25.57 -13.87 -7.43
CA SER A 206 -26.58 -12.85 -7.71
C SER A 206 -26.82 -11.95 -6.52
N HIS A 207 -26.44 -12.41 -5.32
CA HIS A 207 -26.60 -11.62 -4.12
C HIS A 207 -25.41 -10.71 -3.91
N SER A 208 -25.66 -9.69 -3.09
CA SER A 208 -24.67 -8.73 -2.68
C SER A 208 -23.78 -9.33 -1.59
N HIS A 209 -22.47 -9.08 -1.62
CA HIS A 209 -21.56 -9.55 -0.55
C HIS A 209 -20.62 -8.49 -0.05
N HIS A 210 -20.17 -8.66 1.18
CA HIS A 210 -19.09 -7.88 1.72
C HIS A 210 -17.83 -8.73 1.64
N ALA A 211 -17.10 -8.63 0.54
CA ALA A 211 -15.88 -9.42 0.31
C ALA A 211 -14.60 -8.65 0.65
N LEU A 212 -13.50 -9.41 0.69
CA LEU A 212 -12.18 -8.84 0.75
C LEU A 212 -11.56 -9.03 -0.61
N SER A 213 -11.01 -7.98 -1.16
CA SER A 213 -10.40 -8.07 -2.46
C SER A 213 -9.23 -7.14 -2.37
N VAL A 214 -8.66 -6.82 -3.50
CA VAL A 214 -7.53 -5.89 -3.59
C VAL A 214 -7.90 -4.77 -4.55
N THR A 215 -7.59 -3.52 -4.21
CA THR A 215 -7.97 -2.40 -5.08
C THR A 215 -7.01 -2.25 -6.31
N LYS A 216 -7.39 -1.36 -7.22
CA LYS A 216 -6.61 -1.08 -8.42
C LYS A 216 -5.25 -0.56 -7.98
N ALA A 217 -5.16 -0.09 -6.76
CA ALA A 217 -3.91 0.39 -6.29
C ALA A 217 -3.03 -0.66 -5.57
N GLY A 218 -3.46 -1.91 -5.49
CA GLY A 218 -2.65 -2.98 -4.85
C GLY A 218 -2.75 -3.11 -3.32
N HIS A 219 -3.84 -2.60 -2.73
CA HIS A 219 -4.06 -2.67 -1.26
C HIS A 219 -5.27 -3.52 -0.96
N SER A 220 -5.23 -4.32 0.11
CA SER A 220 -6.39 -5.15 0.45
C SER A 220 -7.52 -4.24 0.93
N ALA A 221 -8.74 -4.63 0.68
CA ALA A 221 -9.88 -3.80 1.02
C ALA A 221 -11.17 -4.56 1.06
N ILE A 222 -12.12 -3.94 1.73
CA ILE A 222 -13.47 -4.43 1.79
C ILE A 222 -14.22 -3.87 0.61
N VAL A 223 -14.89 -4.74 -0.14
CA VAL A 223 -15.75 -4.28 -1.23
C VAL A 223 -17.14 -4.87 -1.05
N HIS A 224 -18.13 -3.98 -1.09
CA HIS A 224 -19.50 -4.35 -1.06
C HIS A 224 -19.89 -4.56 -2.51
N THR A 225 -20.10 -5.82 -2.91
CA THR A 225 -20.44 -6.13 -4.28
C THR A 225 -21.93 -5.90 -4.50
N GLY A 226 -22.29 -5.64 -5.75
CA GLY A 226 -23.68 -5.34 -6.12
C GLY A 226 -24.53 -6.53 -6.51
N GLY A 227 -23.95 -7.73 -6.48
CA GLY A 227 -24.61 -8.91 -7.06
C GLY A 227 -24.47 -8.87 -8.58
N ASN A 228 -24.39 -10.06 -9.18
CA ASN A 228 -24.29 -10.23 -10.63
C ASN A 228 -25.52 -10.96 -11.16
N PRO A 229 -26.43 -10.23 -11.85
CA PRO A 229 -27.73 -10.79 -12.18
C PRO A 229 -27.74 -11.62 -13.46
N ASP A 230 -26.58 -11.81 -14.10
CA ASP A 230 -26.53 -12.44 -15.42
C ASP A 230 -25.66 -13.72 -15.40
N CYS A 231 -25.77 -14.52 -14.34
CA CYS A 231 -25.03 -15.78 -14.29
C CYS A 231 -25.83 -16.94 -14.79
N HIS A 232 -25.09 -17.95 -15.26
CA HIS A 232 -25.71 -19.16 -15.73
C HIS A 232 -24.78 -20.37 -15.57
N VAL A 233 -25.34 -21.51 -15.95
CA VAL A 233 -24.72 -22.80 -15.81
C VAL A 233 -24.04 -23.18 -17.13
N ILE A 234 -22.95 -23.95 -17.03
CA ILE A 234 -22.31 -24.58 -18.15
C ILE A 234 -22.29 -26.10 -17.94
N LEU A 235 -22.87 -26.86 -18.85
CA LEU A 235 -22.80 -28.34 -18.84
C LEU A 235 -21.47 -28.79 -19.48
N ARG A 236 -20.59 -29.45 -18.74
CA ARG A 236 -19.27 -29.80 -19.30
C ARG A 236 -18.86 -31.22 -18.98
N GLY A 237 -19.86 -32.08 -18.80
CA GLY A 237 -19.66 -33.48 -18.52
C GLY A 237 -19.19 -33.76 -17.11
N GLY A 238 -19.22 -35.04 -16.77
CA GLY A 238 -18.69 -35.51 -15.51
C GLY A 238 -18.23 -36.94 -15.67
N LYS A 239 -18.80 -37.82 -14.85
CA LYS A 239 -18.67 -39.25 -15.07
C LYS A 239 -19.01 -39.54 -16.54
N GLU A 240 -20.21 -39.16 -16.94
CA GLU A 240 -20.66 -39.28 -18.32
C GLU A 240 -20.84 -37.87 -18.95
N PRO A 241 -20.91 -37.80 -20.28
CA PRO A 241 -21.30 -36.60 -20.99
C PRO A 241 -22.69 -36.09 -20.58
N ASN A 242 -22.83 -34.78 -20.38
CA ASN A 242 -24.15 -34.18 -20.10
C ASN A 242 -24.68 -33.18 -21.15
N TYR A 243 -24.40 -33.42 -22.42
CA TYR A 243 -24.78 -32.45 -23.46
C TYR A 243 -26.14 -32.66 -24.10
N ASP A 244 -26.65 -33.90 -24.12
CA ASP A 244 -27.86 -34.21 -24.88
C ASP A 244 -29.13 -33.66 -24.27
N ALA A 245 -30.23 -33.83 -25.00
CA ALA A 245 -31.54 -33.25 -24.67
C ALA A 245 -32.06 -33.62 -23.29
N GLU A 246 -31.93 -34.90 -22.92
CA GLU A 246 -32.38 -35.38 -21.62
C GLU A 246 -31.59 -34.73 -20.46
N HIS A 247 -30.26 -34.59 -20.62
CA HIS A 247 -29.46 -33.90 -19.60
C HIS A 247 -29.80 -32.40 -19.56
N VAL A 248 -30.12 -31.85 -20.72
CA VAL A 248 -30.52 -30.47 -20.82
C VAL A 248 -31.86 -30.24 -20.15
N SER A 249 -32.75 -31.22 -20.30
CA SER A 249 -34.11 -31.09 -19.76
C SER A 249 -34.10 -31.15 -18.23
N GLU A 250 -33.33 -32.09 -17.71
CA GLU A 250 -33.18 -32.31 -16.29
C GLU A 250 -32.55 -31.07 -15.64
N ALA A 251 -31.50 -30.54 -16.27
CA ALA A 251 -30.84 -29.34 -15.79
C ALA A 251 -31.81 -28.17 -15.74
N ALA A 252 -32.53 -27.95 -16.85
CA ALA A 252 -33.54 -26.87 -16.90
C ALA A 252 -34.53 -27.00 -15.76
N GLU A 253 -34.96 -28.23 -15.47
CA GLU A 253 -35.89 -28.46 -14.36
C GLU A 253 -35.29 -27.99 -13.04
N GLN A 254 -34.09 -28.51 -12.74
CA GLN A 254 -33.38 -28.14 -11.51
C GLN A 254 -33.24 -26.62 -11.43
N LEU A 255 -32.85 -26.00 -12.54
CA LEU A 255 -32.72 -24.55 -12.57
C LEU A 255 -34.06 -23.84 -12.22
N ARG A 256 -35.18 -24.25 -12.80
CA ARG A 256 -36.49 -23.64 -12.47
C ARG A 256 -36.88 -23.85 -11.03
N ALA A 257 -36.53 -25.00 -10.46
CA ALA A 257 -36.82 -25.30 -9.04
C ALA A 257 -36.05 -24.40 -8.06
N ALA A 258 -34.81 -24.06 -8.37
CA ALA A 258 -34.11 -23.05 -7.56
C ALA A 258 -34.50 -21.61 -7.90
N GLY A 259 -35.43 -21.42 -8.85
CA GLY A 259 -35.81 -20.08 -9.30
C GLY A 259 -34.65 -19.24 -9.83
N VAL A 260 -33.80 -19.85 -10.66
CA VAL A 260 -32.82 -19.11 -11.47
C VAL A 260 -32.98 -19.44 -12.95
N THR A 261 -32.31 -18.67 -13.80
CA THR A 261 -32.44 -18.85 -15.25
C THR A 261 -32.21 -20.29 -15.71
N ASP A 262 -33.06 -20.75 -16.61
CA ASP A 262 -32.97 -22.10 -17.20
C ASP A 262 -32.44 -22.06 -18.65
N LYS A 263 -31.72 -20.99 -18.94
CA LYS A 263 -30.92 -20.87 -20.15
C LYS A 263 -29.47 -21.26 -19.80
N LEU A 264 -28.90 -22.19 -20.56
CA LEU A 264 -27.59 -22.72 -20.19
C LEU A 264 -26.66 -22.87 -21.36
N MET A 265 -25.40 -23.14 -21.07
CA MET A 265 -24.37 -23.28 -22.07
C MET A 265 -23.92 -24.73 -22.03
N ILE A 266 -23.48 -25.22 -23.17
CA ILE A 266 -22.89 -26.51 -23.25
C ILE A 266 -21.49 -26.42 -23.81
N ASP A 267 -20.56 -27.15 -23.16
CA ASP A 267 -19.19 -27.19 -23.59
C ASP A 267 -19.14 -28.47 -24.42
N CYS A 268 -18.79 -28.31 -25.70
CA CYS A 268 -18.53 -29.40 -26.59
C CYS A 268 -17.24 -30.12 -26.29
N SER A 269 -16.35 -29.51 -25.50
CA SER A 269 -14.99 -30.05 -25.28
C SER A 269 -14.87 -30.65 -23.89
N HIS A 270 -13.63 -30.82 -23.41
CA HIS A 270 -13.34 -31.41 -22.08
C HIS A 270 -14.11 -32.70 -21.82
N ALA A 271 -14.80 -32.86 -20.70
CA ALA A 271 -15.40 -34.17 -20.38
C ALA A 271 -16.54 -34.57 -21.31
N ASN A 272 -17.21 -33.59 -21.92
CA ASN A 272 -18.27 -33.86 -22.91
C ASN A 272 -17.79 -34.42 -24.23
N SER A 273 -16.59 -34.05 -24.65
CA SER A 273 -15.96 -34.76 -25.78
C SER A 273 -15.05 -35.90 -25.27
N ARG A 274 -15.02 -36.12 -23.97
CA ARG A 274 -14.21 -37.20 -23.43
C ARG A 274 -12.78 -37.05 -23.87
N LYS A 275 -12.29 -35.82 -23.82
CA LYS A 275 -10.88 -35.55 -24.03
C LYS A 275 -10.40 -35.96 -25.42
N ASP A 276 -11.31 -35.94 -26.39
CA ASP A 276 -10.93 -36.18 -27.75
C ASP A 276 -11.48 -35.02 -28.54
N TYR A 277 -10.61 -34.27 -29.19
CA TYR A 277 -11.04 -33.11 -29.92
C TYR A 277 -11.96 -33.44 -31.07
N THR A 278 -11.72 -34.56 -31.73
CA THR A 278 -12.53 -34.94 -32.91
C THR A 278 -14.02 -35.15 -32.60
N ARG A 279 -14.34 -35.26 -31.31
CA ARG A 279 -15.71 -35.47 -30.91
C ARG A 279 -16.43 -34.14 -30.69
N GLN A 280 -15.67 -33.05 -30.67
CA GLN A 280 -16.33 -31.74 -30.50
C GLN A 280 -17.42 -31.57 -31.54
N MET A 281 -17.11 -31.87 -32.80
CA MET A 281 -18.06 -31.73 -33.90
C MET A 281 -19.31 -32.54 -33.68
N GLU A 282 -19.11 -33.74 -33.16
CA GLU A 282 -20.22 -34.64 -32.89
C GLU A 282 -21.11 -34.07 -31.80
N VAL A 283 -20.53 -33.42 -30.81
CA VAL A 283 -21.35 -32.85 -29.76
C VAL A 283 -22.13 -31.66 -30.33
N ALA A 284 -21.49 -30.88 -31.19
CA ALA A 284 -22.14 -29.74 -31.84
C ALA A 284 -23.28 -30.18 -32.74
N GLN A 285 -23.08 -31.29 -33.44
CA GLN A 285 -24.15 -31.88 -34.27
C GLN A 285 -25.37 -32.25 -33.40
N ASP A 286 -25.12 -32.85 -32.24
CA ASP A 286 -26.20 -33.16 -31.32
C ASP A 286 -26.91 -31.89 -30.90
N ILE A 287 -26.13 -30.83 -30.62
CA ILE A 287 -26.74 -29.57 -30.22
C ILE A 287 -27.52 -28.91 -31.34
N ALA A 288 -26.99 -28.96 -32.57
CA ALA A 288 -27.75 -28.45 -33.71
C ALA A 288 -29.12 -29.11 -33.83
N ALA A 289 -29.14 -30.43 -33.70
CA ALA A 289 -30.38 -31.20 -33.76
C ALA A 289 -31.32 -30.76 -32.64
N GLN A 290 -30.82 -30.55 -31.42
CA GLN A 290 -31.71 -30.03 -30.37
C GLN A 290 -32.26 -28.65 -30.73
N LEU A 291 -31.44 -27.79 -31.34
CA LEU A 291 -31.89 -26.48 -31.79
C LEU A 291 -32.95 -26.57 -32.88
N GLU A 292 -32.80 -27.54 -33.78
CA GLU A 292 -33.79 -27.76 -34.86
C GLU A 292 -35.14 -28.25 -34.35
N GLN A 293 -35.14 -29.23 -33.45
CA GLN A 293 -36.40 -29.71 -32.86
C GLN A 293 -36.99 -28.64 -31.90
N ASP A 294 -36.21 -28.20 -30.93
CA ASP A 294 -36.69 -27.29 -29.88
C ASP A 294 -35.50 -26.50 -29.26
N GLY A 295 -34.81 -27.12 -28.29
CA GLY A 295 -33.63 -26.55 -27.70
C GLY A 295 -33.83 -25.18 -27.09
N GLY A 296 -35.03 -24.93 -26.57
CA GLY A 296 -35.35 -23.62 -25.99
C GLY A 296 -34.56 -23.23 -24.76
N ASN A 297 -33.88 -24.20 -24.13
CA ASN A 297 -33.13 -23.99 -22.89
C ASN A 297 -31.62 -23.69 -23.05
N ILE A 298 -31.15 -23.72 -24.29
CA ILE A 298 -29.72 -23.50 -24.63
C ILE A 298 -29.53 -22.07 -25.06
N MET A 299 -28.65 -21.33 -24.38
CA MET A 299 -28.31 -19.99 -24.85
C MET A 299 -26.88 -19.91 -25.40
N GLY A 300 -26.15 -21.01 -25.35
CA GLY A 300 -24.76 -20.95 -25.77
C GLY A 300 -24.01 -22.25 -25.81
N VAL A 301 -22.85 -22.21 -26.46
CA VAL A 301 -21.93 -23.31 -26.53
C VAL A 301 -20.48 -22.84 -26.38
N MET A 302 -19.60 -23.78 -26.07
CA MET A 302 -18.18 -23.57 -25.88
C MET A 302 -17.40 -24.53 -26.75
N VAL A 303 -16.43 -24.01 -27.48
CA VAL A 303 -15.60 -24.86 -28.36
C VAL A 303 -14.10 -24.54 -28.22
N GLU A 304 -13.27 -25.59 -28.22
CA GLU A 304 -11.83 -25.38 -28.18
C GLU A 304 -11.21 -25.50 -29.59
N SER A 305 -10.74 -24.38 -30.10
CA SER A 305 -10.52 -24.21 -31.53
C SER A 305 -9.25 -23.43 -31.70
N HIS A 306 -8.50 -23.77 -32.74
CA HIS A 306 -7.25 -23.06 -32.99
C HIS A 306 -7.03 -23.13 -34.50
N LEU A 307 -5.97 -22.50 -34.99
CA LEU A 307 -5.63 -22.50 -36.42
C LEU A 307 -5.28 -23.90 -36.88
N VAL A 308 -4.59 -24.65 -36.02
CA VAL A 308 -4.19 -26.00 -36.37
C VAL A 308 -4.63 -26.99 -35.29
N GLU A 309 -5.10 -28.16 -35.75
CA GLU A 309 -5.72 -29.12 -34.85
C GLU A 309 -4.70 -29.83 -33.97
N GLY A 310 -5.22 -30.39 -32.87
CA GLY A 310 -4.44 -31.25 -31.97
C GLY A 310 -3.70 -30.45 -30.93
N ARG A 311 -2.55 -30.98 -30.47
CA ARG A 311 -1.80 -30.34 -29.42
C ARG A 311 -0.38 -30.70 -29.57
N GLN A 312 0.48 -30.04 -28.79
CA GLN A 312 1.93 -30.30 -28.79
C GLN A 312 2.47 -29.94 -27.41
N ASP A 313 3.51 -30.66 -26.97
CA ASP A 313 4.14 -30.41 -25.66
C ASP A 313 4.91 -29.12 -25.66
N LYS A 314 5.69 -28.88 -26.72
CA LYS A 314 6.50 -27.65 -26.79
C LYS A 314 5.91 -26.74 -27.88
N PRO A 315 6.01 -25.40 -27.72
CA PRO A 315 5.42 -24.50 -28.69
C PRO A 315 6.30 -24.41 -29.93
N GLU A 316 6.37 -25.51 -30.67
CA GLU A 316 7.18 -25.58 -31.89
C GLU A 316 6.42 -25.05 -33.09
N VAL A 317 5.24 -25.64 -33.31
CA VAL A 317 4.36 -25.29 -34.43
C VAL A 317 3.50 -24.06 -34.14
N TYR A 318 3.22 -23.28 -35.18
CA TYR A 318 2.44 -22.05 -35.04
C TYR A 318 0.96 -22.36 -34.98
N GLY A 319 0.28 -21.77 -34.00
CA GLY A 319 -1.19 -21.85 -33.96
C GLY A 319 -1.70 -23.22 -33.60
N LYS A 320 -0.85 -23.96 -32.89
CA LYS A 320 -1.17 -25.25 -32.37
C LYS A 320 -1.13 -25.27 -30.85
N SER A 321 -2.23 -25.66 -30.21
CA SER A 321 -2.33 -25.68 -28.75
C SER A 321 -1.21 -26.44 -28.06
N ILE A 322 -0.79 -25.92 -26.89
CA ILE A 322 0.09 -26.67 -25.98
C ILE A 322 -0.60 -27.10 -24.68
N THR A 323 -1.90 -26.84 -24.54
CA THR A 323 -2.66 -27.45 -23.45
C THR A 323 -3.58 -28.49 -24.08
N ASP A 324 -4.89 -28.38 -23.90
CA ASP A 324 -5.79 -29.36 -24.53
C ASP A 324 -5.81 -29.20 -26.03
N ALA A 325 -6.01 -30.33 -26.67
CA ALA A 325 -6.05 -30.41 -28.08
C ALA A 325 -7.29 -29.67 -28.58
N CYS A 326 -7.13 -28.99 -29.71
CA CYS A 326 -8.22 -28.24 -30.30
C CYS A 326 -8.52 -28.75 -31.68
N ILE A 327 -9.72 -28.47 -32.16
CA ILE A 327 -9.97 -28.58 -33.59
C ILE A 327 -9.25 -27.45 -34.30
N GLY A 328 -9.01 -27.66 -35.60
CA GLY A 328 -8.28 -26.72 -36.45
C GLY A 328 -9.23 -25.75 -37.16
N TRP A 329 -8.68 -24.88 -37.99
CA TRP A 329 -9.50 -23.81 -38.56
C TRP A 329 -10.58 -24.37 -39.45
N GLY A 330 -10.19 -25.28 -40.34
CA GLY A 330 -11.14 -25.95 -41.23
C GLY A 330 -12.36 -26.46 -40.51
N ALA A 331 -12.14 -27.36 -39.59
CA ALA A 331 -13.25 -27.91 -38.81
C ALA A 331 -14.03 -26.80 -38.06
N THR A 332 -13.35 -25.73 -37.67
CA THR A 332 -14.01 -24.61 -37.02
C THR A 332 -15.03 -23.92 -37.94
N GLU A 333 -14.62 -23.57 -39.15
CA GLU A 333 -15.57 -23.14 -40.18
C GLU A 333 -16.77 -24.06 -40.31
N GLU A 334 -16.56 -25.38 -40.43
CA GLU A 334 -17.72 -26.28 -40.62
C GLU A 334 -18.64 -26.18 -39.43
N LEU A 335 -18.03 -26.18 -38.26
CA LEU A 335 -18.77 -26.25 -37.01
C LEU A 335 -19.60 -25.01 -36.84
N LEU A 336 -19.04 -23.83 -37.09
CA LEU A 336 -19.84 -22.62 -36.96
C LEU A 336 -20.97 -22.58 -38.00
N ALA A 337 -20.70 -23.00 -39.22
CA ALA A 337 -21.73 -22.98 -40.26
C ALA A 337 -22.91 -23.86 -39.81
N LEU A 338 -22.57 -25.04 -39.31
CA LEU A 338 -23.55 -25.96 -38.76
C LEU A 338 -24.46 -25.32 -37.70
N LEU A 339 -23.87 -24.68 -36.69
CA LEU A 339 -24.70 -24.08 -35.63
C LEU A 339 -25.54 -22.84 -36.06
N ALA A 340 -24.98 -21.97 -36.91
CA ALA A 340 -25.77 -20.84 -37.44
C ALA A 340 -27.01 -21.35 -38.16
N GLY A 341 -26.80 -22.33 -39.02
CA GLY A 341 -27.89 -22.89 -39.80
C GLY A 341 -28.98 -23.42 -38.89
N ALA A 342 -28.59 -24.26 -37.95
CA ALA A 342 -29.56 -24.83 -37.04
C ALA A 342 -30.20 -23.73 -36.22
N ASN A 343 -29.42 -22.70 -35.85
CA ASN A 343 -30.02 -21.63 -35.10
C ASN A 343 -30.83 -20.68 -35.93
N LYS A 344 -30.51 -20.54 -37.20
CA LYS A 344 -31.36 -19.77 -38.10
C LYS A 344 -32.82 -20.24 -37.97
N LYS A 345 -33.00 -21.56 -37.97
CA LYS A 345 -34.32 -22.20 -37.89
C LYS A 345 -35.02 -22.00 -36.54
N ARG A 346 -34.29 -22.17 -35.44
CA ARG A 346 -34.89 -21.95 -34.14
C ARG A 346 -35.45 -20.52 -34.01
N MET A 347 -34.71 -19.55 -34.53
CA MET A 347 -35.10 -18.15 -34.39
C MET A 347 -36.30 -17.78 -35.27
N ALA A 348 -36.59 -18.63 -36.25
CA ALA A 348 -37.73 -18.43 -37.17
C ALA A 348 -39.09 -18.89 -36.63
N ARG A 349 -39.14 -19.64 -35.54
CA ARG A 349 -40.41 -20.20 -35.06
C ARG A 349 -41.23 -19.23 -34.19
N LYS B 16 -15.92 2.51 6.46
CA LYS B 16 -14.77 2.02 7.31
C LYS B 16 -13.79 1.18 6.49
N GLU B 17 -12.50 1.35 6.75
CA GLU B 17 -11.42 0.81 5.92
C GLU B 17 -10.75 -0.43 6.52
N LEU B 18 -10.22 -1.32 5.71
CA LEU B 18 -9.69 -2.59 6.25
C LEU B 18 -8.28 -2.47 6.80
N LEU B 19 -8.09 -2.85 8.04
CA LEU B 19 -6.76 -2.84 8.66
C LEU B 19 -5.84 -3.97 8.17
N PRO B 20 -4.57 -3.66 7.98
CA PRO B 20 -3.64 -4.68 7.59
C PRO B 20 -3.24 -5.52 8.78
N PRO B 21 -2.78 -6.74 8.53
CA PRO B 21 -2.35 -7.62 9.59
C PRO B 21 -1.40 -6.96 10.58
N ILE B 22 -0.47 -6.13 10.12
CA ILE B 22 0.44 -5.49 11.09
C ILE B 22 -0.26 -4.71 12.22
N ALA B 23 -1.47 -4.20 11.99
CA ALA B 23 -2.18 -3.47 13.05
C ALA B 23 -2.58 -4.45 14.15
N HIS B 24 -3.06 -5.62 13.74
CA HIS B 24 -3.45 -6.64 14.71
C HIS B 24 -2.23 -7.21 15.41
N LEU B 25 -1.17 -7.49 14.65
CA LEU B 25 0.06 -7.97 15.24
C LEU B 25 0.69 -7.00 16.26
N TYR B 26 0.45 -5.70 16.11
CA TYR B 26 0.98 -4.72 17.07
C TYR B 26 0.15 -4.65 18.35
N GLU B 27 -1.16 -4.86 18.28
CA GLU B 27 -1.91 -4.91 19.52
C GLU B 27 -1.71 -6.24 20.21
N LEU B 28 -1.57 -7.30 19.41
CA LEU B 28 -1.59 -8.64 19.93
C LEU B 28 -0.42 -9.41 19.42
N PRO B 29 0.78 -9.07 19.90
CA PRO B 29 1.94 -9.79 19.38
C PRO B 29 2.01 -11.22 19.91
N ILE B 30 2.56 -12.13 19.14
CA ILE B 30 2.69 -13.49 19.65
C ILE B 30 3.64 -13.54 20.84
N SER B 31 3.22 -14.12 21.96
CA SER B 31 4.10 -14.26 23.14
C SER B 31 5.15 -15.35 22.91
N LYS B 32 6.18 -15.37 23.75
CA LYS B 32 7.22 -16.37 23.66
C LYS B 32 6.67 -17.78 23.92
N GLU B 33 5.58 -17.89 24.69
CA GLU B 33 5.04 -19.19 25.13
C GLU B 33 4.16 -19.76 24.03
N ALA B 34 3.29 -18.91 23.49
CA ALA B 34 2.47 -19.27 22.38
C ALA B 34 3.31 -19.67 21.20
N SER B 35 4.42 -18.97 20.94
CA SER B 35 5.13 -19.31 19.71
C SER B 35 5.85 -20.64 19.87
N GLY B 36 6.39 -20.91 21.05
CA GLY B 36 6.99 -22.22 21.32
C GLY B 36 5.95 -23.36 21.31
N LEU B 37 4.78 -23.08 21.88
CA LEU B 37 3.70 -24.05 21.83
C LEU B 37 3.33 -24.35 20.37
N VAL B 38 3.22 -23.32 19.56
CA VAL B 38 2.95 -23.54 18.13
C VAL B 38 4.06 -24.28 17.40
N HIS B 39 5.30 -23.82 17.51
CA HIS B 39 6.45 -24.50 16.89
C HIS B 39 6.48 -25.97 17.25
N ARG B 40 6.28 -26.25 18.53
CA ARG B 40 6.37 -27.60 19.05
C ARG B 40 5.18 -28.50 18.62
N THR B 41 3.98 -27.98 18.69
CA THR B 41 2.81 -28.73 18.28
C THR B 41 2.87 -29.01 16.80
N ARG B 42 3.37 -28.05 15.99
CA ARG B 42 3.47 -28.31 14.53
C ARG B 42 4.43 -29.46 14.28
N GLN B 43 5.57 -29.42 14.95
CA GLN B 43 6.54 -30.47 14.84
C GLN B 43 5.96 -31.82 15.29
N GLU B 44 5.24 -31.81 16.41
CA GLU B 44 4.63 -33.02 16.95
C GLU B 44 3.66 -33.67 15.98
N ILE B 45 2.86 -32.84 15.30
CA ILE B 45 1.91 -33.30 14.27
C ILE B 45 2.62 -33.79 13.03
N SER B 46 3.70 -33.12 12.64
CA SER B 46 4.51 -33.60 11.53
C SER B 46 5.02 -35.03 11.81
N ASP B 47 5.28 -35.33 13.08
CA ASP B 47 5.78 -36.65 13.43
C ASP B 47 4.67 -37.68 13.21
N LEU B 48 3.43 -37.24 13.39
CA LEU B 48 2.28 -38.13 13.24
C LEU B 48 2.00 -38.36 11.79
N VAL B 49 2.10 -37.30 11.01
CA VAL B 49 1.81 -37.38 9.57
C VAL B 49 2.76 -38.33 8.86
N HIS B 50 4.01 -38.35 9.31
CA HIS B 50 5.04 -39.17 8.68
C HIS B 50 5.36 -40.46 9.46
N GLY B 51 4.55 -40.79 10.45
CA GLY B 51 4.63 -42.12 11.11
C GLY B 51 5.82 -42.27 12.03
N ARG B 52 6.36 -41.15 12.49
CA ARG B 52 7.49 -41.11 13.40
C ARG B 52 7.00 -41.31 14.85
N ASP B 53 5.75 -40.95 15.11
CA ASP B 53 5.13 -41.11 16.42
C ASP B 53 3.73 -41.68 16.23
N LYS B 54 3.23 -42.41 17.21
CA LYS B 54 1.96 -43.13 17.05
C LYS B 54 0.83 -42.60 17.93
N ARG B 55 1.04 -41.48 18.59
CA ARG B 55 -0.08 -40.79 19.23
C ARG B 55 -1.17 -40.45 18.18
N LEU B 56 -2.39 -40.35 18.66
CA LEU B 56 -3.52 -39.98 17.81
C LEU B 56 -3.77 -38.46 17.91
N LEU B 57 -3.62 -37.75 16.81
CA LEU B 57 -4.03 -36.35 16.72
C LEU B 57 -5.55 -36.28 16.85
N VAL B 58 -6.02 -35.40 17.71
CA VAL B 58 -7.44 -35.26 17.93
C VAL B 58 -7.81 -33.79 17.81
N ILE B 59 -8.54 -33.46 16.75
CA ILE B 59 -9.03 -32.13 16.50
C ILE B 59 -10.47 -32.10 16.97
N ILE B 60 -10.73 -31.46 18.09
CA ILE B 60 -12.05 -31.55 18.73
C ILE B 60 -12.49 -30.16 19.24
N GLY B 61 -13.77 -29.87 19.12
CA GLY B 61 -14.27 -28.61 19.63
C GLY B 61 -15.45 -28.18 18.82
N PRO B 62 -15.96 -27.01 19.09
CA PRO B 62 -17.21 -26.58 18.48
C PRO B 62 -17.21 -26.65 16.96
N CYS B 63 -18.39 -26.87 16.37
CA CYS B 63 -18.47 -26.79 14.93
C CYS B 63 -17.97 -25.42 14.55
N SER B 64 -18.42 -24.41 15.30
CA SER B 64 -18.06 -23.01 15.02
C SER B 64 -17.96 -22.20 16.31
N ILE B 65 -17.04 -21.26 16.35
CA ILE B 65 -16.97 -20.34 17.48
C ILE B 65 -17.85 -19.11 17.24
N HIS B 66 -18.87 -18.93 18.08
CA HIS B 66 -19.65 -17.72 18.08
C HIS B 66 -19.53 -16.92 19.36
N ASP B 67 -18.90 -17.50 20.37
CA ASP B 67 -18.67 -16.84 21.65
C ASP B 67 -17.32 -17.20 22.25
N PRO B 68 -16.44 -16.21 22.39
CA PRO B 68 -15.12 -16.39 23.00
C PRO B 68 -15.16 -16.88 24.44
N LYS B 69 -16.11 -16.41 25.23
CA LYS B 69 -16.20 -16.82 26.63
C LYS B 69 -16.48 -18.30 26.73
N ALA B 70 -17.59 -18.75 26.17
CA ALA B 70 -17.84 -20.21 26.12
C ALA B 70 -16.63 -20.95 25.56
N ALA B 71 -16.01 -20.40 24.52
CA ALA B 71 -14.84 -21.04 23.89
C ALA B 71 -13.71 -21.25 24.89
N LEU B 72 -13.44 -20.23 25.68
CA LEU B 72 -12.35 -20.34 26.61
C LEU B 72 -12.64 -21.34 27.72
N GLU B 73 -13.87 -21.35 28.20
CA GLU B 73 -14.23 -22.30 29.24
C GLU B 73 -14.09 -23.73 28.72
N TYR B 74 -14.55 -23.97 27.49
CA TYR B 74 -14.39 -25.26 26.84
C TYR B 74 -12.93 -25.69 26.82
N ALA B 75 -12.07 -24.76 26.49
CA ALA B 75 -10.64 -25.04 26.38
C ALA B 75 -10.02 -25.41 27.71
N GLU B 76 -10.44 -24.74 28.77
CA GLU B 76 -9.95 -25.01 30.14
C GLU B 76 -10.21 -26.45 30.44
N ARG B 77 -11.42 -26.92 30.20
CA ARG B 77 -11.73 -28.34 30.49
C ARG B 77 -10.95 -29.20 29.55
N LEU B 78 -10.97 -28.85 28.27
CA LEU B 78 -10.23 -29.64 27.32
C LEU B 78 -8.73 -29.69 27.65
N LEU B 79 -8.18 -28.61 28.24
CA LEU B 79 -6.77 -28.60 28.59
C LEU B 79 -6.41 -29.72 29.55
N LYS B 80 -7.26 -29.96 30.53
CA LYS B 80 -7.03 -31.04 31.49
C LYS B 80 -6.92 -32.39 30.80
N LEU B 81 -7.79 -32.65 29.86
CA LEU B 81 -7.77 -33.94 29.19
C LEU B 81 -6.59 -34.08 28.25
N ARG B 82 -6.18 -32.98 27.65
CA ARG B 82 -4.98 -32.94 26.82
C ARG B 82 -3.73 -33.38 27.58
N LYS B 83 -3.58 -32.86 28.81
CA LYS B 83 -2.50 -33.26 29.72
C LYS B 83 -2.72 -34.70 30.12
N GLN B 84 -3.94 -35.04 30.52
CA GLN B 84 -4.20 -36.35 31.05
C GLN B 84 -3.82 -37.41 30.02
N TYR B 85 -4.24 -37.22 28.77
CA TYR B 85 -4.02 -38.23 27.73
C TYR B 85 -2.83 -37.93 26.85
N GLU B 86 -1.87 -37.16 27.34
CA GLU B 86 -0.78 -36.69 26.50
C GLU B 86 0.16 -37.78 25.99
N ASN B 87 0.18 -38.96 26.61
CA ASN B 87 0.98 -40.07 26.11
C ASN B 87 0.26 -40.88 25.04
N GLU B 88 -1.05 -40.72 24.92
CA GLU B 88 -1.86 -41.48 23.96
C GLU B 88 -2.38 -40.64 22.82
N LEU B 89 -2.88 -39.46 23.18
CA LEU B 89 -3.53 -38.56 22.25
C LEU B 89 -2.80 -37.23 22.25
N LEU B 90 -2.68 -36.65 21.07
CA LEU B 90 -2.29 -35.25 20.91
C LEU B 90 -3.54 -34.44 20.68
N ILE B 91 -4.02 -33.72 21.69
CA ILE B 91 -5.29 -33.04 21.55
C ILE B 91 -5.09 -31.56 21.19
N VAL B 92 -5.88 -31.10 20.19
CA VAL B 92 -5.86 -29.74 19.72
C VAL B 92 -7.29 -29.21 19.53
N MET B 93 -7.50 -27.97 19.94
CA MET B 93 -8.83 -27.39 19.85
C MET B 93 -9.20 -26.96 18.44
N ARG B 94 -10.40 -27.38 18.04
CA ARG B 94 -11.08 -26.86 16.86
C ARG B 94 -11.47 -25.41 17.06
N VAL B 95 -10.96 -24.51 16.23
CA VAL B 95 -11.28 -23.11 16.37
C VAL B 95 -11.66 -22.54 15.02
N TYR B 96 -12.83 -22.97 14.54
CA TYR B 96 -13.34 -22.57 13.24
C TYR B 96 -14.28 -21.40 13.43
N PHE B 97 -14.13 -20.41 12.59
CA PHE B 97 -14.98 -19.23 12.74
C PHE B 97 -16.29 -19.27 11.93
N GLU B 98 -16.46 -20.30 11.09
CA GLU B 98 -17.73 -20.55 10.38
C GLU B 98 -17.94 -21.99 9.87
N LYS B 99 -19.18 -22.30 9.50
CA LYS B 99 -19.53 -23.39 8.58
C LYS B 99 -19.93 -22.69 7.28
N PRO B 100 -19.22 -23.01 6.18
CA PRO B 100 -19.72 -22.47 4.91
C PRO B 100 -21.21 -22.77 4.75
N ARG B 101 -21.97 -21.84 4.19
CA ARG B 101 -23.41 -22.05 4.06
C ARG B 101 -23.80 -21.45 2.73
N THR B 102 -24.45 -22.25 1.89
CA THR B 102 -24.77 -21.80 0.56
C THR B 102 -25.99 -20.90 0.63
N THR B 103 -25.74 -19.66 1.01
CA THR B 103 -26.68 -18.56 0.89
C THR B 103 -27.65 -18.43 2.04
N VAL B 104 -27.58 -19.33 3.00
CA VAL B 104 -28.49 -19.23 4.13
C VAL B 104 -27.77 -18.99 5.43
N GLY B 105 -28.05 -17.84 6.04
CA GLY B 105 -27.65 -17.58 7.44
C GLY B 105 -26.26 -16.99 7.81
N TRP B 106 -26.01 -16.95 9.11
CA TRP B 106 -24.83 -16.30 9.74
C TRP B 106 -23.49 -16.61 9.08
N LYS B 107 -22.76 -15.56 8.72
CA LYS B 107 -21.49 -15.70 7.98
C LYS B 107 -20.25 -15.98 8.88
N GLY B 108 -20.47 -16.34 10.14
CA GLY B 108 -19.36 -16.60 11.06
C GLY B 108 -18.83 -15.40 11.83
N LEU B 109 -17.89 -15.65 12.72
CA LEU B 109 -17.51 -14.69 13.74
C LEU B 109 -16.56 -13.62 13.20
N ILE B 110 -15.87 -13.93 12.10
CA ILE B 110 -14.93 -12.98 11.49
C ILE B 110 -15.71 -11.97 10.66
N ASN B 111 -16.62 -12.49 9.86
CA ASN B 111 -17.47 -11.62 9.08
C ASN B 111 -18.55 -10.92 9.86
N ASP B 112 -19.20 -11.62 10.81
CA ASP B 112 -20.33 -11.08 11.56
C ASP B 112 -20.06 -11.33 13.04
N PRO B 113 -19.09 -10.61 13.61
CA PRO B 113 -18.75 -10.83 15.00
C PRO B 113 -19.84 -10.47 15.99
N HIS B 114 -20.73 -9.55 15.64
CA HIS B 114 -21.80 -9.15 16.57
C HIS B 114 -23.03 -10.04 16.52
N LEU B 115 -23.07 -11.02 15.62
CA LEU B 115 -24.21 -11.94 15.51
C LEU B 115 -25.51 -11.15 15.28
N ASP B 116 -25.40 -10.04 14.56
CA ASP B 116 -26.53 -9.19 14.31
C ASP B 116 -26.74 -8.98 12.80
N GLY B 117 -26.06 -9.75 11.96
CA GLY B 117 -26.19 -9.61 10.52
C GLY B 117 -25.33 -8.51 9.88
N THR B 118 -24.77 -7.61 10.70
CA THR B 118 -23.82 -6.60 10.20
C THR B 118 -22.52 -7.28 9.82
N PHE B 119 -21.62 -6.50 9.21
CA PHE B 119 -20.31 -6.96 8.79
C PHE B 119 -19.36 -5.99 9.48
N ASP B 120 -18.35 -6.53 10.16
CA ASP B 120 -17.42 -5.78 10.98
C ASP B 120 -16.14 -6.58 11.08
N ILE B 121 -15.45 -6.69 9.94
CA ILE B 121 -14.34 -7.57 9.83
C ILE B 121 -13.12 -7.13 10.59
N ASN B 122 -12.90 -5.82 10.72
CA ASN B 122 -11.85 -5.32 11.58
C ASN B 122 -12.05 -5.83 12.99
N PHE B 123 -13.21 -5.59 13.57
CA PHE B 123 -13.51 -6.16 14.90
C PHE B 123 -13.36 -7.71 14.88
N GLY B 124 -13.82 -8.35 13.79
CA GLY B 124 -13.92 -9.81 13.73
C GLY B 124 -12.54 -10.46 13.73
N LEU B 125 -11.65 -9.93 12.88
CA LEU B 125 -10.26 -10.41 12.86
C LEU B 125 -9.56 -10.13 14.19
N ARG B 126 -9.81 -8.95 14.79
CA ARG B 126 -9.25 -8.66 16.12
C ARG B 126 -9.70 -9.69 17.13
N GLN B 127 -10.97 -10.08 17.09
CA GLN B 127 -11.50 -10.94 18.16
C GLN B 127 -10.97 -12.36 17.93
N ALA B 128 -10.80 -12.76 16.67
CA ALA B 128 -10.29 -14.07 16.39
C ALA B 128 -8.83 -14.21 16.83
N ARG B 129 -8.02 -13.19 16.57
CA ARG B 129 -6.65 -13.24 17.01
C ARG B 129 -6.57 -13.27 18.53
N SER B 130 -7.38 -12.46 19.18
CA SER B 130 -7.36 -12.41 20.66
C SER B 130 -7.59 -13.78 21.29
N LEU B 131 -8.67 -14.40 20.83
CA LEU B 131 -9.00 -15.74 21.25
C LEU B 131 -7.86 -16.74 21.04
N LEU B 132 -7.30 -16.72 19.85
CA LEU B 132 -6.23 -17.60 19.52
C LEU B 132 -5.02 -17.36 20.38
N LEU B 133 -4.72 -16.08 20.61
CA LEU B 133 -3.60 -15.74 21.45
C LEU B 133 -3.87 -16.22 22.87
N SER B 134 -5.08 -16.01 23.37
CA SER B 134 -5.36 -16.46 24.74
C SER B 134 -5.37 -18.01 24.86
N LEU B 135 -5.72 -18.73 23.79
CA LEU B 135 -5.81 -20.21 23.87
C LEU B 135 -4.41 -20.83 23.94
N ASN B 136 -3.53 -20.32 23.07
CA ASN B 136 -2.12 -20.72 23.03
C ASN B 136 -1.38 -20.31 24.31
N ASN B 137 -1.77 -19.21 24.94
CA ASN B 137 -1.14 -18.83 26.19
C ASN B 137 -1.58 -19.70 27.36
N MET B 138 -2.76 -20.32 27.29
CA MET B 138 -3.18 -21.15 28.42
C MET B 138 -2.60 -22.55 28.27
N GLY B 139 -1.92 -22.80 27.16
CA GLY B 139 -1.41 -24.12 26.78
C GLY B 139 -2.29 -24.95 25.85
N MET B 140 -3.33 -24.36 25.26
CA MET B 140 -4.18 -25.05 24.27
C MET B 140 -3.81 -24.68 22.84
N PRO B 141 -3.21 -25.62 22.08
CA PRO B 141 -3.02 -25.33 20.65
C PRO B 141 -4.36 -25.27 19.93
N ALA B 142 -4.35 -24.75 18.71
CA ALA B 142 -5.58 -24.46 17.98
C ALA B 142 -5.46 -24.87 16.52
N SER B 143 -6.59 -25.19 15.94
CA SER B 143 -6.69 -25.61 14.57
C SER B 143 -7.77 -24.79 13.97
N THR B 144 -7.70 -24.55 12.65
CA THR B 144 -8.73 -23.79 11.97
C THR B 144 -8.73 -24.16 10.48
N GLU B 145 -9.73 -23.68 9.76
CA GLU B 145 -9.88 -23.87 8.34
C GLU B 145 -9.55 -22.54 7.69
N PHE B 146 -8.59 -22.53 6.77
CA PHE B 146 -8.28 -21.33 6.02
C PHE B 146 -9.15 -21.25 4.77
N LEU B 147 -10.06 -20.28 4.75
CA LEU B 147 -11.06 -20.16 3.66
C LEU B 147 -10.65 -19.32 2.47
N ASP B 148 -9.82 -18.31 2.71
CA ASP B 148 -9.45 -17.38 1.65
C ASP B 148 -7.97 -17.05 1.76
N MET B 149 -7.51 -16.14 0.91
CA MET B 149 -6.09 -15.82 0.74
C MET B 149 -5.68 -14.58 1.50
N ILE B 150 -6.62 -13.93 2.16
CA ILE B 150 -6.31 -12.66 2.76
C ILE B 150 -6.25 -12.76 4.27
N THR B 151 -7.27 -13.37 4.88
CA THR B 151 -7.40 -13.41 6.32
C THR B 151 -6.37 -14.31 7.10
N PRO B 152 -5.85 -15.37 6.47
CA PRO B 152 -4.90 -16.20 7.24
C PRO B 152 -3.72 -15.40 7.79
N GLN B 153 -3.28 -14.41 7.05
CA GLN B 153 -2.17 -13.56 7.46
C GLN B 153 -2.44 -12.89 8.82
N TYR B 154 -3.68 -12.81 9.26
CA TYR B 154 -4.02 -12.12 10.49
C TYR B 154 -3.79 -12.98 11.74
N TYR B 155 -3.73 -14.31 11.56
CA TYR B 155 -3.57 -15.18 12.72
C TYR B 155 -2.92 -16.59 12.51
N ALA B 156 -2.35 -16.84 11.35
CA ALA B 156 -1.80 -18.16 11.02
C ALA B 156 -0.66 -18.50 11.98
N ASP B 157 0.03 -17.47 12.48
CA ASP B 157 1.15 -17.67 13.40
C ASP B 157 0.70 -18.36 14.72
N LEU B 158 -0.60 -18.32 14.98
CA LEU B 158 -1.19 -18.94 16.16
C LEU B 158 -1.84 -20.30 15.90
N ILE B 159 -1.67 -20.85 14.69
CA ILE B 159 -2.36 -22.07 14.31
C ILE B 159 -1.42 -23.27 14.16
N SER B 160 -1.78 -24.40 14.74
CA SER B 160 -0.87 -25.56 14.78
C SER B 160 -1.23 -26.60 13.72
N TRP B 161 -2.47 -26.56 13.24
CA TRP B 161 -2.94 -27.44 12.19
C TRP B 161 -4.10 -26.75 11.49
N GLY B 162 -4.07 -26.78 10.17
CA GLY B 162 -5.08 -26.17 9.35
C GLY B 162 -5.77 -27.18 8.46
N ALA B 163 -6.93 -26.77 7.99
CA ALA B 163 -7.68 -27.54 7.07
C ALA B 163 -8.11 -26.68 5.89
N ILE B 164 -8.11 -27.29 4.71
CA ILE B 164 -8.71 -26.72 3.55
C ILE B 164 -10.08 -27.37 3.41
N GLY B 165 -11.11 -26.52 3.25
CA GLY B 165 -12.49 -26.95 3.11
C GLY B 165 -12.74 -27.84 1.89
N ALA B 166 -13.66 -28.79 2.03
CA ALA B 166 -14.03 -29.72 0.96
C ALA B 166 -14.44 -28.92 -0.27
N ARG B 167 -14.99 -27.75 -0.04
CA ARG B 167 -15.46 -26.91 -1.11
C ARG B 167 -14.33 -26.28 -1.96
N THR B 168 -13.12 -26.22 -1.43
CA THR B 168 -12.01 -25.58 -2.10
C THR B 168 -10.82 -26.56 -2.23
N THR B 169 -11.08 -27.84 -2.04
CA THR B 169 -10.02 -28.82 -2.17
C THR B 169 -9.39 -28.83 -3.56
N GLU B 170 -10.20 -28.66 -4.60
CA GLU B 170 -9.74 -28.66 -5.98
C GLU B 170 -9.21 -27.27 -6.39
N SER B 171 -9.32 -26.31 -5.54
CA SER B 171 -9.00 -24.97 -5.99
C SER B 171 -7.47 -24.74 -5.96
N GLN B 172 -6.94 -24.41 -7.13
N GLN B 172 -6.93 -24.39 -7.12
CA GLN B 172 -5.51 -24.14 -7.35
CA GLN B 172 -5.49 -24.19 -7.26
C GLN B 172 -5.03 -23.09 -6.38
C GLN B 172 -5.02 -23.10 -6.33
N VAL B 173 -5.84 -22.05 -6.16
CA VAL B 173 -5.45 -20.95 -5.26
C VAL B 173 -5.43 -21.38 -3.79
N HIS B 174 -6.26 -22.34 -3.39
CA HIS B 174 -6.18 -22.81 -2.00
C HIS B 174 -5.04 -23.80 -1.85
N ARG B 175 -4.79 -24.58 -2.88
CA ARG B 175 -3.61 -25.45 -2.87
C ARG B 175 -2.31 -24.64 -2.71
N GLU B 176 -2.22 -23.50 -3.40
CA GLU B 176 -1.03 -22.66 -3.30
C GLU B 176 -0.94 -22.12 -1.87
N LEU B 177 -2.07 -21.65 -1.35
CA LEU B 177 -2.17 -21.18 0.04
C LEU B 177 -1.56 -22.17 1.01
N ALA B 178 -1.98 -23.43 0.90
CA ALA B 178 -1.47 -24.45 1.75
C ALA B 178 0.02 -24.63 1.57
N SER B 179 0.52 -24.53 0.34
CA SER B 179 1.96 -24.65 0.07
C SER B 179 2.89 -23.65 0.77
N GLY B 180 2.32 -22.51 1.21
CA GLY B 180 3.09 -21.47 1.95
C GLY B 180 2.79 -21.40 3.46
N LEU B 181 1.83 -22.19 3.94
CA LEU B 181 1.57 -22.29 5.38
C LEU B 181 2.65 -23.13 6.10
N SER B 182 2.98 -22.74 7.31
CA SER B 182 4.00 -23.41 8.09
C SER B 182 3.45 -24.48 9.04
N CYS B 183 2.15 -24.68 9.05
CA CYS B 183 1.55 -25.73 9.86
C CYS B 183 1.21 -26.91 8.97
N PRO B 184 1.03 -28.11 9.55
CA PRO B 184 0.52 -29.18 8.74
C PRO B 184 -0.87 -28.87 8.28
N VAL B 185 -1.26 -29.46 7.15
CA VAL B 185 -2.57 -29.23 6.57
C VAL B 185 -3.23 -30.52 6.08
N GLY B 186 -4.53 -30.60 6.31
CA GLY B 186 -5.33 -31.76 5.93
C GLY B 186 -6.35 -31.33 4.89
N PHE B 187 -6.58 -32.20 3.91
CA PHE B 187 -7.43 -31.96 2.76
C PHE B 187 -8.52 -33.04 2.72
N LYS B 188 -9.75 -32.65 2.43
CA LYS B 188 -10.87 -33.57 2.50
C LYS B 188 -11.16 -34.25 1.18
N ASN B 189 -11.42 -35.55 1.21
CA ASN B 189 -12.04 -36.18 0.07
C ASN B 189 -13.25 -35.31 -0.34
N GLY B 190 -13.70 -35.46 -1.57
CA GLY B 190 -14.68 -34.53 -2.12
C GLY B 190 -16.08 -34.82 -1.66
N THR B 191 -16.97 -33.88 -1.93
CA THR B 191 -18.35 -34.00 -1.50
C THR B 191 -18.97 -35.21 -2.19
N ASP B 192 -18.23 -35.84 -3.10
CA ASP B 192 -18.72 -37.03 -3.80
C ASP B 192 -18.29 -38.33 -3.12
N GLY B 193 -17.37 -38.26 -2.15
CA GLY B 193 -16.70 -39.46 -1.62
C GLY B 193 -15.34 -39.70 -2.24
N ASN B 194 -14.95 -38.76 -3.11
CA ASN B 194 -13.82 -38.87 -4.05
C ASN B 194 -12.49 -38.53 -3.39
N LEU B 195 -11.52 -39.45 -3.44
CA LEU B 195 -10.23 -39.25 -2.78
C LEU B 195 -9.11 -38.62 -3.68
N LYS B 196 -9.09 -38.96 -4.96
CA LYS B 196 -8.13 -38.40 -5.87
C LYS B 196 -7.89 -36.88 -5.66
N ILE B 197 -8.95 -36.09 -5.47
CA ILE B 197 -8.76 -34.66 -5.47
C ILE B 197 -8.00 -34.20 -4.25
N ALA B 198 -8.16 -34.91 -3.13
CA ALA B 198 -7.38 -34.67 -1.93
C ALA B 198 -5.90 -35.02 -2.10
N ILE B 199 -5.64 -36.12 -2.78
CA ILE B 199 -4.29 -36.61 -3.08
C ILE B 199 -3.52 -35.71 -4.08
N ASP B 200 -4.23 -35.26 -5.12
CA ASP B 200 -3.71 -34.23 -6.02
C ASP B 200 -3.35 -32.99 -5.21
N ALA B 201 -4.17 -32.67 -4.22
CA ALA B 201 -3.97 -31.45 -3.42
C ALA B 201 -2.70 -31.53 -2.61
N ILE B 202 -2.43 -32.70 -2.07
CA ILE B 202 -1.21 -32.90 -1.31
C ILE B 202 -0.06 -32.68 -2.29
N GLY B 203 -0.21 -33.22 -3.49
CA GLY B 203 0.81 -33.10 -4.53
C GLY B 203 1.16 -31.65 -4.72
N ALA B 204 0.14 -30.85 -5.06
CA ALA B 204 0.35 -29.46 -5.41
C ALA B 204 0.85 -28.69 -4.22
N ALA B 205 0.29 -28.96 -3.03
CA ALA B 205 0.68 -28.19 -1.83
C ALA B 205 2.07 -28.51 -1.32
N SER B 206 2.58 -29.70 -1.62
CA SER B 206 3.98 -29.99 -1.28
C SER B 206 4.98 -29.25 -2.15
N HIS B 207 4.61 -28.87 -3.38
CA HIS B 207 5.57 -28.16 -4.26
C HIS B 207 5.66 -26.69 -3.90
N SER B 208 6.69 -26.06 -4.43
CA SER B 208 6.89 -24.64 -4.35
C SER B 208 6.07 -23.91 -5.42
N HIS B 209 5.56 -22.73 -5.07
CA HIS B 209 4.72 -21.98 -5.98
C HIS B 209 5.09 -20.53 -6.01
N HIS B 210 4.95 -19.95 -7.20
CA HIS B 210 4.96 -18.51 -7.39
C HIS B 210 3.52 -18.07 -7.52
N ALA B 211 3.05 -17.32 -6.54
CA ALA B 211 1.65 -16.94 -6.49
C ALA B 211 1.55 -15.49 -6.08
N LEU B 212 0.32 -14.99 -6.13
CA LEU B 212 -0.01 -13.69 -5.57
C LEU B 212 -0.62 -13.86 -4.19
N SER B 213 -0.25 -12.97 -3.29
CA SER B 213 -0.81 -12.93 -1.96
C SER B 213 -0.76 -11.51 -1.48
N VAL B 214 -1.03 -11.31 -0.20
CA VAL B 214 -1.03 -10.00 0.40
C VAL B 214 -0.16 -10.05 1.63
N THR B 215 0.74 -9.08 1.75
CA THR B 215 1.73 -9.02 2.82
C THR B 215 1.04 -8.63 4.12
N LYS B 216 1.75 -8.78 5.23
CA LYS B 216 1.34 -8.24 6.52
C LYS B 216 1.04 -6.74 6.44
N ALA B 217 1.61 -6.03 5.49
CA ALA B 217 1.33 -4.62 5.38
C ALA B 217 0.03 -4.33 4.61
N GLY B 218 -0.63 -5.34 4.07
CA GLY B 218 -1.85 -5.07 3.31
C GLY B 218 -1.69 -4.73 1.83
N HIS B 219 -0.58 -5.20 1.25
CA HIS B 219 -0.26 -4.96 -0.14
C HIS B 219 -0.15 -6.26 -0.91
N SER B 220 -0.63 -6.27 -2.14
CA SER B 220 -0.50 -7.44 -3.00
C SER B 220 0.97 -7.59 -3.43
N ALA B 221 1.38 -8.85 -3.57
CA ALA B 221 2.77 -9.17 -3.86
C ALA B 221 2.95 -10.58 -4.38
N ILE B 222 4.12 -10.78 -4.97
CA ILE B 222 4.51 -12.09 -5.41
C ILE B 222 5.12 -12.84 -4.25
N VAL B 223 4.68 -14.07 -4.03
CA VAL B 223 5.35 -14.90 -3.05
C VAL B 223 5.81 -16.18 -3.70
N HIS B 224 7.02 -16.59 -3.29
CA HIS B 224 7.56 -17.88 -3.64
C HIS B 224 7.41 -18.75 -2.40
N THR B 225 6.50 -19.71 -2.45
CA THR B 225 6.27 -20.56 -1.29
C THR B 225 7.28 -21.69 -1.31
N GLY B 226 7.62 -22.19 -0.12
CA GLY B 226 8.61 -23.25 0.00
C GLY B 226 8.05 -24.67 -0.19
N GLY B 227 6.72 -24.81 -0.20
CA GLY B 227 6.09 -26.12 -0.22
C GLY B 227 5.81 -26.62 1.19
N ASN B 228 4.73 -27.35 1.35
CA ASN B 228 4.37 -27.83 2.66
C ASN B 228 4.49 -29.33 2.71
N PRO B 229 5.45 -29.83 3.51
CA PRO B 229 5.70 -31.28 3.48
C PRO B 229 4.71 -32.13 4.29
N ASP B 230 3.96 -31.50 5.18
CA ASP B 230 3.15 -32.21 6.16
C ASP B 230 1.66 -32.14 5.83
N CYS B 231 1.29 -32.34 4.57
CA CYS B 231 -0.12 -32.43 4.24
C CYS B 231 -0.63 -33.87 4.31
N HIS B 232 -1.93 -34.02 4.50
CA HIS B 232 -2.51 -35.36 4.56
C HIS B 232 -3.97 -35.28 4.25
N VAL B 233 -4.54 -36.45 4.04
CA VAL B 233 -5.94 -36.63 3.74
C VAL B 233 -6.83 -36.65 5.00
N ILE B 234 -8.09 -36.24 4.84
CA ILE B 234 -9.14 -36.37 5.83
C ILE B 234 -10.30 -37.17 5.21
N LEU B 235 -10.68 -38.31 5.79
CA LEU B 235 -11.84 -39.05 5.31
C LEU B 235 -13.11 -38.51 5.94
N ARG B 236 -14.05 -38.05 5.11
CA ARG B 236 -15.22 -37.34 5.64
C ARG B 236 -16.52 -37.75 4.96
N GLY B 237 -16.54 -38.94 4.42
CA GLY B 237 -17.76 -39.49 3.89
C GLY B 237 -17.97 -38.92 2.52
N GLY B 238 -18.86 -39.54 1.77
CA GLY B 238 -19.37 -38.97 0.56
C GLY B 238 -20.84 -39.27 0.58
N LYS B 239 -21.31 -39.91 -0.48
CA LYS B 239 -22.63 -40.47 -0.50
C LYS B 239 -22.65 -41.54 0.58
N GLU B 240 -21.53 -42.26 0.68
CA GLU B 240 -21.36 -43.32 1.67
C GLU B 240 -20.27 -43.02 2.69
N PRO B 241 -20.57 -43.25 3.96
CA PRO B 241 -19.62 -43.05 5.06
C PRO B 241 -18.33 -43.86 4.87
N ASN B 242 -17.17 -43.26 5.18
CA ASN B 242 -15.89 -43.89 4.83
C ASN B 242 -14.86 -43.99 5.95
N TYR B 243 -15.34 -44.32 7.15
CA TYR B 243 -14.48 -44.44 8.33
C TYR B 243 -14.00 -45.87 8.64
N ASP B 244 -14.60 -46.89 8.04
CA ASP B 244 -14.22 -48.27 8.45
C ASP B 244 -12.91 -48.78 7.86
N ALA B 245 -12.46 -49.88 8.45
CA ALA B 245 -11.27 -50.65 8.02
C ALA B 245 -11.09 -50.71 6.51
N GLU B 246 -12.17 -51.07 5.82
CA GLU B 246 -12.14 -51.32 4.38
C GLU B 246 -11.84 -50.03 3.66
N HIS B 247 -12.61 -49.00 3.95
CA HIS B 247 -12.34 -47.68 3.35
C HIS B 247 -10.91 -47.16 3.64
N VAL B 248 -10.47 -47.32 4.89
CA VAL B 248 -9.15 -46.89 5.30
C VAL B 248 -8.06 -47.63 4.56
N SER B 249 -8.23 -48.95 4.48
CA SER B 249 -7.34 -49.82 3.73
C SER B 249 -7.23 -49.39 2.28
N GLU B 250 -8.39 -49.26 1.63
CA GLU B 250 -8.48 -48.76 0.25
C GLU B 250 -7.87 -47.35 0.12
N ALA B 251 -8.14 -46.48 1.08
CA ALA B 251 -7.55 -45.11 1.03
C ALA B 251 -6.03 -45.10 1.04
N ALA B 252 -5.50 -45.86 2.00
CA ALA B 252 -4.06 -46.04 2.19
C ALA B 252 -3.35 -46.48 0.90
N GLU B 253 -3.93 -47.47 0.22
CA GLU B 253 -3.39 -47.99 -1.04
C GLU B 253 -3.22 -46.89 -2.06
N GLN B 254 -4.32 -46.23 -2.38
CA GLN B 254 -4.25 -45.05 -3.25
C GLN B 254 -3.15 -44.06 -2.85
N LEU B 255 -3.05 -43.79 -1.57
CA LEU B 255 -2.05 -42.86 -1.08
C LEU B 255 -0.65 -43.42 -1.38
N ARG B 256 -0.41 -44.67 -0.99
CA ARG B 256 0.90 -45.25 -1.29
C ARG B 256 1.16 -45.19 -2.79
N ALA B 257 0.18 -45.57 -3.61
CA ALA B 257 0.40 -45.62 -5.07
C ALA B 257 0.73 -44.23 -5.63
N ALA B 258 0.27 -43.17 -4.96
CA ALA B 258 0.64 -41.80 -5.36
C ALA B 258 1.97 -41.29 -4.76
N GLY B 259 2.65 -42.15 -4.00
CA GLY B 259 3.85 -41.77 -3.30
C GLY B 259 3.69 -40.68 -2.24
N VAL B 260 2.56 -40.63 -1.56
CA VAL B 260 2.35 -39.65 -0.46
C VAL B 260 2.03 -40.37 0.82
N THR B 261 2.09 -39.64 1.93
CA THR B 261 1.86 -40.24 3.23
C THR B 261 0.55 -41.03 3.29
N ASP B 262 0.63 -42.30 3.77
CA ASP B 262 -0.56 -43.14 3.93
C ASP B 262 -1.12 -43.07 5.34
N LYS B 263 -0.78 -42.00 6.06
CA LYS B 263 -1.33 -41.75 7.36
C LYS B 263 -2.39 -40.69 7.18
N LEU B 264 -3.59 -40.95 7.71
CA LEU B 264 -4.73 -40.10 7.47
C LEU B 264 -5.60 -39.82 8.69
N MET B 265 -6.64 -39.05 8.48
CA MET B 265 -7.45 -38.52 9.56
C MET B 265 -8.84 -38.88 9.14
N ILE B 266 -9.71 -39.05 10.10
CA ILE B 266 -11.05 -39.45 9.86
C ILE B 266 -11.95 -38.55 10.63
N ASP B 267 -12.91 -37.97 9.93
CA ASP B 267 -13.92 -37.16 10.53
C ASP B 267 -14.97 -38.07 11.14
N CYS B 268 -15.14 -37.98 12.45
CA CYS B 268 -16.23 -38.61 13.16
C CYS B 268 -17.56 -37.95 12.98
N SER B 269 -17.58 -36.66 12.59
CA SER B 269 -18.81 -35.87 12.45
C SER B 269 -19.34 -35.77 10.98
N HIS B 270 -20.35 -34.93 10.76
CA HIS B 270 -20.87 -34.63 9.43
C HIS B 270 -21.29 -35.93 8.76
N ALA B 271 -20.94 -36.14 7.48
CA ALA B 271 -21.46 -37.29 6.70
C ALA B 271 -21.13 -38.63 7.33
N ASN B 272 -19.94 -38.77 7.90
CA ASN B 272 -19.60 -40.04 8.54
C ASN B 272 -20.52 -40.31 9.70
N SER B 273 -20.97 -39.26 10.36
CA SER B 273 -21.95 -39.39 11.43
C SER B 273 -23.35 -39.39 10.85
N ARG B 274 -23.44 -39.25 9.53
CA ARG B 274 -24.71 -39.14 8.88
C ARG B 274 -25.39 -37.91 9.42
N LYS B 275 -24.58 -36.92 9.73
CA LYS B 275 -25.04 -35.61 10.17
C LYS B 275 -25.91 -35.71 11.39
N ASP B 276 -25.57 -36.65 12.27
CA ASP B 276 -26.29 -36.83 13.50
C ASP B 276 -25.26 -36.80 14.61
N TYR B 277 -25.36 -35.84 15.51
CA TYR B 277 -24.34 -35.67 16.52
C TYR B 277 -24.28 -36.83 17.48
N THR B 278 -25.37 -37.56 17.65
CA THR B 278 -25.43 -38.73 18.54
C THR B 278 -24.65 -39.94 18.00
N ARG B 279 -24.18 -39.85 16.75
CA ARG B 279 -23.44 -40.98 16.12
C ARG B 279 -21.91 -40.81 16.05
N GLN B 280 -21.41 -39.67 16.54
CA GLN B 280 -19.96 -39.43 16.58
C GLN B 280 -19.30 -40.51 17.37
N MET B 281 -19.97 -40.90 18.45
CA MET B 281 -19.45 -41.93 19.33
C MET B 281 -19.39 -43.29 18.62
N GLU B 282 -20.38 -43.55 17.78
CA GLU B 282 -20.41 -44.80 17.03
C GLU B 282 -19.14 -44.85 16.17
N VAL B 283 -18.89 -43.77 15.42
CA VAL B 283 -17.75 -43.75 14.54
C VAL B 283 -16.46 -43.88 15.37
N ALA B 284 -16.41 -43.22 16.52
CA ALA B 284 -15.25 -43.30 17.41
C ALA B 284 -15.00 -44.74 17.85
N GLN B 285 -16.07 -45.44 18.21
CA GLN B 285 -15.99 -46.87 18.57
C GLN B 285 -15.36 -47.69 17.47
N ASP B 286 -15.84 -47.48 16.26
CA ASP B 286 -15.30 -48.18 15.13
C ASP B 286 -13.82 -47.87 14.96
N ILE B 287 -13.41 -46.61 15.19
CA ILE B 287 -12.03 -46.22 15.01
C ILE B 287 -11.21 -46.90 16.11
N ALA B 288 -11.80 -46.94 17.30
CA ALA B 288 -11.16 -47.50 18.45
C ALA B 288 -10.88 -48.98 18.22
N ALA B 289 -11.85 -49.72 17.67
CA ALA B 289 -11.64 -51.16 17.38
C ALA B 289 -10.53 -51.33 16.31
N GLN B 290 -10.39 -50.35 15.42
CA GLN B 290 -9.34 -50.44 14.42
C GLN B 290 -7.98 -50.27 15.11
N LEU B 291 -7.89 -49.30 16.01
CA LEU B 291 -6.67 -49.10 16.75
C LEU B 291 -6.24 -50.33 17.57
N GLU B 292 -7.12 -50.86 18.41
CA GLU B 292 -6.87 -52.17 19.09
C GLU B 292 -6.35 -53.29 18.17
N GLN B 293 -6.94 -53.41 16.98
CA GLN B 293 -6.65 -54.53 16.11
C GLN B 293 -5.33 -54.32 15.33
N ASP B 294 -5.21 -53.16 14.72
CA ASP B 294 -4.06 -52.80 13.90
C ASP B 294 -4.14 -51.28 13.77
N GLY B 295 -4.92 -50.79 12.81
CA GLY B 295 -5.10 -49.36 12.62
C GLY B 295 -3.83 -48.58 12.31
N GLY B 296 -2.85 -49.25 11.68
CA GLY B 296 -1.58 -48.62 11.30
C GLY B 296 -1.70 -47.27 10.55
N ASN B 297 -2.74 -47.12 9.75
CA ASN B 297 -2.83 -45.97 8.85
C ASN B 297 -3.58 -44.77 9.40
N ILE B 298 -4.17 -44.91 10.60
CA ILE B 298 -4.85 -43.78 11.24
C ILE B 298 -3.91 -42.88 12.05
N MET B 299 -3.93 -41.58 11.78
CA MET B 299 -3.08 -40.68 12.54
C MET B 299 -3.86 -39.66 13.29
N GLY B 300 -5.16 -39.50 12.98
CA GLY B 300 -6.02 -38.71 13.80
C GLY B 300 -7.49 -38.71 13.47
N VAL B 301 -8.22 -37.97 14.30
CA VAL B 301 -9.65 -37.89 14.18
C VAL B 301 -10.11 -36.45 14.38
N MET B 302 -11.27 -36.13 13.79
CA MET B 302 -11.98 -34.86 14.01
C MET B 302 -13.28 -35.13 14.71
N VAL B 303 -13.61 -34.28 15.69
CA VAL B 303 -14.83 -34.41 16.49
C VAL B 303 -15.42 -33.04 16.74
N GLU B 304 -16.74 -32.92 16.65
CA GLU B 304 -17.44 -31.66 16.94
C GLU B 304 -18.11 -31.73 18.31
N SER B 305 -17.72 -30.83 19.20
CA SER B 305 -18.03 -30.98 20.63
C SER B 305 -18.09 -29.64 21.23
N HIS B 306 -18.99 -29.48 22.20
CA HIS B 306 -19.16 -28.20 22.88
C HIS B 306 -19.50 -28.44 24.36
N LEU B 307 -19.75 -27.39 25.12
CA LEU B 307 -20.06 -27.55 26.53
C LEU B 307 -21.36 -28.31 26.63
N VAL B 308 -22.33 -27.94 25.79
CA VAL B 308 -23.67 -28.55 25.79
C VAL B 308 -23.99 -29.14 24.41
N GLU B 309 -24.68 -30.27 24.39
CA GLU B 309 -25.01 -31.01 23.17
C GLU B 309 -26.12 -30.36 22.39
N GLY B 310 -26.14 -30.63 21.09
CA GLY B 310 -27.24 -30.20 20.22
C GLY B 310 -26.88 -28.93 19.44
N ARG B 311 -27.92 -28.19 19.07
CA ARG B 311 -27.78 -26.93 18.37
C ARG B 311 -28.99 -26.04 18.63
N GLN B 312 -28.85 -24.77 18.30
CA GLN B 312 -29.92 -23.80 18.46
C GLN B 312 -29.87 -22.85 17.27
N ASP B 313 -31.01 -22.28 16.87
CA ASP B 313 -31.00 -21.37 15.73
C ASP B 313 -30.36 -20.06 16.17
N LYS B 314 -30.68 -19.58 17.36
CA LYS B 314 -30.19 -18.28 17.80
C LYS B 314 -29.25 -18.51 18.99
N PRO B 315 -28.28 -17.60 19.21
CA PRO B 315 -27.30 -17.71 20.29
C PRO B 315 -27.88 -17.29 21.66
N GLU B 316 -28.82 -18.09 22.16
CA GLU B 316 -29.46 -17.84 23.43
C GLU B 316 -28.77 -18.55 24.58
N VAL B 317 -28.60 -19.86 24.40
CA VAL B 317 -28.00 -20.74 25.35
C VAL B 317 -26.48 -20.68 25.32
N TYR B 318 -25.87 -20.51 26.49
CA TYR B 318 -24.43 -20.49 26.66
C TYR B 318 -23.78 -21.83 26.27
N GLY B 319 -22.83 -21.78 25.34
CA GLY B 319 -22.03 -22.97 25.03
C GLY B 319 -22.77 -24.04 24.26
N LYS B 320 -23.68 -23.60 23.40
CA LYS B 320 -24.46 -24.50 22.56
C LYS B 320 -24.36 -24.06 21.11
N SER B 321 -23.91 -24.94 20.23
CA SER B 321 -23.65 -24.57 18.85
C SER B 321 -24.84 -23.89 18.20
N ILE B 322 -24.56 -22.91 17.35
CA ILE B 322 -25.56 -22.38 16.42
C ILE B 322 -25.33 -22.84 14.99
N THR B 323 -24.31 -23.67 14.76
CA THR B 323 -24.13 -24.32 13.46
C THR B 323 -24.41 -25.79 13.63
N ASP B 324 -23.51 -26.69 13.24
CA ASP B 324 -23.84 -28.12 13.36
C ASP B 324 -23.98 -28.49 14.82
N ALA B 325 -24.82 -29.48 15.06
CA ALA B 325 -25.02 -30.05 16.36
C ALA B 325 -23.74 -30.73 16.80
N CYS B 326 -23.49 -30.70 18.11
CA CYS B 326 -22.26 -31.13 18.69
C CYS B 326 -22.58 -32.05 19.83
N ILE B 327 -21.67 -32.92 20.18
CA ILE B 327 -21.84 -33.63 21.43
C ILE B 327 -21.50 -32.72 22.61
N GLY B 328 -22.12 -32.99 23.76
CA GLY B 328 -21.92 -32.19 24.97
C GLY B 328 -20.63 -32.56 25.69
N TRP B 329 -20.37 -31.89 26.79
CA TRP B 329 -19.14 -32.15 27.48
C TRP B 329 -19.05 -33.61 28.03
N GLY B 330 -20.12 -34.11 28.64
CA GLY B 330 -20.14 -35.48 29.17
C GLY B 330 -19.72 -36.51 28.14
N ALA B 331 -20.37 -36.46 26.99
CA ALA B 331 -20.09 -37.46 25.97
C ALA B 331 -18.65 -37.25 25.46
N THR B 332 -18.17 -36.00 25.48
CA THR B 332 -16.82 -35.69 25.04
C THR B 332 -15.79 -36.36 25.91
N GLU B 333 -16.01 -36.36 27.22
CA GLU B 333 -15.09 -37.04 28.11
C GLU B 333 -15.09 -38.56 27.84
N GLU B 334 -16.25 -39.11 27.57
CA GLU B 334 -16.33 -40.54 27.35
C GLU B 334 -15.59 -40.89 26.05
N LEU B 335 -15.78 -40.08 25.02
CA LEU B 335 -15.16 -40.37 23.74
C LEU B 335 -13.63 -40.29 23.80
N LEU B 336 -13.12 -39.24 24.41
CA LEU B 336 -11.69 -39.08 24.52
C LEU B 336 -11.06 -40.24 25.32
N ALA B 337 -11.79 -40.79 26.29
CA ALA B 337 -11.31 -41.82 27.17
C ALA B 337 -11.24 -43.13 26.42
N LEU B 338 -12.28 -43.38 25.64
CA LEU B 338 -12.32 -44.49 24.71
C LEU B 338 -11.16 -44.44 23.70
N LEU B 339 -10.84 -43.27 23.16
CA LEU B 339 -9.75 -43.18 22.19
C LEU B 339 -8.34 -43.31 22.82
N ALA B 340 -8.19 -42.79 24.03
CA ALA B 340 -6.95 -42.85 24.75
C ALA B 340 -6.62 -44.30 25.07
N GLY B 341 -7.65 -45.06 25.45
CA GLY B 341 -7.50 -46.44 25.87
C GLY B 341 -7.18 -47.32 24.70
N ALA B 342 -7.93 -47.16 23.62
CA ALA B 342 -7.60 -47.89 22.37
C ALA B 342 -6.20 -47.53 21.88
N ASN B 343 -5.84 -46.24 21.86
CA ASN B 343 -4.55 -45.91 21.31
C ASN B 343 -3.34 -46.33 22.20
N LYS B 344 -3.53 -46.39 23.50
CA LYS B 344 -2.50 -46.85 24.40
C LYS B 344 -2.15 -48.28 23.97
N LYS B 345 -3.17 -49.04 23.57
CA LYS B 345 -2.97 -50.42 23.15
C LYS B 345 -2.18 -50.53 21.84
N ARG B 346 -2.52 -49.69 20.89
CA ARG B 346 -1.81 -49.68 19.62
C ARG B 346 -0.35 -49.36 19.87
N MET B 347 -0.13 -48.33 20.68
CA MET B 347 1.22 -47.88 20.99
C MET B 347 2.09 -48.92 21.70
N ALA B 348 1.48 -49.80 22.50
CA ALA B 348 2.21 -50.86 23.20
C ALA B 348 2.53 -52.10 22.36
N ARG B 349 1.88 -52.29 21.21
CA ARG B 349 2.32 -53.36 20.29
C ARG B 349 3.63 -52.97 19.60
N GLU C 17 -4.93 9.51 -9.87
CA GLU C 17 -4.25 8.47 -9.03
C GLU C 17 -2.72 8.36 -9.17
N LEU C 18 -1.98 8.58 -8.09
CA LEU C 18 -0.49 8.62 -8.16
C LEU C 18 0.14 7.25 -8.31
N LEU C 19 0.99 7.12 -9.33
CA LEU C 19 1.71 5.88 -9.60
C LEU C 19 2.96 5.78 -8.75
N PRO C 20 3.25 4.58 -8.24
CA PRO C 20 4.45 4.48 -7.44
C PRO C 20 5.68 4.48 -8.30
N PRO C 21 6.82 4.82 -7.73
CA PRO C 21 8.05 4.73 -8.47
C PRO C 21 8.23 3.43 -9.24
N ILE C 22 7.90 2.29 -8.66
CA ILE C 22 8.11 0.99 -9.39
C ILE C 22 7.45 0.94 -10.76
N ALA C 23 6.33 1.63 -10.91
CA ALA C 23 5.69 1.73 -12.19
C ALA C 23 6.58 2.42 -13.20
N HIS C 24 7.22 3.52 -12.82
CA HIS C 24 8.10 4.22 -13.75
C HIS C 24 9.41 3.42 -13.94
N LEU C 25 9.92 2.77 -12.89
CA LEU C 25 11.11 1.93 -13.01
C LEU C 25 10.89 0.67 -13.88
N TYR C 26 9.64 0.21 -14.00
CA TYR C 26 9.40 -0.93 -14.86
C TYR C 26 9.46 -0.49 -16.33
N GLU C 27 8.86 0.67 -16.64
CA GLU C 27 8.84 1.17 -18.03
C GLU C 27 10.19 1.72 -18.48
N LEU C 28 10.93 2.31 -17.54
CA LEU C 28 12.17 3.01 -17.86
C LEU C 28 13.31 2.52 -16.97
N PRO C 29 13.64 1.23 -17.06
CA PRO C 29 14.69 0.74 -16.19
C PRO C 29 16.01 1.44 -16.47
N ILE C 30 16.83 1.61 -15.44
CA ILE C 30 18.14 2.18 -15.65
C ILE C 30 18.94 1.19 -16.47
N SER C 31 19.60 1.70 -17.51
CA SER C 31 20.46 0.93 -18.37
C SER C 31 21.80 0.70 -17.69
N LYS C 32 22.52 -0.36 -18.09
CA LYS C 32 23.90 -0.61 -17.66
C LYS C 32 24.81 0.60 -17.85
N GLU C 33 24.72 1.28 -18.99
CA GLU C 33 25.63 2.40 -19.25
C GLU C 33 25.32 3.61 -18.38
N ALA C 34 24.05 3.83 -18.08
CA ALA C 34 23.63 4.92 -17.23
C ALA C 34 24.06 4.59 -15.82
N SER C 35 23.78 3.37 -15.43
CA SER C 35 24.23 2.86 -14.16
C SER C 35 25.71 3.10 -13.89
N GLY C 36 26.55 2.83 -14.89
CA GLY C 36 28.00 3.03 -14.76
C GLY C 36 28.42 4.51 -14.78
N LEU C 37 27.70 5.35 -15.50
CA LEU C 37 28.00 6.76 -15.59
C LEU C 37 27.67 7.39 -14.25
N VAL C 38 26.56 7.00 -13.67
CA VAL C 38 26.15 7.57 -12.38
C VAL C 38 27.13 7.22 -11.27
N HIS C 39 27.41 5.95 -11.13
CA HIS C 39 28.37 5.42 -10.19
C HIS C 39 29.74 6.14 -10.30
N ARG C 40 30.30 6.11 -11.49
CA ARG C 40 31.61 6.68 -11.78
C ARG C 40 31.65 8.18 -11.39
N THR C 41 30.62 8.93 -11.82
CA THR C 41 30.58 10.39 -11.64
C THR C 41 30.38 10.76 -10.18
N ARG C 42 29.58 10.00 -9.45
CA ARG C 42 29.45 10.23 -8.00
C ARG C 42 30.78 10.00 -7.28
N GLN C 43 31.50 8.96 -7.67
CA GLN C 43 32.82 8.75 -7.08
C GLN C 43 33.75 9.91 -7.45
N GLU C 44 33.77 10.26 -8.73
CA GLU C 44 34.64 11.30 -9.22
C GLU C 44 34.39 12.60 -8.45
N ILE C 45 33.13 12.92 -8.20
CA ILE C 45 32.76 14.14 -7.46
C ILE C 45 33.16 13.98 -6.01
N SER C 46 32.98 12.79 -5.49
CA SER C 46 33.42 12.53 -4.14
C SER C 46 34.87 12.92 -3.99
N ASP C 47 35.71 12.61 -4.97
CA ASP C 47 37.14 12.88 -4.85
C ASP C 47 37.41 14.39 -4.86
N LEU C 48 36.51 15.15 -5.47
CA LEU C 48 36.61 16.60 -5.45
C LEU C 48 36.24 17.11 -4.10
N VAL C 49 35.18 16.56 -3.51
CA VAL C 49 34.69 17.03 -2.21
C VAL C 49 35.76 16.84 -1.13
N HIS C 50 36.50 15.75 -1.23
CA HIS C 50 37.51 15.40 -0.23
C HIS C 50 38.93 15.68 -0.65
N GLY C 51 39.10 16.33 -1.80
CA GLY C 51 40.41 16.82 -2.23
C GLY C 51 41.40 15.78 -2.72
N ARG C 52 40.90 14.62 -3.12
CA ARG C 52 41.74 13.62 -3.76
C ARG C 52 41.95 13.94 -5.25
N ASP C 53 41.12 14.82 -5.80
CA ASP C 53 41.25 15.25 -7.20
C ASP C 53 40.91 16.74 -7.28
N LYS C 54 41.59 17.44 -8.21
CA LYS C 54 41.58 18.90 -8.25
C LYS C 54 40.89 19.46 -9.49
N ARG C 55 40.30 18.60 -10.30
CA ARG C 55 39.47 19.04 -11.38
C ARG C 55 38.37 19.87 -10.75
N LEU C 56 37.78 20.75 -11.55
CA LEU C 56 36.72 21.67 -11.11
C LEU C 56 35.38 21.13 -11.57
N LEU C 57 34.47 20.90 -10.61
CA LEU C 57 33.13 20.43 -10.92
C LEU C 57 32.33 21.61 -11.45
N VAL C 58 31.67 21.43 -12.59
CA VAL C 58 30.88 22.48 -13.16
C VAL C 58 29.47 21.93 -13.36
N ILE C 59 28.54 22.44 -12.55
CA ILE C 59 27.12 22.26 -12.75
C ILE C 59 26.62 23.35 -13.68
N ILE C 60 26.19 22.99 -14.86
CA ILE C 60 25.88 24.01 -15.84
C ILE C 60 24.75 23.58 -16.71
N GLY C 61 23.86 24.52 -16.98
CA GLY C 61 22.75 24.28 -17.87
C GLY C 61 21.60 25.18 -17.48
N PRO C 62 20.42 24.90 -18.00
CA PRO C 62 19.33 25.87 -17.88
C PRO C 62 18.85 26.05 -16.46
N CYS C 63 18.22 27.20 -16.21
CA CYS C 63 17.69 27.50 -14.87
C CYS C 63 16.68 26.45 -14.55
N SER C 64 15.81 26.17 -15.53
CA SER C 64 14.81 25.14 -15.45
C SER C 64 14.68 24.46 -16.81
N ILE C 65 14.27 23.20 -16.80
CA ILE C 65 13.94 22.45 -18.02
C ILE C 65 12.44 22.58 -18.37
N HIS C 66 12.14 23.21 -19.49
CA HIS C 66 10.74 23.27 -19.91
C HIS C 66 10.46 22.51 -21.20
N ASP C 67 11.51 22.10 -21.89
CA ASP C 67 11.37 21.35 -23.12
C ASP C 67 12.44 20.27 -23.19
N PRO C 68 12.08 19.00 -23.23
CA PRO C 68 13.12 17.97 -23.37
C PRO C 68 13.86 18.04 -24.69
N LYS C 69 13.26 18.59 -25.73
CA LYS C 69 13.95 18.60 -27.01
C LYS C 69 15.15 19.52 -26.87
N ALA C 70 14.94 20.73 -26.36
CA ALA C 70 16.04 21.67 -26.23
C ALA C 70 17.09 21.14 -25.26
N ALA C 71 16.65 20.47 -24.21
CA ALA C 71 17.58 20.00 -23.19
C ALA C 71 18.52 18.98 -23.82
N LEU C 72 17.97 18.13 -24.69
CA LEU C 72 18.77 17.14 -25.41
C LEU C 72 19.76 17.76 -26.41
N GLU C 73 19.31 18.74 -27.16
CA GLU C 73 20.23 19.46 -28.03
C GLU C 73 21.30 20.15 -27.18
N TYR C 74 20.91 20.76 -26.06
CA TYR C 74 21.89 21.36 -25.16
C TYR C 74 22.88 20.31 -24.64
N ALA C 75 22.37 19.15 -24.24
CA ALA C 75 23.26 18.13 -23.66
C ALA C 75 24.28 17.69 -24.68
N GLU C 76 23.83 17.60 -25.93
CA GLU C 76 24.69 17.16 -27.00
C GLU C 76 25.81 18.13 -27.19
N ARG C 77 25.48 19.43 -27.20
CA ARG C 77 26.54 20.44 -27.29
C ARG C 77 27.44 20.40 -26.08
N LEU C 78 26.87 20.22 -24.90
CA LEU C 78 27.68 20.26 -23.69
C LEU C 78 28.64 19.07 -23.64
N LEU C 79 28.15 17.90 -24.06
CA LEU C 79 28.95 16.68 -24.02
C LEU C 79 30.28 16.84 -24.70
N LYS C 80 30.30 17.61 -25.78
CA LYS C 80 31.51 17.81 -26.53
C LYS C 80 32.52 18.63 -25.72
N LEU C 81 32.02 19.62 -24.97
CA LEU C 81 32.88 20.40 -24.09
C LEU C 81 33.25 19.58 -22.88
N ARG C 82 32.35 18.71 -22.46
CA ARG C 82 32.63 17.84 -21.33
C ARG C 82 33.88 17.04 -21.63
N LYS C 83 34.01 16.57 -22.88
CA LYS C 83 35.20 15.79 -23.30
C LYS C 83 36.43 16.64 -23.55
N GLN C 84 36.26 17.76 -24.20
CA GLN C 84 37.39 18.60 -24.54
C GLN C 84 38.12 18.94 -23.25
N TYR C 85 37.35 19.26 -22.20
CA TYR C 85 37.93 19.77 -20.98
C TYR C 85 38.01 18.71 -19.89
N GLU C 86 37.94 17.44 -20.27
CA GLU C 86 37.79 16.34 -19.28
C GLU C 86 38.95 16.24 -18.26
N ASN C 87 40.15 16.74 -18.58
CA ASN C 87 41.29 16.75 -17.61
C ASN C 87 41.32 17.95 -16.67
N GLU C 88 40.62 19.02 -17.03
CA GLU C 88 40.55 20.24 -16.21
C GLU C 88 39.21 20.35 -15.45
N LEU C 89 38.10 19.99 -16.12
CA LEU C 89 36.77 20.13 -15.59
C LEU C 89 36.00 18.84 -15.60
N LEU C 90 35.13 18.67 -14.62
CA LEU C 90 34.14 17.62 -14.57
C LEU C 90 32.77 18.30 -14.82
N ILE C 91 32.31 18.22 -16.04
CA ILE C 91 31.09 18.90 -16.47
C ILE C 91 29.89 17.95 -16.31
N VAL C 92 28.92 18.42 -15.54
CA VAL C 92 27.68 17.72 -15.26
C VAL C 92 26.55 18.69 -15.60
N MET C 93 25.54 18.25 -16.32
CA MET C 93 24.42 19.13 -16.68
C MET C 93 23.43 19.34 -15.51
N ARG C 94 22.93 20.57 -15.48
CA ARG C 94 21.89 21.05 -14.58
C ARG C 94 20.57 20.64 -15.18
N VAL C 95 19.81 19.81 -14.47
CA VAL C 95 18.52 19.36 -14.90
C VAL C 95 17.52 19.60 -13.76
N TYR C 96 17.22 20.87 -13.56
CA TYR C 96 16.27 21.26 -12.55
C TYR C 96 14.91 21.38 -13.24
N PHE C 97 13.85 20.97 -12.57
CA PHE C 97 12.56 20.99 -13.21
C PHE C 97 11.71 22.21 -12.87
N GLU C 98 12.14 23.00 -11.89
CA GLU C 98 11.46 24.23 -11.52
C GLU C 98 12.41 25.25 -10.93
N LYS C 99 11.99 26.53 -10.93
CA LYS C 99 12.56 27.55 -10.00
C LYS C 99 11.51 27.71 -8.92
N PRO C 100 11.88 27.54 -7.64
CA PRO C 100 10.85 27.74 -6.64
C PRO C 100 10.46 29.22 -6.65
N ARG C 101 9.17 29.50 -6.87
CA ARG C 101 8.69 30.89 -6.90
C ARG C 101 7.80 31.16 -5.69
N THR C 102 8.10 32.23 -4.94
CA THR C 102 7.24 32.66 -3.81
C THR C 102 6.01 33.50 -4.24
N THR C 103 5.58 33.35 -5.50
CA THR C 103 4.40 34.02 -6.04
C THR C 103 3.79 33.12 -7.12
N VAL C 104 2.62 33.52 -7.63
CA VAL C 104 2.00 32.85 -8.79
C VAL C 104 3.01 32.75 -9.93
N GLY C 105 2.89 31.66 -10.71
CA GLY C 105 3.86 31.35 -11.77
C GLY C 105 3.92 29.85 -12.03
N TRP C 106 4.52 29.49 -13.17
CA TRP C 106 4.60 28.09 -13.62
C TRP C 106 5.25 27.21 -12.56
N LYS C 107 4.62 26.08 -12.27
CA LYS C 107 5.12 25.21 -11.21
C LYS C 107 6.18 24.21 -11.65
N GLY C 108 6.67 24.34 -12.87
CA GLY C 108 7.74 23.48 -13.35
C GLY C 108 7.27 22.23 -14.11
N LEU C 109 8.23 21.54 -14.73
CA LEU C 109 7.90 20.44 -15.63
C LEU C 109 7.37 19.17 -14.95
N ILE C 110 7.66 18.99 -13.67
CA ILE C 110 7.08 17.82 -12.98
C ILE C 110 5.61 18.03 -12.61
N ASN C 111 5.30 19.19 -12.06
CA ASN C 111 3.94 19.49 -11.68
C ASN C 111 3.06 19.85 -12.85
N ASP C 112 3.57 20.71 -13.73
CA ASP C 112 2.84 21.21 -14.86
C ASP C 112 3.61 20.92 -16.16
N PRO C 113 3.66 19.65 -16.56
CA PRO C 113 4.42 19.24 -17.74
C PRO C 113 3.87 19.76 -19.06
N HIS C 114 2.60 20.09 -19.10
CA HIS C 114 1.98 20.51 -20.34
C HIS C 114 2.05 22.05 -20.55
N LEU C 115 2.51 22.78 -19.53
CA LEU C 115 2.74 24.24 -19.56
C LEU C 115 1.44 25.03 -19.70
N ASP C 116 0.36 24.51 -19.12
CA ASP C 116 -0.98 25.09 -19.27
C ASP C 116 -1.68 25.26 -17.91
N GLY C 117 -0.91 25.21 -16.83
CA GLY C 117 -1.48 25.18 -15.47
C GLY C 117 -2.14 23.86 -15.07
N THR C 118 -2.18 22.90 -15.96
CA THR C 118 -2.58 21.57 -15.55
C THR C 118 -1.62 21.00 -14.50
N PHE C 119 -2.14 20.09 -13.70
CA PHE C 119 -1.33 19.28 -12.83
C PHE C 119 -1.49 17.84 -13.34
N ASP C 120 -0.39 17.19 -13.71
CA ASP C 120 -0.44 15.86 -14.36
C ASP C 120 0.85 15.21 -13.94
N ILE C 121 0.90 14.85 -12.67
CA ILE C 121 2.14 14.50 -12.04
C ILE C 121 2.69 13.19 -12.56
N ASN C 122 1.81 12.26 -12.89
CA ASN C 122 2.25 11.02 -13.51
C ASN C 122 2.99 11.27 -14.81
N PHE C 123 2.42 12.10 -15.69
CA PHE C 123 3.07 12.36 -16.95
C PHE C 123 4.38 13.08 -16.66
N GLY C 124 4.37 13.97 -15.68
CA GLY C 124 5.57 14.81 -15.42
C GLY C 124 6.74 14.02 -14.85
N LEU C 125 6.43 13.07 -13.99
CA LEU C 125 7.50 12.22 -13.42
C LEU C 125 8.04 11.28 -14.50
N ARG C 126 7.16 10.68 -15.29
CA ARG C 126 7.58 9.84 -16.40
C ARG C 126 8.50 10.59 -17.35
N GLN C 127 8.13 11.81 -17.72
CA GLN C 127 8.91 12.64 -18.64
C GLN C 127 10.23 13.04 -18.04
N ALA C 128 10.24 13.30 -16.73
CA ALA C 128 11.49 13.65 -16.07
C ALA C 128 12.45 12.44 -16.05
N ARG C 129 11.91 11.25 -15.79
CA ARG C 129 12.79 10.08 -15.71
C ARG C 129 13.33 9.79 -17.09
N SER C 130 12.49 9.98 -18.09
CA SER C 130 12.89 9.70 -19.47
C SER C 130 14.02 10.62 -19.95
N LEU C 131 13.87 11.92 -19.74
CA LEU C 131 14.91 12.85 -20.08
C LEU C 131 16.22 12.43 -19.38
N LEU C 132 16.13 12.23 -18.08
CA LEU C 132 17.27 11.85 -17.30
C LEU C 132 17.92 10.55 -17.76
N LEU C 133 17.12 9.54 -18.15
CA LEU C 133 17.70 8.30 -18.67
C LEU C 133 18.37 8.54 -20.04
N SER C 134 17.71 9.31 -20.90
CA SER C 134 18.29 9.70 -22.18
C SER C 134 19.64 10.42 -22.04
N LEU C 135 19.76 11.25 -20.99
CA LEU C 135 20.96 12.06 -20.85
C LEU C 135 22.12 11.17 -20.40
N ASN C 136 21.86 10.34 -19.40
CA ASN C 136 22.88 9.39 -18.93
C ASN C 136 23.30 8.42 -20.05
N ASN C 137 22.36 7.95 -20.84
CA ASN C 137 22.65 7.04 -21.98
C ASN C 137 23.53 7.64 -23.05
N MET C 138 23.36 8.94 -23.30
CA MET C 138 24.19 9.61 -24.31
C MET C 138 25.57 9.98 -23.76
N GLY C 139 25.75 9.87 -22.45
CA GLY C 139 27.04 10.07 -21.82
C GLY C 139 27.16 11.34 -21.00
N MET C 140 26.05 12.00 -20.69
CA MET C 140 26.06 13.23 -19.91
C MET C 140 25.41 12.99 -18.55
N PRO C 141 26.18 13.04 -17.45
CA PRO C 141 25.60 12.98 -16.11
C PRO C 141 24.73 14.17 -15.83
N ALA C 142 23.91 14.04 -14.78
CA ALA C 142 22.82 14.94 -14.49
C ALA C 142 22.84 15.29 -13.03
N SER C 143 22.45 16.54 -12.76
CA SER C 143 22.29 17.03 -11.41
C SER C 143 20.91 17.61 -11.29
N THR C 144 20.41 17.68 -10.06
CA THR C 144 19.10 18.27 -9.81
C THR C 144 18.92 18.74 -8.35
N GLU C 145 17.82 19.43 -8.10
CA GLU C 145 17.48 19.89 -6.75
C GLU C 145 16.40 18.99 -6.24
N PHE C 146 16.58 18.42 -5.07
CA PHE C 146 15.54 17.58 -4.50
C PHE C 146 14.69 18.42 -3.58
N LEU C 147 13.47 18.71 -3.98
CA LEU C 147 12.62 19.67 -3.28
C LEU C 147 11.63 19.08 -2.24
N ASP C 148 11.42 17.76 -2.27
CA ASP C 148 10.48 17.09 -1.34
C ASP C 148 10.88 15.62 -1.08
N MET C 149 10.14 14.94 -0.22
CA MET C 149 10.52 13.64 0.28
C MET C 149 9.97 12.52 -0.56
N ILE C 150 9.08 12.84 -1.50
CA ILE C 150 8.41 11.82 -2.28
C ILE C 150 8.88 11.65 -3.72
N THR C 151 9.22 12.72 -4.40
CA THR C 151 9.57 12.59 -5.81
C THR C 151 10.93 12.05 -6.14
N PRO C 152 11.93 12.25 -5.25
CA PRO C 152 13.27 11.75 -5.59
C PRO C 152 13.38 10.26 -5.91
N GLN C 153 12.62 9.43 -5.21
CA GLN C 153 12.58 8.00 -5.48
C GLN C 153 12.37 7.67 -6.96
N TYR C 154 11.67 8.53 -7.67
CA TYR C 154 11.28 8.27 -9.03
C TYR C 154 12.47 8.37 -9.99
N TYR C 155 13.55 9.08 -9.60
CA TYR C 155 14.68 9.21 -10.49
C TYR C 155 16.04 9.47 -9.87
N ALA C 156 16.15 9.36 -8.55
CA ALA C 156 17.40 9.60 -7.87
C ALA C 156 18.53 8.76 -8.39
N ASP C 157 18.18 7.56 -8.85
CA ASP C 157 19.13 6.62 -9.41
C ASP C 157 19.82 7.14 -10.62
N LEU C 158 19.22 8.13 -11.26
CA LEU C 158 19.78 8.73 -12.46
C LEU C 158 20.59 10.02 -12.20
N ILE C 159 20.80 10.37 -10.93
CA ILE C 159 21.42 11.64 -10.54
C ILE C 159 22.82 11.46 -9.88
N SER C 160 23.78 12.26 -10.35
CA SER C 160 25.18 12.23 -9.93
C SER C 160 25.56 13.28 -8.89
N TRP C 161 24.78 14.35 -8.83
CA TRP C 161 24.96 15.41 -7.83
C TRP C 161 23.62 16.04 -7.59
N GLY C 162 23.30 16.28 -6.32
CA GLY C 162 22.04 16.92 -5.97
C GLY C 162 22.22 18.16 -5.14
N ALA C 163 21.22 19.03 -5.17
CA ALA C 163 21.19 20.20 -4.31
C ALA C 163 19.94 20.23 -3.43
N ILE C 164 20.09 20.78 -2.23
CA ILE C 164 18.97 21.08 -1.39
C ILE C 164 18.72 22.58 -1.57
N GLY C 165 17.46 22.97 -1.74
CA GLY C 165 17.12 24.38 -1.96
C GLY C 165 17.53 25.30 -0.81
N ALA C 166 17.89 26.53 -1.15
CA ALA C 166 18.16 27.56 -0.13
C ALA C 166 17.00 27.73 0.86
N ARG C 167 15.80 27.44 0.40
CA ARG C 167 14.60 27.55 1.19
C ARG C 167 14.37 26.39 2.16
N THR C 168 15.17 25.33 2.04
CA THR C 168 14.97 24.11 2.77
C THR C 168 16.24 23.58 3.45
N THR C 169 17.32 24.36 3.38
CA THR C 169 18.60 23.96 3.91
C THR C 169 18.51 23.77 5.44
N GLU C 170 17.75 24.62 6.11
CA GLU C 170 17.45 24.47 7.55
C GLU C 170 16.44 23.37 7.90
N SER C 171 15.67 22.91 6.93
CA SER C 171 14.60 21.95 7.20
C SER C 171 15.14 20.58 7.56
N GLN C 172 14.86 20.16 8.79
CA GLN C 172 15.32 18.87 9.30
C GLN C 172 14.98 17.72 8.37
N VAL C 173 13.80 17.76 7.80
CA VAL C 173 13.36 16.66 6.95
C VAL C 173 14.14 16.58 5.65
N HIS C 174 14.63 17.72 5.17
CA HIS C 174 15.42 17.75 3.94
C HIS C 174 16.83 17.34 4.24
N ARG C 175 17.23 17.52 5.49
CA ARG C 175 18.56 17.07 5.90
C ARG C 175 18.55 15.57 6.06
N GLU C 176 17.44 15.02 6.53
CA GLU C 176 17.29 13.56 6.65
C GLU C 176 17.33 12.93 5.27
N LEU C 177 16.64 13.56 4.33
CA LEU C 177 16.65 13.13 2.94
C LEU C 177 18.06 13.08 2.35
N ALA C 178 18.87 14.11 2.60
CA ALA C 178 20.22 14.10 2.06
C ALA C 178 21.01 12.97 2.64
N SER C 179 20.76 12.67 3.91
CA SER C 179 21.50 11.60 4.58
C SER C 179 21.21 10.24 3.97
N GLY C 180 20.09 10.14 3.27
CA GLY C 180 19.72 8.90 2.60
C GLY C 180 20.13 8.82 1.12
N LEU C 181 20.63 9.91 0.55
CA LEU C 181 20.95 9.87 -0.87
C LEU C 181 22.30 9.23 -1.09
N SER C 182 22.47 8.59 -2.23
CA SER C 182 23.75 8.00 -2.57
C SER C 182 24.60 8.91 -3.49
N CYS C 183 24.21 10.16 -3.68
CA CYS C 183 25.01 11.11 -4.43
C CYS C 183 25.45 12.19 -3.50
N PRO C 184 26.57 12.82 -3.81
CA PRO C 184 26.94 14.00 -3.09
C PRO C 184 25.82 15.02 -3.17
N VAL C 185 25.74 15.86 -2.16
CA VAL C 185 24.79 16.88 -2.12
C VAL C 185 25.44 18.18 -1.72
N GLY C 186 24.96 19.27 -2.33
CA GLY C 186 25.35 20.62 -1.97
C GLY C 186 24.28 21.33 -1.16
N PHE C 187 24.71 22.07 -0.15
CA PHE C 187 23.81 22.86 0.67
C PHE C 187 24.18 24.33 0.52
N LYS C 188 23.18 25.16 0.32
CA LYS C 188 23.35 26.58 0.07
C LYS C 188 23.37 27.43 1.35
N ASN C 189 24.16 28.50 1.35
CA ASN C 189 24.09 29.49 2.43
C ASN C 189 22.75 30.21 2.40
N GLY C 190 22.34 30.78 3.51
CA GLY C 190 21.00 31.35 3.63
C GLY C 190 20.89 32.65 2.90
N THR C 191 19.69 32.95 2.39
CA THR C 191 19.43 34.23 1.73
C THR C 191 20.02 35.38 2.56
N ASP C 192 20.11 35.17 3.87
CA ASP C 192 20.81 36.10 4.77
C ASP C 192 22.25 36.43 4.40
N GLY C 193 22.93 35.53 3.68
CA GLY C 193 24.41 35.46 3.65
C GLY C 193 24.91 34.36 4.59
N ASN C 194 23.97 33.79 5.33
CA ASN C 194 24.21 32.86 6.46
C ASN C 194 24.89 31.55 6.04
N LEU C 195 26.11 31.33 6.50
CA LEU C 195 26.79 30.05 6.23
C LEU C 195 26.57 28.95 7.27
N LYS C 196 26.23 29.30 8.50
CA LYS C 196 26.09 28.29 9.54
C LYS C 196 25.04 27.22 9.18
N ILE C 197 23.95 27.61 8.56
CA ILE C 197 22.89 26.64 8.26
C ILE C 197 23.36 25.56 7.29
N ALA C 198 24.25 25.90 6.37
CA ALA C 198 24.76 24.93 5.41
C ALA C 198 25.78 24.03 6.08
N ILE C 199 26.58 24.61 6.95
CA ILE C 199 27.53 23.85 7.74
C ILE C 199 26.78 22.87 8.68
N ASP C 200 25.72 23.36 9.35
CA ASP C 200 24.88 22.52 10.22
C ASP C 200 24.26 21.41 9.41
N ALA C 201 23.79 21.76 8.22
CA ALA C 201 23.13 20.81 7.35
C ALA C 201 24.06 19.70 6.90
N ILE C 202 25.30 20.02 6.56
CA ILE C 202 26.28 18.99 6.26
C ILE C 202 26.43 18.13 7.50
N GLY C 203 26.49 18.80 8.65
CA GLY C 203 26.56 18.12 9.94
C GLY C 203 25.51 17.04 9.97
N ALA C 204 24.27 17.47 9.84
CA ALA C 204 23.14 16.57 9.99
C ALA C 204 23.11 15.51 8.89
N ALA C 205 23.39 15.92 7.65
CA ALA C 205 23.30 14.98 6.51
C ALA C 205 24.34 13.86 6.57
N SER C 206 25.44 14.10 7.26
CA SER C 206 26.48 13.09 7.39
C SER C 206 26.13 11.98 8.40
N HIS C 207 25.14 12.22 9.27
CA HIS C 207 24.74 11.25 10.31
C HIS C 207 23.66 10.32 9.83
N SER C 208 23.61 9.15 10.44
CA SER C 208 22.51 8.21 10.29
C SER C 208 21.25 8.77 10.93
N HIS C 209 20.12 8.56 10.26
CA HIS C 209 18.82 8.97 10.76
C HIS C 209 17.79 7.88 10.62
N HIS C 210 16.85 7.88 11.55
CA HIS C 210 15.68 7.05 11.47
C HIS C 210 14.51 7.96 11.07
N ALA C 211 14.26 8.06 9.77
CA ALA C 211 13.21 8.91 9.29
C ALA C 211 12.07 8.11 8.68
N LEU C 212 10.98 8.83 8.44
CA LEU C 212 9.83 8.35 7.72
C LEU C 212 9.92 8.84 6.31
N SER C 213 9.64 7.94 5.37
CA SER C 213 9.71 8.23 3.97
C SER C 213 8.74 7.31 3.23
N VAL C 214 8.82 7.33 1.90
CA VAL C 214 7.93 6.55 1.06
C VAL C 214 8.71 5.60 0.20
N THR C 215 8.31 4.33 0.19
CA THR C 215 9.08 3.28 -0.47
C THR C 215 8.91 3.36 -1.97
N LYS C 216 9.69 2.57 -2.70
CA LYS C 216 9.50 2.42 -4.14
C LYS C 216 8.10 1.94 -4.49
N ALA C 217 7.46 1.21 -3.60
CA ALA C 217 6.11 0.73 -3.87
C ALA C 217 5.00 1.73 -3.52
N GLY C 218 5.36 2.92 -3.06
CA GLY C 218 4.38 3.95 -2.80
C GLY C 218 3.81 3.94 -1.40
N HIS C 219 4.49 3.29 -0.44
CA HIS C 219 3.93 3.16 0.92
C HIS C 219 4.80 3.93 1.85
N SER C 220 4.22 4.48 2.91
CA SER C 220 5.02 5.13 3.96
C SER C 220 5.75 4.07 4.74
N ALA C 221 6.96 4.41 5.19
CA ALA C 221 7.76 3.48 5.97
C ALA C 221 8.88 4.16 6.73
N ILE C 222 9.40 3.40 7.69
CA ILE C 222 10.58 3.77 8.44
C ILE C 222 11.79 3.36 7.63
N VAL C 223 12.71 4.29 7.38
CA VAL C 223 14.01 3.98 6.78
C VAL C 223 15.14 4.39 7.72
N HIS C 224 16.19 3.58 7.77
CA HIS C 224 17.41 3.90 8.50
C HIS C 224 18.42 4.27 7.41
N THR C 225 18.80 5.54 7.37
CA THR C 225 19.75 6.03 6.40
C THR C 225 21.14 5.79 6.93
N GLY C 226 22.10 5.67 6.02
CA GLY C 226 23.48 5.30 6.35
C GLY C 226 24.40 6.50 6.58
N GLY C 227 23.94 7.70 6.21
CA GLY C 227 24.75 8.90 6.33
C GLY C 227 25.25 9.21 4.94
N ASN C 228 25.40 10.49 4.64
CA ASN C 228 25.92 10.89 3.35
C ASN C 228 27.18 11.65 3.62
N PRO C 229 28.35 11.05 3.28
CA PRO C 229 29.63 11.63 3.67
C PRO C 229 30.15 12.66 2.65
N ASP C 230 29.50 12.73 1.50
CA ASP C 230 30.00 13.56 0.41
C ASP C 230 29.17 14.83 0.29
N CYS C 231 28.81 15.47 1.41
CA CYS C 231 28.08 16.76 1.32
C CYS C 231 29.05 17.90 1.39
N HIS C 232 28.61 19.06 0.90
CA HIS C 232 29.45 20.25 0.90
C HIS C 232 28.62 21.49 0.70
N VAL C 233 29.27 22.64 0.84
CA VAL C 233 28.62 23.92 0.86
C VAL C 233 28.60 24.59 -0.54
N ILE C 234 27.59 25.45 -0.76
CA ILE C 234 27.44 26.26 -1.95
C ILE C 234 27.27 27.73 -1.59
N LEU C 235 28.19 28.58 -2.06
CA LEU C 235 28.14 30.04 -1.81
C LEU C 235 27.30 30.74 -2.87
N ARG C 236 26.19 31.35 -2.46
CA ARG C 236 25.27 31.94 -3.44
C ARG C 236 24.79 33.37 -3.13
N GLY C 237 25.60 34.07 -2.35
CA GLY C 237 25.42 35.47 -2.12
C GLY C 237 24.50 35.86 -0.99
N GLY C 238 24.43 37.16 -0.77
CA GLY C 238 23.65 37.78 0.28
C GLY C 238 22.33 38.32 -0.23
N LYS C 239 21.96 39.53 0.19
CA LYS C 239 22.88 40.49 0.78
C LYS C 239 23.94 40.85 -0.25
N GLU C 240 25.21 40.66 0.08
CA GLU C 240 26.29 40.96 -0.84
C GLU C 240 26.87 39.69 -1.41
N PRO C 241 27.30 39.76 -2.66
CA PRO C 241 27.96 38.61 -3.32
C PRO C 241 29.09 37.98 -2.51
N ASN C 242 29.25 36.66 -2.60
CA ASN C 242 30.24 36.00 -1.76
C ASN C 242 31.13 34.99 -2.47
N TYR C 243 31.53 35.33 -3.69
CA TYR C 243 32.37 34.47 -4.52
C TYR C 243 33.84 34.78 -4.44
N ASP C 244 34.21 35.99 -4.01
CA ASP C 244 35.61 36.38 -4.04
C ASP C 244 36.47 35.65 -3.00
N ALA C 245 37.78 35.83 -3.12
CA ALA C 245 38.75 35.12 -2.29
C ALA C 245 38.56 35.42 -0.83
N GLU C 246 38.25 36.67 -0.51
CA GLU C 246 38.05 37.05 0.88
C GLU C 246 36.90 36.25 1.48
N HIS C 247 35.74 36.24 0.81
CA HIS C 247 34.60 35.42 1.26
C HIS C 247 34.92 33.91 1.24
N VAL C 248 35.67 33.49 0.24
CA VAL C 248 36.03 32.09 0.13
C VAL C 248 36.89 31.63 1.29
N SER C 249 37.93 32.39 1.57
CA SER C 249 38.85 32.09 2.66
C SER C 249 38.13 32.00 4.00
N GLU C 250 37.13 32.86 4.17
CA GLU C 250 36.37 32.95 5.40
C GLU C 250 35.48 31.72 5.60
N ALA C 251 34.96 31.20 4.48
CA ALA C 251 34.05 30.08 4.53
C ALA C 251 34.82 28.87 4.95
N ALA C 252 35.96 28.67 4.29
CA ALA C 252 36.90 27.59 4.61
C ALA C 252 37.31 27.54 6.09
N GLU C 253 37.58 28.69 6.71
CA GLU C 253 37.95 28.70 8.15
C GLU C 253 36.82 28.11 9.00
N GLN C 254 35.57 28.45 8.65
CA GLN C 254 34.44 28.01 9.45
C GLN C 254 34.20 26.55 9.23
N LEU C 255 34.46 26.10 8.01
CA LEU C 255 34.26 24.70 7.64
C LEU C 255 35.23 23.83 8.42
N ARG C 256 36.48 24.27 8.47
CA ARG C 256 37.51 23.63 9.25
C ARG C 256 37.21 23.59 10.76
N ALA C 257 36.75 24.72 11.30
CA ALA C 257 36.39 24.80 12.72
C ALA C 257 35.22 23.86 13.03
N ALA C 258 34.41 23.55 12.02
CA ALA C 258 33.32 22.60 12.18
C ALA C 258 33.74 21.16 11.89
N GLY C 259 34.98 20.95 11.49
CA GLY C 259 35.47 19.61 11.13
C GLY C 259 34.76 18.98 9.94
N VAL C 260 34.30 19.80 9.00
CA VAL C 260 33.74 19.29 7.75
C VAL C 260 34.61 19.74 6.60
N THR C 261 34.39 19.17 5.42
CA THR C 261 35.24 19.46 4.28
C THR C 261 35.25 20.94 3.96
N ASP C 262 36.44 21.46 3.70
CA ASP C 262 36.59 22.86 3.40
C ASP C 262 36.70 23.14 1.87
N LYS C 263 36.23 22.20 1.07
CA LYS C 263 36.09 22.38 -0.37
C LYS C 263 34.66 22.75 -0.69
N LEU C 264 34.48 23.83 -1.44
CA LEU C 264 33.15 24.41 -1.65
C LEU C 264 32.86 24.69 -3.09
N MET C 265 31.59 24.94 -3.35
CA MET C 265 31.08 25.29 -4.66
C MET C 265 30.62 26.73 -4.61
N ILE C 266 30.77 27.42 -5.73
CA ILE C 266 30.35 28.78 -5.85
C ILE C 266 29.39 28.89 -7.01
N ASP C 267 28.27 29.55 -6.77
CA ASP C 267 27.25 29.75 -7.80
C ASP C 267 27.57 31.10 -8.46
N CYS C 268 27.82 31.08 -9.76
CA CYS C 268 28.08 32.24 -10.55
C CYS C 268 26.83 33.01 -10.86
N SER C 269 25.67 32.38 -10.70
CA SER C 269 24.43 33.03 -11.12
C SER C 269 23.69 33.56 -9.91
N HIS C 270 22.44 33.97 -10.14
CA HIS C 270 21.60 34.44 -9.09
C HIS C 270 22.24 35.65 -8.35
N ALA C 271 22.14 35.67 -7.02
CA ALA C 271 22.54 36.84 -6.27
C ALA C 271 24.03 37.10 -6.44
N ASN C 272 24.85 36.05 -6.55
CA ASN C 272 26.27 36.31 -6.79
C ASN C 272 26.54 37.11 -8.07
N SER C 273 25.61 37.06 -9.01
CA SER C 273 25.72 37.79 -10.25
C SER C 273 24.85 39.05 -10.22
N ARG C 274 24.33 39.38 -9.04
CA ARG C 274 23.39 40.51 -8.87
C ARG C 274 22.16 40.36 -9.80
N LYS C 275 21.71 39.12 -9.94
CA LYS C 275 20.51 38.77 -10.66
C LYS C 275 20.61 39.18 -12.12
N ASP C 276 21.82 39.20 -12.64
CA ASP C 276 22.01 39.61 -14.02
C ASP C 276 22.84 38.56 -14.74
N TYR C 277 22.28 37.97 -15.80
CA TYR C 277 22.96 36.88 -16.47
C TYR C 277 24.24 37.33 -17.19
N THR C 278 24.32 38.60 -17.57
CA THR C 278 25.52 39.11 -18.20
C THR C 278 26.70 39.22 -17.23
N ARG C 279 26.49 38.95 -15.94
CA ARG C 279 27.57 39.06 -14.94
C ARG C 279 28.15 37.70 -14.49
N GLN C 280 27.59 36.60 -14.98
CA GLN C 280 28.09 35.28 -14.62
C GLN C 280 29.53 35.15 -15.04
N MET C 281 29.86 35.66 -16.21
CA MET C 281 31.21 35.61 -16.73
C MET C 281 32.21 36.34 -15.81
N GLU C 282 31.76 37.42 -15.19
CA GLU C 282 32.61 38.20 -14.30
C GLU C 282 32.94 37.47 -13.01
N VAL C 283 31.98 36.66 -12.57
CA VAL C 283 32.17 35.86 -11.39
C VAL C 283 33.10 34.72 -11.74
N ALA C 284 32.94 34.20 -12.94
CA ALA C 284 33.86 33.16 -13.43
C ALA C 284 35.30 33.70 -13.58
N GLN C 285 35.43 34.93 -14.07
CA GLN C 285 36.76 35.57 -14.22
C GLN C 285 37.45 35.67 -12.86
N ASP C 286 36.70 36.11 -11.88
CA ASP C 286 37.24 36.25 -10.56
C ASP C 286 37.63 34.86 -10.04
N ILE C 287 36.81 33.86 -10.31
CA ILE C 287 37.15 32.52 -9.89
C ILE C 287 38.38 32.02 -10.65
N ALA C 288 38.45 32.31 -11.95
CA ALA C 288 39.65 31.95 -12.70
C ALA C 288 40.89 32.52 -12.02
N ALA C 289 40.87 33.81 -11.65
CA ALA C 289 42.06 34.43 -11.08
C ALA C 289 42.40 33.71 -9.78
N GLN C 290 41.41 33.47 -8.93
CA GLN C 290 41.64 32.73 -7.69
C GLN C 290 42.27 31.36 -7.96
N LEU C 291 41.79 30.64 -8.97
CA LEU C 291 42.36 29.36 -9.32
C LEU C 291 43.83 29.52 -9.76
N GLU C 292 44.11 30.57 -10.53
CA GLU C 292 45.47 30.88 -11.02
C GLU C 292 46.44 31.21 -9.88
N GLN C 293 45.96 31.97 -8.90
CA GLN C 293 46.72 32.24 -7.67
C GLN C 293 46.84 31.01 -6.77
N ASP C 294 45.72 30.60 -6.19
CA ASP C 294 45.71 29.51 -5.23
C ASP C 294 44.39 28.77 -5.38
N GLY C 295 43.32 29.30 -4.79
CA GLY C 295 41.99 28.69 -4.89
C GLY C 295 41.95 27.22 -4.55
N GLY C 296 42.72 26.80 -3.54
CA GLY C 296 42.74 25.41 -3.11
C GLY C 296 41.44 24.95 -2.46
N ASN C 297 40.57 25.89 -2.12
CA ASN C 297 39.30 25.58 -1.46
C ASN C 297 38.10 25.47 -2.42
N ILE C 298 38.30 25.78 -3.68
CA ILE C 298 37.23 25.68 -4.67
C ILE C 298 37.28 24.25 -5.28
N MET C 299 36.15 23.55 -5.25
CA MET C 299 35.99 22.30 -5.96
C MET C 299 34.91 22.38 -7.06
N GLY C 300 34.20 23.49 -7.17
CA GLY C 300 33.16 23.54 -8.19
C GLY C 300 32.49 24.89 -8.35
N VAL C 301 31.84 25.09 -9.48
CA VAL C 301 31.04 26.24 -9.72
C VAL C 301 29.72 25.81 -10.31
N MET C 302 28.80 26.76 -10.41
CA MET C 302 27.43 26.55 -10.91
C MET C 302 27.08 27.69 -11.84
N VAL C 303 26.49 27.38 -13.00
CA VAL C 303 26.29 28.35 -14.07
C VAL C 303 24.93 28.12 -14.71
N GLU C 304 24.21 29.18 -15.01
CA GLU C 304 22.91 29.04 -15.70
C GLU C 304 23.06 29.37 -17.17
N SER C 305 22.85 28.38 -18.02
CA SER C 305 23.24 28.45 -19.40
C SER C 305 22.17 27.79 -20.24
N HIS C 306 21.93 28.32 -21.44
CA HIS C 306 20.95 27.72 -22.37
C HIS C 306 21.44 27.88 -23.79
N LEU C 307 20.68 27.40 -24.75
CA LEU C 307 21.09 27.46 -26.15
C LEU C 307 21.17 28.93 -26.56
N VAL C 308 20.19 29.70 -26.12
CA VAL C 308 20.09 31.10 -26.47
C VAL C 308 20.01 31.88 -25.16
N GLU C 309 20.61 33.06 -25.17
CA GLU C 309 20.74 33.82 -23.95
C GLU C 309 19.43 34.47 -23.56
N GLY C 310 19.31 34.77 -22.27
CA GLY C 310 18.22 35.60 -21.77
C GLY C 310 17.08 34.82 -21.18
N ARG C 311 15.89 35.37 -21.34
CA ARG C 311 14.68 34.80 -20.81
C ARG C 311 13.46 35.31 -21.54
N GLN C 312 12.33 34.66 -21.32
CA GLN C 312 11.08 35.07 -21.96
C GLN C 312 9.99 34.57 -21.02
N ASP C 313 8.85 35.26 -21.00
CA ASP C 313 7.75 34.88 -20.09
C ASP C 313 6.98 33.64 -20.56
N LYS C 314 6.81 33.50 -21.88
CA LYS C 314 6.15 32.35 -22.49
C LYS C 314 7.20 31.61 -23.33
N PRO C 315 7.01 30.31 -23.59
CA PRO C 315 8.00 29.51 -24.30
C PRO C 315 7.88 29.63 -25.81
N GLU C 316 8.24 30.80 -26.31
CA GLU C 316 8.02 31.21 -27.69
C GLU C 316 9.23 30.83 -28.53
N VAL C 317 10.41 31.24 -28.07
CA VAL C 317 11.64 30.87 -28.76
C VAL C 317 12.25 29.57 -28.21
N TYR C 318 12.83 28.80 -29.11
CA TYR C 318 13.45 27.53 -28.80
C TYR C 318 14.72 27.76 -28.00
N GLY C 319 14.90 26.95 -26.96
CA GLY C 319 16.13 26.95 -26.15
C GLY C 319 16.46 28.25 -25.43
N LYS C 320 15.43 28.89 -24.91
CA LYS C 320 15.58 30.12 -24.17
C LYS C 320 14.79 30.00 -22.87
N SER C 321 15.43 30.17 -21.71
CA SER C 321 14.76 30.04 -20.40
C SER C 321 13.46 30.81 -20.29
N ILE C 322 12.46 30.21 -19.64
CA ILE C 322 11.31 30.97 -19.15
C ILE C 322 11.36 31.23 -17.66
N THR C 323 12.45 30.85 -16.99
CA THR C 323 12.64 31.19 -15.58
C THR C 323 13.75 32.25 -15.51
N ASP C 324 14.84 32.00 -14.80
CA ASP C 324 15.86 33.03 -14.70
C ASP C 324 16.56 33.10 -16.03
N ALA C 325 17.18 34.25 -16.28
CA ALA C 325 17.90 34.46 -17.52
C ALA C 325 19.19 33.70 -17.49
N CYS C 326 19.51 33.09 -18.62
CA CYS C 326 20.74 32.35 -18.75
C CYS C 326 21.63 32.99 -19.78
N ILE C 327 22.92 32.67 -19.68
CA ILE C 327 23.80 32.95 -20.77
C ILE C 327 23.47 32.02 -21.91
N GLY C 328 23.82 32.45 -23.11
CA GLY C 328 23.61 31.68 -24.32
C GLY C 328 24.83 30.82 -24.59
N TRP C 329 24.78 30.07 -25.69
CA TRP C 329 25.79 29.09 -25.96
C TRP C 329 27.12 29.78 -26.21
N GLY C 330 27.09 30.86 -26.98
CA GLY C 330 28.30 31.66 -27.25
C GLY C 330 29.08 31.99 -25.98
N ALA C 331 28.38 32.58 -25.01
CA ALA C 331 29.02 32.96 -23.75
C ALA C 331 29.44 31.72 -22.96
N THR C 332 28.62 30.66 -23.06
CA THR C 332 28.90 29.41 -22.41
C THR C 332 30.27 28.85 -22.86
N GLU C 333 30.53 28.81 -24.15
CA GLU C 333 31.82 28.35 -24.64
C GLU C 333 32.96 29.16 -23.99
N GLU C 334 32.76 30.47 -23.90
CA GLU C 334 33.77 31.37 -23.38
C GLU C 334 34.05 31.12 -21.91
N LEU C 335 32.98 30.96 -21.13
CA LEU C 335 33.13 30.80 -19.69
C LEU C 335 33.87 29.49 -19.39
N LEU C 336 33.57 28.45 -20.14
CA LEU C 336 34.14 27.16 -19.83
C LEU C 336 35.61 27.09 -20.21
N ALA C 337 35.97 27.68 -21.34
CA ALA C 337 37.37 27.71 -21.80
C ALA C 337 38.24 28.47 -20.81
N LEU C 338 37.65 29.51 -20.25
CA LEU C 338 38.30 30.31 -19.21
C LEU C 338 38.59 29.47 -17.96
N LEU C 339 37.63 28.66 -17.50
CA LEU C 339 37.83 27.92 -16.27
C LEU C 339 38.76 26.72 -16.52
N ALA C 340 38.71 26.18 -17.71
CA ALA C 340 39.57 25.06 -18.05
C ALA C 340 41.00 25.55 -18.03
N GLY C 341 41.22 26.69 -18.70
CA GLY C 341 42.56 27.28 -18.84
C GLY C 341 43.13 27.60 -17.49
N ALA C 342 42.31 28.26 -16.66
CA ALA C 342 42.75 28.68 -15.34
C ALA C 342 42.96 27.47 -14.40
N ASN C 343 42.11 26.45 -14.51
CA ASN C 343 42.28 25.26 -13.70
C ASN C 343 43.37 24.30 -14.14
N LYS C 344 43.66 24.31 -15.44
CA LYS C 344 44.82 23.62 -15.98
C LYS C 344 46.10 24.02 -15.19
N LYS C 345 46.25 25.31 -14.95
CA LYS C 345 47.43 25.83 -14.23
C LYS C 345 47.39 25.50 -12.75
N ARG C 346 46.19 25.52 -12.17
CA ARG C 346 46.06 25.10 -10.79
C ARG C 346 46.58 23.67 -10.72
N MET C 347 46.03 22.79 -11.54
CA MET C 347 46.36 21.37 -11.44
C MET C 347 47.84 21.06 -11.71
N ALA C 348 48.52 21.89 -12.50
CA ALA C 348 49.94 21.70 -12.86
C ALA C 348 50.92 22.10 -11.76
N ARG C 349 50.45 22.70 -10.68
CA ARG C 349 51.32 23.05 -9.54
C ARG C 349 51.34 21.94 -8.49
N GLU D 17 8.19 -1.92 11.28
CA GLU D 17 7.18 -1.62 10.22
C GLU D 17 6.16 -0.55 10.59
N LEU D 18 6.08 0.48 9.79
CA LEU D 18 5.29 1.66 10.15
C LEU D 18 3.81 1.37 10.03
N LEU D 19 3.07 1.53 11.11
CA LEU D 19 1.64 1.44 11.01
C LEU D 19 1.11 2.72 10.40
N PRO D 20 0.02 2.59 9.65
CA PRO D 20 -0.67 3.72 9.07
C PRO D 20 -1.59 4.37 10.05
N PRO D 21 -1.95 5.62 9.76
CA PRO D 21 -2.86 6.30 10.63
C PRO D 21 -4.09 5.49 10.95
N ILE D 22 -4.69 4.85 9.98
CA ILE D 22 -5.95 4.15 10.31
C ILE D 22 -5.85 3.21 11.49
N ALA D 23 -4.67 2.64 11.74
CA ALA D 23 -4.50 1.74 12.87
C ALA D 23 -4.61 2.45 14.20
N HIS D 24 -4.10 3.67 14.27
CA HIS D 24 -4.17 4.46 15.46
C HIS D 24 -5.56 5.10 15.60
N LEU D 25 -6.13 5.60 14.50
CA LEU D 25 -7.55 6.02 14.56
C LEU D 25 -8.52 4.90 15.00
N TYR D 26 -8.26 3.63 14.65
CA TYR D 26 -9.16 2.53 15.05
C TYR D 26 -9.12 2.28 16.56
N GLU D 27 -7.92 2.34 17.15
CA GLU D 27 -7.78 2.19 18.58
C GLU D 27 -8.24 3.42 19.37
N LEU D 28 -7.98 4.61 18.83
CA LEU D 28 -8.21 5.82 19.56
C LEU D 28 -9.07 6.80 18.78
N PRO D 29 -10.34 6.46 18.53
CA PRO D 29 -11.14 7.37 17.70
C PRO D 29 -11.47 8.63 18.44
N ILE D 30 -11.60 9.71 17.73
CA ILE D 30 -11.94 10.95 18.39
C ILE D 30 -13.30 10.76 19.04
N SER D 31 -13.46 11.26 20.27
CA SER D 31 -14.73 11.22 21.01
C SER D 31 -15.66 12.35 20.54
N LYS D 32 -16.95 12.23 20.84
CA LYS D 32 -17.92 13.30 20.52
C LYS D 32 -17.46 14.65 21.10
N GLU D 33 -16.95 14.63 22.31
CA GLU D 33 -16.59 15.86 23.04
C GLU D 33 -15.30 16.51 22.51
N ALA D 34 -14.31 15.69 22.18
CA ALA D 34 -13.07 16.18 21.58
C ALA D 34 -13.33 16.85 20.24
N SER D 35 -14.13 16.20 19.41
CA SER D 35 -14.56 16.80 18.14
C SER D 35 -15.13 18.18 18.34
N GLY D 36 -16.08 18.27 19.26
CA GLY D 36 -16.70 19.55 19.60
C GLY D 36 -15.70 20.61 20.05
N LEU D 37 -14.76 20.20 20.90
CA LEU D 37 -13.80 21.14 21.46
C LEU D 37 -12.86 21.65 20.40
N VAL D 38 -12.39 20.75 19.56
CA VAL D 38 -11.51 21.12 18.47
C VAL D 38 -12.19 22.09 17.50
N HIS D 39 -13.36 21.71 17.03
CA HIS D 39 -14.09 22.51 16.07
C HIS D 39 -14.34 23.91 16.64
N ARG D 40 -14.78 23.94 17.89
CA ARG D 40 -15.08 25.19 18.57
C ARG D 40 -13.82 26.07 18.77
N THR D 41 -12.70 25.48 19.17
CA THR D 41 -11.48 26.24 19.40
C THR D 41 -10.87 26.77 18.11
N ARG D 42 -10.93 25.98 17.04
CA ARG D 42 -10.46 26.45 15.72
C ARG D 42 -11.30 27.62 15.28
N GLN D 43 -12.60 27.44 15.39
CA GLN D 43 -13.56 28.48 15.06
C GLN D 43 -13.33 29.77 15.90
N GLU D 44 -13.00 29.62 17.20
CA GLU D 44 -12.75 30.75 18.11
C GLU D 44 -11.42 31.45 17.82
N ILE D 45 -10.38 30.69 17.55
CA ILE D 45 -9.10 31.25 17.16
C ILE D 45 -9.23 31.94 15.81
N SER D 46 -9.98 31.31 14.91
CA SER D 46 -10.28 31.95 13.62
C SER D 46 -10.87 33.32 13.81
N ASP D 47 -11.74 33.46 14.81
CA ASP D 47 -12.36 34.73 15.14
C ASP D 47 -11.30 35.78 15.54
N LEU D 48 -10.24 35.34 16.22
CA LEU D 48 -9.18 36.26 16.63
C LEU D 48 -8.36 36.71 15.44
N VAL D 49 -8.06 35.78 14.56
CA VAL D 49 -7.31 36.06 13.35
C VAL D 49 -8.01 37.10 12.47
N HIS D 50 -9.34 37.03 12.39
CA HIS D 50 -10.12 37.85 11.48
C HIS D 50 -10.85 39.00 12.20
N GLY D 51 -10.57 39.19 13.49
CA GLY D 51 -11.04 40.36 14.23
C GLY D 51 -12.49 40.38 14.67
N ARG D 52 -13.10 39.20 14.87
CA ARG D 52 -14.46 39.11 15.43
C ARG D 52 -14.50 38.91 16.96
N ASP D 53 -13.34 38.58 17.53
CA ASP D 53 -13.19 38.45 18.96
C ASP D 53 -11.83 39.06 19.31
N LYS D 54 -11.73 39.63 20.50
CA LYS D 54 -10.54 40.39 20.85
C LYS D 54 -9.88 39.79 22.08
N ARG D 55 -10.17 38.52 22.36
CA ARG D 55 -9.44 37.82 23.39
C ARG D 55 -8.02 37.54 22.93
N LEU D 56 -7.17 37.24 23.86
CA LEU D 56 -5.79 36.96 23.58
C LEU D 56 -5.58 35.44 23.56
N LEU D 57 -5.11 34.91 22.44
CA LEU D 57 -4.79 33.51 22.37
C LEU D 57 -3.51 33.31 23.13
N VAL D 58 -3.53 32.42 24.09
CA VAL D 58 -2.27 32.08 24.73
C VAL D 58 -1.91 30.62 24.44
N ILE D 59 -0.86 30.45 23.61
CA ILE D 59 -0.25 29.16 23.39
C ILE D 59 0.81 28.93 24.47
N ILE D 60 0.50 28.09 25.45
CA ILE D 60 1.39 27.93 26.59
C ILE D 60 1.55 26.50 27.10
N GLY D 61 2.79 26.17 27.44
CA GLY D 61 3.09 24.90 28.03
C GLY D 61 4.55 24.56 27.83
N PRO D 62 4.92 23.30 28.07
CA PRO D 62 6.28 22.87 27.98
C PRO D 62 6.99 23.16 26.64
N CYS D 63 8.31 23.29 26.70
CA CYS D 63 9.11 23.34 25.48
C CYS D 63 8.86 22.06 24.70
N SER D 64 9.06 20.94 25.36
CA SER D 64 8.75 19.63 24.78
C SER D 64 8.07 18.77 25.80
N ILE D 65 7.22 17.88 25.31
CA ILE D 65 6.59 16.87 26.13
C ILE D 65 7.50 15.64 26.17
N HIS D 66 7.99 15.30 27.36
CA HIS D 66 8.70 14.05 27.54
C HIS D 66 8.06 13.08 28.54
N ASP D 67 7.06 13.56 29.26
CA ASP D 67 6.30 12.69 30.15
C ASP D 67 4.82 13.03 30.08
N PRO D 68 4.00 12.09 29.64
CA PRO D 68 2.56 12.31 29.63
C PRO D 68 1.94 12.56 31.03
N LYS D 69 2.43 11.86 32.06
CA LYS D 69 1.92 12.07 33.42
C LYS D 69 2.05 13.55 33.80
N ALA D 70 3.26 14.08 33.68
CA ALA D 70 3.50 15.47 33.97
C ALA D 70 2.59 16.39 33.14
N ALA D 71 2.44 16.05 31.87
CA ALA D 71 1.70 16.87 30.94
C ALA D 71 0.23 16.92 31.34
N LEU D 72 -0.32 15.76 31.71
CA LEU D 72 -1.69 15.72 32.20
C LEU D 72 -1.82 16.46 33.52
N GLU D 73 -0.80 16.39 34.38
CA GLU D 73 -0.89 17.13 35.61
C GLU D 73 -0.88 18.64 35.31
N TYR D 74 -0.07 19.05 34.32
CA TYR D 74 0.09 20.45 33.98
C TYR D 74 -1.22 20.97 33.36
N ALA D 75 -1.76 20.21 32.42
CA ALA D 75 -3.04 20.49 31.82
C ALA D 75 -4.11 20.70 32.86
N GLU D 76 -4.16 19.80 33.82
CA GLU D 76 -5.16 19.89 34.90
C GLU D 76 -5.08 21.28 35.54
N ARG D 77 -3.87 21.75 35.82
CA ARG D 77 -3.72 23.10 36.40
C ARG D 77 -4.04 24.19 35.40
N LEU D 78 -3.65 23.98 34.14
CA LEU D 78 -3.88 25.03 33.15
C LEU D 78 -5.39 25.20 32.85
N LEU D 79 -6.10 24.09 32.96
CA LEU D 79 -7.51 24.09 32.73
C LEU D 79 -8.22 25.09 33.64
N LYS D 80 -7.75 25.17 34.86
CA LYS D 80 -8.45 25.90 35.87
C LYS D 80 -8.26 27.37 35.52
N LEU D 81 -7.08 27.69 34.99
CA LEU D 81 -6.82 29.06 34.56
C LEU D 81 -7.46 29.40 33.23
N ARG D 82 -7.73 28.39 32.41
CA ARG D 82 -8.39 28.59 31.13
C ARG D 82 -9.87 29.02 31.36
N LYS D 83 -10.53 28.36 32.31
CA LYS D 83 -11.86 28.78 32.78
C LYS D 83 -11.79 30.16 33.46
N GLN D 84 -10.83 30.35 34.35
CA GLN D 84 -10.84 31.57 35.14
C GLN D 84 -10.76 32.75 34.20
N TYR D 85 -9.92 32.66 33.18
CA TYR D 85 -9.68 33.76 32.27
C TYR D 85 -10.38 33.64 30.90
N GLU D 86 -11.43 32.83 30.80
CA GLU D 86 -12.09 32.59 29.52
C GLU D 86 -12.69 33.85 28.85
N ASN D 87 -13.00 34.91 29.59
CA ASN D 87 -13.51 36.12 28.93
C ASN D 87 -12.41 37.01 28.38
N GLU D 88 -11.15 36.79 28.81
CA GLU D 88 -10.03 37.68 28.41
C GLU D 88 -8.98 37.01 27.54
N LEU D 89 -8.60 35.81 27.92
CA LEU D 89 -7.63 35.00 27.21
C LEU D 89 -8.31 33.76 26.67
N LEU D 90 -7.76 33.22 25.57
CA LEU D 90 -8.11 31.89 25.02
C LEU D 90 -6.90 30.97 25.10
N ILE D 91 -6.83 30.22 26.19
CA ILE D 91 -5.66 29.43 26.57
C ILE D 91 -5.73 28.05 25.96
N VAL D 92 -4.66 27.68 25.28
CA VAL D 92 -4.53 26.43 24.59
C VAL D 92 -3.19 25.89 24.95
N MET D 93 -3.13 24.60 25.27
CA MET D 93 -1.92 24.02 25.79
C MET D 93 -0.96 23.79 24.65
N ARG D 94 0.32 23.99 24.96
CA ARG D 94 1.40 23.76 24.06
C ARG D 94 1.80 22.29 24.20
N VAL D 95 1.54 21.51 23.17
CA VAL D 95 1.87 20.08 23.17
C VAL D 95 2.81 19.75 21.99
N TYR D 96 4.05 20.11 22.17
CA TYR D 96 5.07 19.93 21.16
C TYR D 96 5.86 18.73 21.59
N PHE D 97 6.00 17.77 20.72
CA PHE D 97 6.76 16.56 21.09
C PHE D 97 8.32 16.64 21.01
N GLU D 98 8.86 17.69 20.35
CA GLU D 98 10.33 17.85 20.22
C GLU D 98 10.84 19.30 20.12
N LYS D 99 12.16 19.43 20.13
CA LYS D 99 12.86 20.69 19.82
C LYS D 99 13.92 20.44 18.75
N PRO D 100 13.80 21.08 17.55
CA PRO D 100 14.73 20.73 16.46
C PRO D 100 16.19 20.89 16.90
N ARG D 101 16.99 19.85 16.71
CA ARG D 101 18.34 19.78 17.25
C ARG D 101 19.28 19.13 16.26
N TRP D 106 18.57 14.21 22.20
CA TRP D 106 17.25 13.56 22.22
C TRP D 106 16.34 14.07 21.09
N LYS D 107 15.85 13.15 20.26
CA LYS D 107 15.09 13.53 19.06
C LYS D 107 13.58 13.78 19.34
N GLY D 108 13.15 13.73 20.59
CA GLY D 108 11.75 14.03 20.93
C GLY D 108 10.93 12.79 21.28
N LEU D 109 9.65 13.00 21.58
CA LEU D 109 8.83 11.95 22.15
C LEU D 109 8.24 10.97 21.13
N ILE D 110 8.04 11.42 19.90
CA ILE D 110 7.53 10.56 18.87
C ILE D 110 8.65 9.70 18.29
N ASN D 111 9.75 10.33 17.95
CA ASN D 111 10.95 9.60 17.52
C ASN D 111 11.45 8.68 18.59
N ASP D 112 11.73 9.24 19.75
CA ASP D 112 12.40 8.53 20.83
C ASP D 112 11.54 8.60 22.10
N PRO D 113 10.37 7.95 22.05
CA PRO D 113 9.46 7.94 23.20
C PRO D 113 10.06 7.39 24.48
N HIS D 114 10.96 6.42 24.37
CA HIS D 114 11.59 5.84 25.52
C HIS D 114 12.80 6.66 26.02
N LEU D 115 13.12 7.75 25.34
CA LEU D 115 14.20 8.62 25.79
C LEU D 115 15.49 7.85 26.02
N ASP D 116 15.85 7.01 25.06
CA ASP D 116 17.04 6.18 25.18
C ASP D 116 17.71 5.94 23.84
N GLY D 117 17.40 6.77 22.86
CA GLY D 117 17.88 6.58 21.49
C GLY D 117 17.45 5.33 20.73
N THR D 118 16.27 4.77 21.02
CA THR D 118 15.82 3.54 20.31
C THR D 118 14.79 3.71 19.17
N PHE D 119 14.31 4.93 18.96
N PHE D 119 14.29 4.92 18.99
CA PHE D 119 13.43 5.25 17.79
CA PHE D 119 13.43 5.21 17.88
C PHE D 119 12.21 4.34 17.52
C PHE D 119 12.30 4.20 17.63
N ASP D 120 11.29 4.27 18.48
CA ASP D 120 10.10 3.44 18.41
C ASP D 120 8.97 4.40 18.00
N ILE D 121 8.91 4.69 16.72
CA ILE D 121 7.99 5.64 16.18
C ILE D 121 6.53 5.21 16.34
N ASN D 122 6.27 3.92 16.19
CA ASN D 122 4.94 3.39 16.34
C ASN D 122 4.47 3.69 17.74
N PHE D 123 5.29 3.39 18.75
CA PHE D 123 4.87 3.60 20.13
C PHE D 123 4.70 5.09 20.35
N GLY D 124 5.55 5.91 19.72
CA GLY D 124 5.55 7.35 19.94
C GLY D 124 4.35 8.08 19.31
N LEU D 125 3.91 7.59 18.16
CA LEU D 125 2.72 8.13 17.55
C LEU D 125 1.52 7.72 18.34
N ARG D 126 1.52 6.51 18.87
CA ARG D 126 0.35 6.05 19.61
C ARG D 126 0.23 6.86 20.87
N GLN D 127 1.36 7.02 21.54
CA GLN D 127 1.36 7.73 22.80
C GLN D 127 1.06 9.24 22.55
N ALA D 128 1.57 9.77 21.44
CA ALA D 128 1.24 11.12 21.07
C ALA D 128 -0.28 11.27 20.90
N ARG D 129 -0.90 10.32 20.21
CA ARG D 129 -2.32 10.48 19.94
C ARG D 129 -3.16 10.35 21.23
N SER D 130 -2.75 9.41 22.06
CA SER D 130 -3.42 9.13 23.30
C SER D 130 -3.46 10.34 24.22
N LEU D 131 -2.29 10.96 24.40
CA LEU D 131 -2.20 12.13 25.27
C LEU D 131 -3.11 13.23 24.75
N LEU D 132 -3.04 13.51 23.45
CA LEU D 132 -3.85 14.53 22.83
C LEU D 132 -5.34 14.32 23.04
N LEU D 133 -5.77 13.07 22.88
CA LEU D 133 -7.16 12.69 23.10
C LEU D 133 -7.61 12.90 24.57
N SER D 134 -6.81 12.46 25.54
CA SER D 134 -7.06 12.76 26.96
C SER D 134 -7.20 14.25 27.28
N LEU D 135 -6.34 15.06 26.64
CA LEU D 135 -6.28 16.47 26.95
C LEU D 135 -7.58 17.11 26.48
N ASN D 136 -7.93 16.88 25.22
CA ASN D 136 -9.22 17.32 24.70
C ASN D 136 -10.40 16.81 25.52
N ASN D 137 -10.39 15.56 25.94
CA ASN D 137 -11.49 15.00 26.70
C ASN D 137 -11.64 15.62 28.09
N MET D 138 -10.56 16.12 28.67
CA MET D 138 -10.66 16.81 29.93
C MET D 138 -11.05 18.28 29.75
N GLY D 139 -11.19 18.74 28.50
CA GLY D 139 -11.61 20.12 28.22
C GLY D 139 -10.46 21.06 27.84
N MET D 140 -9.27 20.51 27.59
CA MET D 140 -8.07 21.28 27.27
C MET D 140 -7.65 21.13 25.81
N PRO D 141 -7.83 22.19 24.99
CA PRO D 141 -7.41 22.16 23.58
C PRO D 141 -5.89 22.16 23.46
N ALA D 142 -5.40 21.82 22.28
CA ALA D 142 -4.01 21.48 22.18
C ALA D 142 -3.44 21.98 20.91
N SER D 143 -2.14 22.31 20.97
CA SER D 143 -1.40 22.84 19.83
C SER D 143 -0.08 22.11 19.66
N THR D 144 0.46 22.06 18.44
CA THR D 144 1.75 21.40 18.22
C THR D 144 2.36 21.99 16.99
N GLU D 145 3.60 21.64 16.73
CA GLU D 145 4.28 22.12 15.54
C GLU D 145 4.33 20.97 14.58
N PHE D 146 3.84 21.19 13.37
CA PHE D 146 3.92 20.18 12.31
C PHE D 146 5.23 20.32 11.57
N LEU D 147 6.17 19.39 11.84
CA LEU D 147 7.50 19.38 11.21
C LEU D 147 7.57 18.63 9.91
N ASP D 148 6.64 17.71 9.74
CA ASP D 148 6.84 16.48 8.99
C ASP D 148 5.64 16.37 8.07
N MET D 149 5.80 15.82 6.87
CA MET D 149 4.68 15.63 5.94
C MET D 149 3.80 14.41 6.24
N ILE D 150 4.35 13.47 6.99
CA ILE D 150 3.73 12.15 7.18
C ILE D 150 3.04 12.00 8.55
N THR D 151 3.60 12.53 9.63
CA THR D 151 3.03 12.39 10.97
C THR D 151 1.71 13.12 11.22
N PRO D 152 1.50 14.31 10.64
CA PRO D 152 0.33 15.08 11.00
C PRO D 152 -0.98 14.32 10.98
N GLN D 153 -1.19 13.46 10.01
CA GLN D 153 -2.50 12.76 9.91
C GLN D 153 -2.76 11.73 11.01
N TYR D 154 -1.73 11.38 11.79
CA TYR D 154 -1.92 10.48 12.93
C TYR D 154 -2.63 11.22 14.08
N TYR D 155 -2.54 12.56 14.09
CA TYR D 155 -3.25 13.34 15.10
C TYR D 155 -3.70 14.78 14.74
N ALA D 156 -3.72 15.18 13.46
CA ALA D 156 -4.16 16.55 13.10
C ALA D 156 -5.56 16.81 13.60
N ASP D 157 -6.39 15.77 13.58
CA ASP D 157 -7.75 15.83 14.09
C ASP D 157 -7.93 16.26 15.55
N LEU D 158 -6.90 16.17 16.39
CA LEU D 158 -6.98 16.62 17.79
C LEU D 158 -6.36 18.01 18.09
N ILE D 159 -5.93 18.71 17.03
CA ILE D 159 -5.18 19.95 17.17
C ILE D 159 -6.03 21.16 16.80
N SER D 160 -6.02 22.16 17.68
CA SER D 160 -6.77 23.39 17.44
C SER D 160 -5.89 24.48 16.88
N TRP D 161 -4.58 24.33 16.98
CA TRP D 161 -3.69 25.32 16.43
C TRP D 161 -2.36 24.69 16.10
N GLY D 162 -1.85 24.94 14.90
CA GLY D 162 -0.55 24.48 14.51
C GLY D 162 0.43 25.59 14.26
N ALA D 163 1.72 25.22 14.41
CA ALA D 163 2.87 26.06 14.05
C ALA D 163 3.75 25.41 12.98
N ILE D 164 4.32 26.26 12.13
CA ILE D 164 5.41 25.84 11.27
C ILE D 164 6.66 26.51 11.80
N GLY D 165 7.74 25.75 11.98
CA GLY D 165 8.96 26.26 12.60
C GLY D 165 9.60 27.33 11.76
N ALA D 166 10.38 28.20 12.40
CA ALA D 166 11.17 29.17 11.63
C ALA D 166 12.05 28.45 10.62
N ARG D 167 12.48 27.24 10.94
N ARG D 167 12.52 27.26 10.97
CA ARG D 167 13.36 26.50 10.08
CA ARG D 167 13.36 26.44 10.09
C ARG D 167 12.65 25.80 8.88
C ARG D 167 12.67 26.00 8.78
N THR D 168 11.33 25.92 8.79
CA THR D 168 10.57 25.37 7.68
C THR D 168 9.49 26.33 7.08
N THR D 169 9.37 27.53 7.60
CA THR D 169 8.39 28.49 7.06
C THR D 169 8.64 28.81 5.57
N GLU D 170 9.91 28.83 5.13
CA GLU D 170 10.26 28.98 3.69
C GLU D 170 9.98 27.76 2.81
N SER D 171 9.89 26.59 3.41
CA SER D 171 9.76 25.35 2.64
C SER D 171 8.39 25.27 1.96
N GLN D 172 8.43 25.06 0.66
CA GLN D 172 7.24 24.92 -0.14
C GLN D 172 6.39 23.76 0.35
N VAL D 173 6.99 22.65 0.72
CA VAL D 173 6.16 21.54 1.07
C VAL D 173 5.47 21.73 2.41
N HIS D 174 6.05 22.58 3.26
CA HIS D 174 5.38 22.86 4.54
C HIS D 174 4.26 23.87 4.36
N ARG D 175 4.36 24.72 3.35
CA ARG D 175 3.27 25.66 3.09
C ARG D 175 2.03 24.91 2.59
N GLU D 176 2.24 24.08 1.59
CA GLU D 176 1.22 23.15 1.09
C GLU D 176 0.59 22.31 2.19
N LEU D 177 1.43 21.74 3.04
CA LEU D 177 0.92 21.05 4.22
C LEU D 177 -0.13 21.90 5.01
N ALA D 178 0.26 23.10 5.38
CA ALA D 178 -0.67 24.00 6.09
C ALA D 178 -1.90 24.36 5.27
N SER D 179 -1.74 24.40 3.94
CA SER D 179 -2.85 24.59 2.98
C SER D 179 -3.97 23.56 3.12
N GLY D 180 -3.63 22.37 3.61
CA GLY D 180 -4.59 21.27 3.74
C GLY D 180 -5.08 20.99 5.15
N LEU D 181 -4.59 21.75 6.11
CA LEU D 181 -4.95 21.56 7.52
C LEU D 181 -6.22 22.30 7.83
N SER D 182 -7.02 21.75 8.73
CA SER D 182 -8.27 22.35 9.10
C SER D 182 -8.17 23.27 10.33
N CYS D 183 -6.97 23.47 10.88
CA CYS D 183 -6.77 24.34 12.06
C CYS D 183 -6.06 25.63 11.65
N PRO D 184 -6.26 26.73 12.39
CA PRO D 184 -5.39 27.84 12.03
C PRO D 184 -3.95 27.45 12.19
N VAL D 185 -3.10 28.19 11.50
CA VAL D 185 -1.67 27.95 11.57
C VAL D 185 -0.90 29.26 11.62
N GLY D 186 0.11 29.28 12.49
CA GLY D 186 0.97 30.43 12.61
C GLY D 186 2.31 30.11 12.04
N PHE D 187 2.88 31.09 11.32
CA PHE D 187 4.20 30.99 10.70
C PHE D 187 5.17 31.97 11.33
N LYS D 188 6.36 31.46 11.63
CA LYS D 188 7.37 32.25 12.28
C LYS D 188 8.18 32.97 11.25
N ASN D 189 8.61 34.20 11.58
CA ASN D 189 9.71 34.83 10.86
C ASN D 189 10.91 33.88 10.91
N GLY D 190 11.88 34.05 10.02
CA GLY D 190 13.01 33.11 9.94
C GLY D 190 14.04 33.35 11.02
N THR D 191 15.02 32.44 11.16
CA THR D 191 16.11 32.64 12.13
C THR D 191 16.92 33.91 11.80
N ASP D 192 16.82 34.34 10.56
CA ASP D 192 17.06 35.71 10.16
C ASP D 192 16.53 36.72 11.16
N GLY D 193 15.23 36.64 11.41
CA GLY D 193 14.44 37.82 11.81
C GLY D 193 13.64 38.36 10.63
N ASN D 194 13.50 37.52 9.60
CA ASN D 194 12.97 37.88 8.27
C ASN D 194 11.49 37.57 8.26
N LEU D 195 10.69 38.62 8.14
CA LEU D 195 9.25 38.51 8.19
C LEU D 195 8.65 38.09 6.84
N LYS D 196 9.18 38.61 5.73
CA LYS D 196 8.62 38.34 4.38
C LYS D 196 8.37 36.84 4.13
N ILE D 197 9.28 35.99 4.56
CA ILE D 197 9.06 34.56 4.41
C ILE D 197 7.79 34.05 5.12
N ALA D 198 7.48 34.57 6.30
CA ALA D 198 6.22 34.20 6.95
C ALA D 198 4.99 34.84 6.28
N ILE D 199 5.20 35.98 5.63
CA ILE D 199 4.13 36.63 4.89
C ILE D 199 3.80 35.89 3.60
N ASP D 200 4.81 35.55 2.82
CA ASP D 200 4.62 34.81 1.59
C ASP D 200 4.05 33.41 1.92
N ALA D 201 4.38 32.92 3.12
CA ALA D 201 3.86 31.62 3.59
C ALA D 201 2.36 31.66 3.84
N ILE D 202 1.84 32.77 4.33
CA ILE D 202 0.39 32.89 4.48
C ILE D 202 -0.27 32.88 3.12
N GLY D 203 0.22 33.74 2.22
CA GLY D 203 -0.29 33.78 0.85
C GLY D 203 -0.39 32.35 0.33
N ALA D 204 0.74 31.67 0.33
CA ALA D 204 0.78 30.33 -0.24
C ALA D 204 -0.21 29.34 0.43
N ALA D 205 -0.25 29.29 1.76
CA ALA D 205 -1.10 28.33 2.45
C ALA D 205 -2.57 28.63 2.36
N SER D 206 -2.89 29.90 2.10
CA SER D 206 -4.28 30.30 1.84
C SER D 206 -4.80 29.79 0.49
N HIS D 207 -3.92 29.58 -0.49
CA HIS D 207 -4.30 29.03 -1.80
C HIS D 207 -4.53 27.50 -1.78
N SER D 208 -5.20 27.05 -2.81
CA SER D 208 -5.46 25.66 -3.06
C SER D 208 -4.21 25.05 -3.72
N HIS D 209 -3.90 23.79 -3.42
CA HIS D 209 -2.71 23.14 -4.00
C HIS D 209 -2.97 21.69 -4.40
N HIS D 210 -2.27 21.29 -5.45
CA HIS D 210 -2.16 19.91 -5.88
C HIS D 210 -0.81 19.42 -5.36
N ALA D 211 -0.82 18.83 -4.18
CA ALA D 211 0.40 18.40 -3.53
C ALA D 211 0.38 16.87 -3.34
N LEU D 212 1.56 16.34 -3.06
CA LEU D 212 1.74 14.93 -2.77
C LEU D 212 1.70 14.75 -1.29
N SER D 213 0.95 13.76 -0.81
CA SER D 213 0.86 13.46 0.60
C SER D 213 0.74 11.96 0.82
N VAL D 214 0.43 11.57 2.04
CA VAL D 214 0.23 10.18 2.36
C VAL D 214 -1.17 9.97 2.95
N THR D 215 -1.87 8.93 2.52
CA THR D 215 -3.25 8.79 2.96
C THR D 215 -3.33 8.27 4.40
N LYS D 216 -4.54 8.29 4.96
CA LYS D 216 -4.80 7.68 6.27
C LYS D 216 -4.37 6.21 6.20
N ALA D 217 -4.36 5.61 5.02
CA ALA D 217 -3.97 4.21 4.86
C ALA D 217 -2.47 3.94 4.58
N GLY D 218 -1.66 4.99 4.53
CA GLY D 218 -0.22 4.83 4.36
C GLY D 218 0.32 4.82 2.95
N HIS D 219 -0.46 5.25 1.97
CA HIS D 219 -0.02 5.31 0.57
C HIS D 219 0.17 6.76 0.11
N SER D 220 1.14 6.97 -0.77
CA SER D 220 1.40 8.29 -1.26
C SER D 220 0.30 8.60 -2.20
N ALA D 221 -0.03 9.87 -2.33
CA ALA D 221 -1.16 10.23 -3.15
C ALA D 221 -1.19 11.68 -3.49
N ILE D 222 -1.97 11.93 -4.52
CA ILE D 222 -2.31 13.27 -4.91
C ILE D 222 -3.46 13.71 -4.02
N VAL D 223 -3.30 14.84 -3.36
CA VAL D 223 -4.39 15.45 -2.63
C VAL D 223 -4.53 16.88 -3.06
N HIS D 224 -5.76 17.29 -3.29
CA HIS D 224 -6.05 18.65 -3.71
C HIS D 224 -6.51 19.39 -2.47
N THR D 225 -5.65 20.23 -1.92
CA THR D 225 -5.98 20.93 -0.70
C THR D 225 -6.93 22.08 -1.06
N GLY D 226 -7.76 22.50 -0.11
CA GLY D 226 -8.73 23.59 -0.37
C GLY D 226 -8.31 25.00 0.03
N GLY D 227 -7.19 25.12 0.73
CA GLY D 227 -6.66 26.41 1.16
C GLY D 227 -6.93 26.58 2.63
N ASN D 228 -6.02 27.27 3.32
CA ASN D 228 -6.20 27.53 4.74
C ASN D 228 -6.34 29.02 5.04
N PRO D 229 -7.56 29.47 5.31
CA PRO D 229 -7.80 30.91 5.37
C PRO D 229 -7.54 31.52 6.74
N ASP D 230 -7.02 30.74 7.69
CA ASP D 230 -6.82 31.20 9.05
C ASP D 230 -5.37 31.25 9.47
N CYS D 231 -4.47 31.57 8.55
CA CYS D 231 -3.07 31.68 8.92
C CYS D 231 -2.63 33.11 9.28
N HIS D 232 -1.49 33.16 9.97
CA HIS D 232 -0.99 34.40 10.51
C HIS D 232 0.45 34.24 10.93
N VAL D 233 1.06 35.36 11.27
CA VAL D 233 2.46 35.44 11.59
C VAL D 233 2.74 35.30 13.10
N ILE D 234 3.93 34.75 13.39
CA ILE D 234 4.49 34.64 14.72
C ILE D 234 5.82 35.41 14.80
N LEU D 235 5.85 36.49 15.57
CA LEU D 235 7.10 37.24 15.78
C LEU D 235 7.93 36.57 16.87
N ARG D 236 9.17 36.22 16.56
CA ARG D 236 9.99 35.43 17.48
C ARG D 236 11.47 35.77 17.53
N GLY D 237 11.82 37.00 17.19
CA GLY D 237 13.18 37.51 17.38
C GLY D 237 14.14 37.31 16.22
N GLY D 238 15.13 38.18 16.20
CA GLY D 238 16.10 38.26 15.14
C GLY D 238 17.41 37.58 15.45
N LYS D 239 18.53 38.17 15.06
CA LYS D 239 18.67 39.60 14.86
C LYS D 239 18.46 40.27 16.20
N GLU D 240 17.53 41.21 16.27
CA GLU D 240 17.22 41.88 17.52
C GLU D 240 15.82 41.49 17.92
N PRO D 241 15.61 41.25 19.21
CA PRO D 241 14.27 40.93 19.68
C PRO D 241 13.21 41.83 19.07
N ASN D 242 12.11 41.22 18.60
CA ASN D 242 11.14 41.90 17.75
C ASN D 242 9.73 41.93 18.32
N TYR D 243 9.58 42.12 19.63
CA TYR D 243 8.27 42.05 20.29
C TYR D 243 7.61 43.40 20.60
N ASP D 244 8.35 44.50 20.53
CA ASP D 244 7.81 45.79 20.98
C ASP D 244 6.87 46.50 19.99
N ALA D 245 6.18 47.49 20.52
CA ALA D 245 5.22 48.30 19.76
C ALA D 245 5.71 48.73 18.39
N GLU D 246 6.96 49.20 18.31
CA GLU D 246 7.53 49.68 17.06
C GLU D 246 7.63 48.52 16.05
N HIS D 247 8.27 47.42 16.45
CA HIS D 247 8.38 46.20 15.62
C HIS D 247 7.01 45.64 15.21
N VAL D 248 6.03 45.82 16.08
CA VAL D 248 4.66 45.36 15.81
C VAL D 248 4.01 46.21 14.73
N SER D 249 4.07 47.53 14.91
CA SER D 249 3.57 48.46 13.89
C SER D 249 4.24 48.21 12.53
N GLU D 250 5.53 47.87 12.55
CA GLU D 250 6.29 47.60 11.31
C GLU D 250 5.75 46.35 10.60
N ALA D 251 5.48 45.29 11.36
CA ALA D 251 4.92 44.05 10.82
C ALA D 251 3.50 44.24 10.26
N ALA D 252 2.66 44.91 11.04
CA ALA D 252 1.28 45.26 10.63
C ALA D 252 1.26 45.95 9.26
N GLU D 253 2.08 46.98 9.10
CA GLU D 253 2.22 47.66 7.80
C GLU D 253 2.41 46.63 6.67
N GLN D 254 3.46 45.82 6.79
CA GLN D 254 3.84 44.88 5.72
C GLN D 254 2.73 43.89 5.44
N LEU D 255 2.01 43.54 6.49
CA LEU D 255 0.94 42.56 6.40
C LEU D 255 -0.21 43.17 5.64
N ARG D 256 -0.59 44.39 6.01
CA ARG D 256 -1.53 45.18 5.22
C ARG D 256 -1.02 45.43 3.79
N ALA D 257 0.26 45.78 3.65
CA ALA D 257 0.86 46.00 2.33
C ALA D 257 0.72 44.72 1.48
N ALA D 258 0.94 43.55 2.10
CA ALA D 258 0.82 42.26 1.42
C ALA D 258 -0.64 41.74 1.26
N GLY D 259 -1.63 42.50 1.77
CA GLY D 259 -3.04 42.09 1.67
C GLY D 259 -3.40 40.84 2.50
N VAL D 260 -2.74 40.65 3.63
CA VAL D 260 -3.10 39.58 4.54
C VAL D 260 -3.43 40.13 5.94
N THR D 261 -4.00 39.28 6.79
CA THR D 261 -4.34 39.63 8.15
C THR D 261 -3.17 40.32 8.88
N ASP D 262 -3.42 41.53 9.35
CA ASP D 262 -2.47 42.27 10.17
C ASP D 262 -2.61 41.95 11.67
N LYS D 263 -3.24 40.82 11.99
CA LYS D 263 -3.39 40.40 13.38
C LYS D 263 -2.36 39.27 13.58
N LEU D 264 -1.52 39.40 14.62
CA LEU D 264 -0.35 38.52 14.80
C LEU D 264 -0.07 38.02 16.24
N MET D 265 0.82 37.03 16.31
CA MET D 265 1.24 36.40 17.56
C MET D 265 2.68 36.75 17.87
N ILE D 266 3.00 36.82 19.16
CA ILE D 266 4.34 37.20 19.62
C ILE D 266 4.86 36.18 20.59
N ASP D 267 6.01 35.59 20.31
CA ASP D 267 6.60 34.56 21.17
C ASP D 267 7.41 35.23 22.27
N CYS D 268 7.07 34.93 23.53
CA CYS D 268 7.76 35.44 24.71
C CYS D 268 9.02 34.66 25.08
N SER D 269 9.20 33.46 24.55
CA SER D 269 10.39 32.69 24.84
C SER D 269 11.34 32.77 23.67
N HIS D 270 12.35 31.90 23.67
CA HIS D 270 13.30 31.77 22.57
C HIS D 270 14.00 33.11 22.28
N ALA D 271 14.04 33.55 21.02
CA ALA D 271 14.90 34.67 20.69
C ALA D 271 14.48 35.91 21.48
N ASN D 272 13.19 36.22 21.50
CA ASN D 272 12.70 37.42 22.16
C ASN D 272 12.99 37.50 23.68
N SER D 273 13.36 36.38 24.29
CA SER D 273 13.82 36.37 25.68
C SER D 273 15.35 36.33 25.80
N ARG D 274 16.05 36.39 24.67
CA ARG D 274 17.49 36.16 24.62
C ARG D 274 17.79 34.79 25.24
N LYS D 275 16.95 33.83 24.92
CA LYS D 275 17.09 32.46 25.40
C LYS D 275 17.19 32.44 26.92
N ASP D 276 16.42 33.30 27.58
CA ASP D 276 16.41 33.32 29.03
C ASP D 276 14.98 33.18 29.53
N TYR D 277 14.71 32.15 30.30
CA TYR D 277 13.35 31.91 30.77
C TYR D 277 12.83 33.01 31.68
N THR D 278 13.73 33.54 32.50
CA THR D 278 13.41 34.60 33.46
C THR D 278 12.95 35.89 32.77
N ARG D 279 13.38 36.05 31.52
CA ARG D 279 13.05 37.21 30.72
C ARG D 279 11.70 37.09 30.02
N GLN D 280 11.07 35.90 30.07
CA GLN D 280 9.77 35.71 29.40
C GLN D 280 8.77 36.71 29.98
N MET D 281 8.73 36.81 31.30
CA MET D 281 7.86 37.74 31.98
C MET D 281 8.04 39.17 31.45
N GLU D 282 9.30 39.58 31.30
CA GLU D 282 9.66 40.89 30.71
C GLU D 282 8.93 41.14 29.37
N VAL D 283 8.95 40.16 28.49
CA VAL D 283 8.31 40.32 27.19
C VAL D 283 6.80 40.49 27.42
N ALA D 284 6.26 39.67 28.31
CA ALA D 284 4.85 39.71 28.62
C ALA D 284 4.45 41.07 29.16
N GLN D 285 5.35 41.70 29.89
CA GLN D 285 5.07 43.03 30.44
C GLN D 285 4.94 44.03 29.30
N ASP D 286 5.88 43.99 28.37
CA ASP D 286 5.88 44.92 27.25
C ASP D 286 4.55 44.78 26.49
N ILE D 287 4.15 43.52 26.31
CA ILE D 287 2.95 43.21 25.58
C ILE D 287 1.72 43.74 26.33
N ALA D 288 1.64 43.48 27.62
CA ALA D 288 0.57 44.02 28.45
C ALA D 288 0.43 45.52 28.28
N ALA D 289 1.54 46.25 28.32
CA ALA D 289 1.45 47.70 28.22
C ALA D 289 0.89 48.12 26.87
N GLN D 290 1.27 47.41 25.80
CA GLN D 290 0.77 47.72 24.47
C GLN D 290 -0.75 47.50 24.44
N LEU D 291 -1.17 46.36 25.00
CA LEU D 291 -2.57 46.03 25.16
C LEU D 291 -3.38 47.10 25.90
N GLU D 292 -2.77 47.74 26.89
CA GLU D 292 -3.38 48.87 27.61
C GLU D 292 -3.34 50.16 26.79
N GLN D 293 -2.17 50.50 26.20
CA GLN D 293 -2.02 51.75 25.41
C GLN D 293 -2.90 51.71 24.16
N ASP D 294 -2.79 50.61 23.41
CA ASP D 294 -3.58 50.36 22.19
C ASP D 294 -3.50 48.88 21.83
N GLY D 295 -2.36 48.45 21.30
CA GLY D 295 -2.10 47.04 20.99
C GLY D 295 -3.13 46.31 20.12
N GLY D 296 -3.76 47.03 19.20
CA GLY D 296 -4.79 46.46 18.33
C GLY D 296 -4.41 45.30 17.43
N ASN D 297 -3.13 45.19 17.09
CA ASN D 297 -2.68 44.16 16.12
C ASN D 297 -2.21 42.84 16.71
N ILE D 298 -2.24 42.73 18.04
CA ILE D 298 -1.78 41.52 18.74
C ILE D 298 -2.94 40.58 19.01
N MET D 299 -2.91 39.39 18.46
CA MET D 299 -4.00 38.41 18.68
C MET D 299 -3.59 37.22 19.52
N GLY D 300 -2.30 37.10 19.84
CA GLY D 300 -1.78 35.92 20.54
C GLY D 300 -0.40 36.09 21.14
N VAL D 301 -0.07 35.25 22.12
CA VAL D 301 1.28 35.15 22.60
C VAL D 301 1.64 33.69 22.84
N MET D 302 2.92 33.39 22.87
CA MET D 302 3.42 32.05 23.09
C MET D 302 4.29 32.13 24.33
N VAL D 303 4.23 31.10 25.17
CA VAL D 303 4.97 31.07 26.41
C VAL D 303 5.42 29.64 26.72
N GLU D 304 6.66 29.48 27.21
CA GLU D 304 7.21 28.18 27.55
C GLU D 304 7.24 27.98 29.04
N SER D 305 6.47 27.01 29.51
CA SER D 305 6.01 26.93 30.89
C SER D 305 5.82 25.51 31.31
N HIS D 306 6.29 25.17 32.51
CA HIS D 306 6.17 23.78 33.03
C HIS D 306 5.78 23.79 34.50
N LEU D 307 5.77 22.64 35.17
CA LEU D 307 5.40 22.62 36.58
C LEU D 307 6.51 23.28 37.41
N VAL D 308 7.75 23.05 37.01
CA VAL D 308 8.93 23.53 37.71
C VAL D 308 9.78 24.28 36.70
N GLU D 309 10.45 25.33 37.15
CA GLU D 309 11.26 26.18 36.27
C GLU D 309 12.61 25.55 35.96
N GLY D 310 13.23 26.06 34.90
CA GLY D 310 14.62 25.78 34.63
C GLY D 310 14.68 24.71 33.60
N ARG D 311 15.75 23.91 33.62
CA ARG D 311 15.87 22.79 32.73
C ARG D 311 16.82 21.72 33.28
N GLN D 312 16.91 20.59 32.59
CA GLN D 312 17.86 19.53 32.97
C GLN D 312 18.22 18.72 31.73
N ASP D 313 19.40 18.11 31.76
CA ASP D 313 19.89 17.31 30.66
C ASP D 313 19.31 15.90 30.68
N LYS D 314 19.17 15.33 31.88
CA LYS D 314 18.55 14.02 32.07
C LYS D 314 17.20 14.23 32.81
N PRO D 315 16.16 13.41 32.52
CA PRO D 315 14.81 13.63 33.11
C PRO D 315 14.67 13.09 34.52
N GLU D 316 15.33 13.71 35.48
CA GLU D 316 15.39 13.20 36.86
C GLU D 316 14.32 13.83 37.73
N VAL D 317 14.11 15.12 37.55
CA VAL D 317 13.06 15.84 38.24
C VAL D 317 11.78 15.80 37.41
N TYR D 318 10.69 15.43 38.07
CA TYR D 318 9.33 15.49 37.53
C TYR D 318 8.94 16.93 37.20
N GLY D 319 8.36 17.14 36.02
CA GLY D 319 7.76 18.42 35.67
C GLY D 319 8.73 19.51 35.26
N LYS D 320 9.95 19.12 34.89
CA LYS D 320 11.03 20.04 34.56
C LYS D 320 11.55 19.78 33.15
N SER D 321 11.68 20.81 32.32
CA SER D 321 12.09 20.63 30.92
C SER D 321 13.47 20.00 30.74
N ILE D 322 13.62 19.30 29.62
CA ILE D 322 14.91 18.75 29.19
C ILE D 322 15.25 19.21 27.79
N THR D 323 14.56 20.24 27.33
CA THR D 323 14.97 21.00 26.18
C THR D 323 15.07 22.45 26.70
N ASP D 324 14.36 23.42 26.14
CA ASP D 324 14.53 24.82 26.61
C ASP D 324 14.04 24.97 28.04
N ALA D 325 14.72 25.77 28.82
CA ALA D 325 14.23 26.07 30.16
C ALA D 325 12.91 26.82 30.07
N CYS D 326 12.01 26.51 31.01
CA CYS D 326 10.72 27.09 31.06
C CYS D 326 10.54 27.78 32.35
N ILE D 327 9.48 28.56 32.44
CA ILE D 327 9.10 29.13 33.71
C ILE D 327 8.41 28.02 34.43
N GLY D 328 8.45 28.10 35.75
CA GLY D 328 7.66 27.22 36.60
C GLY D 328 6.24 27.71 36.78
N TRP D 329 5.47 26.91 37.52
CA TRP D 329 4.07 27.16 37.67
C TRP D 329 3.80 28.49 38.36
N GLY D 330 4.55 28.77 39.42
CA GLY D 330 4.33 30.01 40.17
C GLY D 330 4.40 31.25 39.30
N ALA D 331 5.40 31.30 38.43
CA ALA D 331 5.54 32.41 37.50
C ALA D 331 4.48 32.38 36.37
N THR D 332 3.98 31.18 36.05
CA THR D 332 2.94 31.06 35.05
C THR D 332 1.65 31.72 35.51
N GLU D 333 1.33 31.52 36.78
CA GLU D 333 0.18 32.17 37.42
C GLU D 333 0.29 33.71 37.30
N GLU D 334 1.47 34.26 37.59
CA GLU D 334 1.70 35.70 37.50
C GLU D 334 1.64 36.20 36.03
N LEU D 335 2.24 35.46 35.12
CA LEU D 335 2.33 35.93 33.74
C LEU D 335 0.92 35.96 33.16
N LEU D 336 0.16 34.92 33.44
CA LEU D 336 -1.22 34.87 32.96
C LEU D 336 -2.11 35.95 33.54
N ALA D 337 -2.06 36.18 34.84
CA ALA D 337 -2.89 37.21 35.47
C ALA D 337 -2.61 38.56 34.84
N LEU D 338 -1.33 38.78 34.59
CA LEU D 338 -0.90 40.03 33.97
C LEU D 338 -1.49 40.20 32.58
N LEU D 339 -1.55 39.12 31.79
CA LEU D 339 -2.04 39.24 30.40
C LEU D 339 -3.56 39.42 30.38
N ALA D 340 -4.26 38.71 31.26
CA ALA D 340 -5.71 38.83 31.37
C ALA D 340 -6.14 40.24 31.78
N GLY D 341 -5.47 40.77 32.80
CA GLY D 341 -5.79 42.11 33.33
C GLY D 341 -5.61 43.15 32.24
N ALA D 342 -4.48 43.05 31.54
CA ALA D 342 -4.16 44.01 30.50
C ALA D 342 -5.16 43.92 29.35
N ASN D 343 -5.52 42.71 28.97
CA ASN D 343 -6.44 42.54 27.85
C ASN D 343 -7.88 42.88 28.18
N LYS D 344 -8.28 42.73 29.44
CA LYS D 344 -9.63 43.12 29.85
C LYS D 344 -9.88 44.57 29.44
N LYS D 345 -8.86 45.42 29.62
CA LYS D 345 -8.95 46.86 29.30
C LYS D 345 -9.11 47.10 27.82
N ARG D 346 -8.26 46.47 27.01
CA ARG D 346 -8.41 46.54 25.57
C ARG D 346 -9.82 46.17 25.13
N MET D 347 -10.36 45.08 25.66
CA MET D 347 -11.70 44.62 25.27
C MET D 347 -12.80 45.53 25.80
N ALA D 348 -12.50 46.28 26.86
CA ALA D 348 -13.41 47.28 27.42
C ALA D 348 -13.67 48.48 26.50
N ARG D 349 -12.70 48.82 25.66
CA ARG D 349 -12.75 50.05 24.86
C ARG D 349 -13.36 49.75 23.50
MN MN E . -9.15 -26.92 -22.25
C1 PEP F . -11.91 -24.60 -19.95
O1 PEP F . -13.06 -24.24 -20.30
O2' PEP F . -10.94 -24.22 -20.64
C2 PEP F . -11.67 -25.47 -18.78
C3 PEP F . -10.53 -25.40 -18.11
O2 PEP F . -12.73 -26.43 -18.43
P PEP F . -12.96 -27.11 -16.97
O1P PEP F . -13.03 -25.96 -15.96
O2P PEP F . -14.25 -27.84 -17.27
O3P PEP F . -11.77 -28.07 -16.80
CAA TMO G . 1.03 7.57 -23.29
NAC TMO G . 0.65 6.72 -22.14
CAD TMO G . 1.80 6.57 -21.23
CAB TMO G . -0.49 7.36 -21.45
OAE TMO G . 0.31 5.60 -22.55
MN MN H . -19.61 -28.51 11.42
C1 PEG I . -2.59 -36.64 34.38
O1 PEG I . -1.73 -35.79 33.59
C2 PEG I . -2.33 -38.11 34.04
O2 PEG I . -3.48 -38.96 34.26
C3 PEG I . -3.60 -40.04 33.31
C4 PEG I . -4.91 -40.82 33.46
O4 PEG I . -5.49 -41.13 32.18
C1 EDO J . -7.75 -52.80 12.10
O1 EDO J . -7.07 -51.80 11.28
C2 EDO J . -9.14 -53.22 11.59
O2 EDO J . -10.19 -53.33 12.60
MN MN K . 17.84 30.08 -11.60
C1 PEG L . 23.51 22.03 -32.23
O1 PEG L . 22.78 22.20 -33.48
C2 PEG L . 24.48 20.84 -32.19
O2 PEG L . 25.81 21.11 -32.69
C3 PEG L . 26.92 20.54 -31.96
C4 PEG L . 26.99 19.01 -32.00
O4 PEG L . 28.18 18.53 -31.33
C1 EDO M . 18.51 35.40 -9.24
O1 EDO M . 18.02 35.83 -10.52
C2 EDO M . 17.47 35.29 -8.11
O2 EDO M . 18.12 35.56 -6.84
MN MN N . 11.43 25.66 22.88
#